data_8JSL
#
_entry.id   8JSL
#
_cell.length_a   1.00
_cell.length_b   1.00
_cell.length_c   1.00
_cell.angle_alpha   90.00
_cell.angle_beta   90.00
_cell.angle_gamma   90.00
#
_symmetry.space_group_name_H-M   'P 1'
#
loop_
_entity.id
_entity.type
_entity.pdbx_description
1 polymer 'RNA-directed RNA polymerase L'
2 polymer 'Polymerase cofactor VP35'
3 polymer 'The leader sequence of EBOV'
4 non-polymer 'ZINC ION'
#
loop_
_entity_poly.entity_id
_entity_poly.type
_entity_poly.pdbx_seq_one_letter_code
_entity_poly.pdbx_strand_id
1 'polypeptide(L)'
;MATQHTQYPDARLSSPIVLDQCDLVTRACGLYSSYSLNPQLRNCKLPKHIYRLKYDVTVTKFLSDVPVATLPIDFIVPIL
LKALSGNGFCPVEPRCQQFLDEIIKYTMQDALFLKYYLKNVGAQEDCVDDHFQEKILSSIQGNEFLHQMFFWYDLAILTR
RGRLNRGNSRSTWFVHDDLIDILGYGDYVFWKIPISLLPLNTQGIPHAAMDWYQTSVFKEAVQGHTHIVSVSTADVLIMC
KDLITCRFNTTLISKIAEVEDPVCSDYPNFKIVSMLYQSGDYLLSILGSDGYKIIKFLEPLCLAKIQLCSKYTERKGRFL
TQMHLAVNHTLEEITEIRALKPSQAHKIREFHRTLIRLEMTPQQLCELFSIQKHWGHPVLHSETAIQKVKKHATVLKALR
PIVIFETYCVFKYSIAKHYFDSQGSWYSVTSDRNLTPGLNSYIKRNQFPPLPMIKELLWEFYHLDHPPLFSTKIISDLSI
FIKDRATAVERTCWDAVFEPNVLGYNPPHKFSTKRVPEQFLEQENFSIENVLSYAQKLEYLLPQYRNFSFSLKEKELNVG
RTFGKLPYPTRNVQTLCEALLADGLAKAFPSNMMVVTEREQKESLLHQASWHHTSDDFGEHATVRGSSFVTDLEKYNLAF
RYEFTAPFIEYCNRCYGVKNVFNWMHYTIPQCYMHVSDYYNPPHNLTLENRNNPPEGPSSYRGHMGGIEGLQQKLWTSIS
CAQISLVEIKTGFKLRSAVMGDNQCITVLSVFPLETDADEQEQSAEDNAARVAASLAKVTSACGIFLKPDETFVHSGFIY
FGKKQYLNGVQLPQSLKTATRMAPLSDAIFDDLQGTLASIGTAFERSISETRHIFPCRITAAFHTFFSVRILQYHHLGFN
KGFDLGQLTLGKPLDFGTISLALAVPQVLGGLSFLNPEKCFYRNLGDPVTSGLFQLKTYLRMIEMDDLFLPLIAKNPGNC
TAIDFVLNPSGLNVPGSQDLTSFLRQIVRRTITLSAKNKLINTLFHASADFEDEMVCKWLLSSTPVMSRFAADIFSRTPS
GKRLQILGYLEGTRTLLASKIINNNTETPVLDRLRKITLQRWSLWFSYLDHCDNILAEALTQITCTVDLAQILREYSWAH
ILEGRPLIGATLPCMIEQFKVVWLKPYEQCPQCSNAKQPGGKPFVSVAVKKHIVSAWPNASRISWTIGDGIPYIGSRTED
KIGQPAIKPKCPSAALREAIELASRLTWVTQGSSNSDLLIKPFLEARVNLSVQEILQMTPSHYSGNIVHRYNDQYSPHSF
MANRMSNSATRLIVSTNTLGEFSGGGQSARDSNIIFQNVINYAVALFDIKFRNTEATDIQYNRAHLHLTKCCTREVPAQY
LTYTSTLDLDLTRYRENELIYDNNPLKGGLNCNISFDNPFFQGKQLNIIEDDLIRLPHLSGWELAKTIMQSIISDSNNSS
TDPISSGETRSFTTHFLTYPKIGLLYSFGAFVSYYLGNTILRTKKLTLDNFLYYLTTQIHNLPHRSLRILKPTFKHASVM
SRLMSIDPHFSIYIGGAAGDRGLSDAARLFLRTSISSFLTFVKEWIINRGTIVPLWIVYPLEGQNPTPVNNFLHQIVELL
VHDSSRHQAFKTTINDHVHPHDNLVYTCKSTASNFFHASLAYWRSRHRNSNRKDLTRNSSTGSSTNNSDGHIKRSQEQTT
RDPHDGTERSLVLQMSHEIKRTTIPQENTHQGPSFQSFLSDSACGTANPKLNFDRSRHNVKSQDHNSASKREGHQIISHR
LVLPFFTLSQGTRQLTSSNESQTQDEISKYLRQLRSVIDTTVYCRFTGIVSSMHYKLDEVLWEIENFKSAVTLAEGEGAG
ALLLIQKYQVKTLFFNTLATESSIESEIVSGMTTPRMLLPVMSKFHNDQIEIILNNSASQITDITNPTWFKDQRARLPRQ
VEVITMDAETTENINRSKLYEAVHKLILHHVDPSVLKAVVLKVFLSDTEGMLWLNDNLAPFFATGYLIKPITSSARSSEW
YLCLTNFLSTTRKMPHQNHLSCKQVILTALQLQIQRSPYWLSHLTQYADCDLHLSYIRLGFPSLEKVLYHRYNLVDSKRG
PLVSVTQHLAHLRAEIRELTNDYNQQRQSRTQTYHFIRTAKGRITKLVNDYLKFFLIVQALKHNGTWQAEFKKLPELISV
CNRFYHIRDCNCEERFLVQTLYLHRMQDSEVKLIERLTGLLSLFPDGLYRFD
;
A
2 'polypeptide(L)'
;MTTRTKGRGHTVATTQNDRMPGPELSGWISEQLMTGRIPVNDIFCDIENNPGLCYASQMQQTKPNPKMRNSQTQTDPICN
HSFEEVVQTLASLATVVQQQTIASESLEQRITSLENGLKPVYDMAKTISSLNRVCAEMVAKYDLLVMTTGRATATAAATE
AYWAEHGQPPPGPSLYEESAIRGKIESRDETVPQSVREAFNNLDSTTSLTEENFGKPDISAKDLRNIMYDHLPGFGTAFH
QLVQVICKLGKDSNSLDIIHAEFQASLAEGDSPQCALIQITKRVPIFQDAAPPVIHIRSRGDIPRACQKSLRPVPPSPKI
DRGWVCVFQLQDGKTLGLKI
;
B,C,D,E
3 'polyribonucleotide' UUUCUUUUUGUGUGUCCG G
#
loop_
_chem_comp.id
_chem_comp.type
_chem_comp.name
_chem_comp.formula
C RNA linking CYTIDINE-5'-MONOPHOSPHATE 'C9 H14 N3 O8 P'
G RNA linking GUANOSINE-5'-MONOPHOSPHATE 'C10 H14 N5 O8 P'
U RNA linking URIDINE-5'-MONOPHOSPHATE 'C9 H13 N2 O9 P'
ZN non-polymer 'ZINC ION' 'Zn 2'
#
# COMPACT_ATOMS: atom_id res chain seq x y z
N GLN A 4 24.51 1.18 32.20
CA GLN A 4 25.65 1.86 31.58
C GLN A 4 25.18 3.00 30.68
N HIS A 5 24.27 2.69 29.77
CA HIS A 5 23.75 3.69 28.84
C HIS A 5 22.37 3.25 28.38
N THR A 6 21.58 4.23 27.94
CA THR A 6 20.23 4.00 27.44
C THR A 6 20.07 4.48 26.00
N GLN A 7 21.18 4.59 25.27
CA GLN A 7 21.17 5.06 23.89
C GLN A 7 21.62 3.95 22.96
N TYR A 8 21.01 3.88 21.78
CA TYR A 8 21.37 2.90 20.77
C TYR A 8 21.03 3.45 19.40
N PRO A 9 21.95 4.22 18.80
CA PRO A 9 21.70 4.74 17.45
C PRO A 9 21.62 3.61 16.42
N ASP A 10 20.79 3.82 15.41
CA ASP A 10 20.55 2.81 14.40
C ASP A 10 21.54 2.95 13.23
N ALA A 11 21.63 1.88 12.44
CA ALA A 11 22.61 1.80 11.37
C ALA A 11 22.07 2.24 10.02
N ARG A 12 20.75 2.29 9.86
CA ARG A 12 20.13 2.71 8.60
C ARG A 12 19.28 3.95 8.83
N LEU A 13 19.14 4.76 7.79
CA LEU A 13 18.35 5.97 7.88
C LEU A 13 16.88 5.62 8.03
N SER A 14 16.23 6.16 9.08
CA SER A 14 14.82 5.90 9.30
C SER A 14 14.08 7.14 9.80
N SER A 15 14.63 8.33 9.57
CA SER A 15 14.03 9.57 10.02
C SER A 15 14.15 10.61 8.92
N PRO A 16 13.25 11.59 8.88
CA PRO A 16 13.38 12.69 7.92
C PRO A 16 14.58 13.57 8.25
N ILE A 17 15.09 14.22 7.21
CA ILE A 17 16.28 15.06 7.33
C ILE A 17 15.83 16.49 7.62
N VAL A 18 16.08 16.95 8.85
CA VAL A 18 15.81 18.32 9.25
C VAL A 18 17.08 18.91 9.84
N LEU A 19 17.37 20.15 9.48
CA LEU A 19 18.63 20.80 9.87
C LEU A 19 18.37 22.09 10.65
N ASP A 20 17.25 22.17 11.36
CA ASP A 20 16.94 23.39 12.10
C ASP A 20 17.92 23.60 13.25
N GLN A 21 18.30 22.54 13.95
CA GLN A 21 19.15 22.67 15.12
C GLN A 21 20.59 23.06 14.77
N CYS A 22 21.00 22.85 13.51
CA CYS A 22 22.36 23.21 13.12
C CYS A 22 22.62 24.70 13.30
N ASP A 23 21.59 25.53 13.12
CA ASP A 23 21.74 26.97 13.33
C ASP A 23 22.21 27.27 14.75
N LEU A 24 21.89 26.41 15.71
CA LEU A 24 22.41 26.59 17.06
C LEU A 24 23.91 26.35 17.11
N VAL A 25 24.38 25.28 16.48
CA VAL A 25 25.77 24.89 16.59
C VAL A 25 26.68 25.97 16.02
N THR A 26 26.34 26.50 14.85
CA THR A 26 27.14 27.55 14.25
C THR A 26 27.17 28.81 15.10
N ARG A 27 26.18 29.00 15.99
CA ARG A 27 26.22 30.13 16.88
C ARG A 27 27.21 29.93 18.02
N ALA A 28 27.44 28.67 18.42
CA ALA A 28 28.36 28.41 19.53
C ALA A 28 29.81 28.53 19.08
N CYS A 29 30.11 28.13 17.85
CA CYS A 29 31.47 28.20 17.33
C CYS A 29 31.83 29.56 16.74
N GLY A 30 30.86 30.44 16.56
CA GLY A 30 31.10 31.75 15.98
C GLY A 30 30.92 31.86 14.49
N LEU A 31 30.34 30.84 13.84
CA LEU A 31 30.12 30.86 12.40
C LEU A 31 28.75 31.46 12.10
N TYR A 32 28.39 31.48 10.82
CA TYR A 32 27.09 31.98 10.39
C TYR A 32 26.39 30.94 9.53
N SER A 33 25.09 30.76 9.77
CA SER A 33 24.29 29.82 9.02
C SER A 33 22.82 30.21 9.13
N SER A 34 22.06 29.90 8.09
CA SER A 34 20.62 30.16 8.05
C SER A 34 19.92 28.92 7.50
N TYR A 35 19.60 27.98 8.39
CA TYR A 35 18.94 26.74 7.99
C TYR A 35 17.45 26.73 8.26
N SER A 36 16.98 27.52 9.21
CA SER A 36 15.59 27.51 9.63
C SER A 36 14.91 28.82 9.27
N LEU A 37 13.60 28.75 9.05
CA LEU A 37 12.79 29.92 8.75
C LEU A 37 12.16 30.52 10.00
N ASN A 38 12.48 30.01 11.18
CA ASN A 38 11.94 30.53 12.43
C ASN A 38 12.91 31.54 13.02
N PRO A 39 12.53 32.82 13.16
CA PRO A 39 13.46 33.79 13.76
C PRO A 39 13.78 33.54 15.21
N GLN A 40 12.98 32.72 15.91
CA GLN A 40 13.22 32.47 17.33
C GLN A 40 14.60 31.85 17.57
N LEU A 41 15.02 30.94 16.68
CA LEU A 41 16.34 30.33 16.81
C LEU A 41 17.47 31.31 16.57
N ARG A 42 17.17 32.51 16.06
CA ARG A 42 18.22 33.48 15.78
C ARG A 42 18.83 34.04 17.06
N ASN A 43 18.02 34.17 18.12
CA ASN A 43 18.49 34.82 19.35
C ASN A 43 18.01 34.09 20.59
N CYS A 44 17.87 32.77 20.52
CA CYS A 44 17.40 32.00 21.67
C CYS A 44 18.57 31.67 22.59
N LYS A 45 18.35 30.79 23.55
CA LYS A 45 19.36 30.39 24.53
C LYS A 45 19.87 29.01 24.19
N LEU A 46 21.20 28.86 24.15
CA LEU A 46 21.80 27.59 23.78
C LEU A 46 21.66 26.58 24.92
N PRO A 47 21.55 25.28 24.59
CA PRO A 47 21.46 24.26 25.63
C PRO A 47 22.74 24.14 26.46
N LYS A 48 22.72 23.29 27.49
CA LYS A 48 23.91 23.12 28.31
C LYS A 48 25.07 22.55 27.52
N HIS A 49 24.80 21.52 26.71
CA HIS A 49 25.76 21.07 25.72
C HIS A 49 25.69 22.00 24.51
N ILE A 50 26.46 21.68 23.48
CA ILE A 50 26.69 22.51 22.28
C ILE A 50 26.77 23.99 22.66
N TYR A 51 27.27 24.27 23.85
CA TYR A 51 27.61 25.62 24.29
C TYR A 51 29.01 25.58 24.86
N ARG A 52 29.43 24.41 25.33
CA ARG A 52 30.79 24.17 25.77
C ARG A 52 31.77 24.09 24.60
N LEU A 53 31.28 24.15 23.36
CA LEU A 53 32.15 24.11 22.20
C LEU A 53 33.12 25.29 22.16
N LYS A 54 32.81 26.37 22.88
CA LYS A 54 33.73 27.50 22.96
C LYS A 54 34.97 27.18 23.80
N TYR A 55 34.91 26.12 24.60
CA TYR A 55 36.03 25.71 25.45
C TYR A 55 36.74 24.47 24.92
N ASP A 56 36.38 23.99 23.74
CA ASP A 56 37.01 22.81 23.15
C ASP A 56 38.20 23.23 22.30
N VAL A 57 39.39 22.76 22.66
CA VAL A 57 40.60 23.16 21.95
C VAL A 57 40.62 22.60 20.54
N THR A 58 40.12 21.36 20.37
CA THR A 58 40.12 20.74 19.04
C THR A 58 39.23 21.52 18.07
N VAL A 59 38.07 21.97 18.54
CA VAL A 59 37.16 22.72 17.67
C VAL A 59 37.78 24.05 17.27
N THR A 60 38.41 24.75 18.22
CA THR A 60 39.04 26.03 17.90
C THR A 60 40.21 25.84 16.94
N LYS A 61 40.99 24.78 17.11
CA LYS A 61 42.07 24.50 16.17
C LYS A 61 41.52 24.18 14.78
N PHE A 62 40.43 23.41 14.71
CA PHE A 62 39.83 23.08 13.43
C PHE A 62 39.33 24.33 12.72
N LEU A 63 38.63 25.20 13.45
CA LEU A 63 38.08 26.43 12.88
C LEU A 63 39.02 27.60 13.18
N SER A 64 40.18 27.58 12.54
CA SER A 64 41.17 28.63 12.73
C SER A 64 41.65 29.26 11.43
N ASP A 65 41.36 28.67 10.27
CA ASP A 65 41.81 29.20 8.99
C ASP A 65 40.68 29.16 7.98
N VAL A 66 39.46 29.39 8.44
CA VAL A 66 38.28 29.31 7.57
C VAL A 66 37.44 30.58 7.76
N PRO A 67 36.68 30.99 6.76
CA PRO A 67 35.85 32.19 6.90
C PRO A 67 34.72 31.99 7.89
N VAL A 68 34.11 33.10 8.30
CA VAL A 68 32.96 33.05 9.18
C VAL A 68 31.76 32.45 8.46
N ALA A 69 31.61 32.75 7.17
CA ALA A 69 30.48 32.26 6.40
C ALA A 69 30.60 30.76 6.17
N THR A 70 29.44 30.11 5.99
CA THR A 70 29.34 28.70 5.71
C THR A 70 28.44 28.48 4.50
N LEU A 71 28.26 27.23 4.12
CA LEU A 71 27.43 26.87 2.98
C LEU A 71 26.46 25.76 3.36
N PRO A 72 25.30 25.70 2.72
CA PRO A 72 24.35 24.62 3.00
C PRO A 72 24.88 23.27 2.55
N ILE A 73 24.45 22.22 3.24
CA ILE A 73 24.97 20.88 2.97
C ILE A 73 24.31 20.22 1.76
N ASP A 74 23.11 20.65 1.38
CA ASP A 74 22.42 20.02 0.27
C ASP A 74 23.06 20.34 -1.09
N PHE A 75 23.92 21.35 -1.16
CA PHE A 75 24.67 21.63 -2.37
C PHE A 75 26.01 20.89 -2.44
N ILE A 76 26.37 20.16 -1.38
CA ILE A 76 27.71 19.59 -1.25
C ILE A 76 27.71 18.07 -1.24
N VAL A 77 26.56 17.44 -0.99
CA VAL A 77 26.53 15.98 -0.90
C VAL A 77 27.05 15.30 -2.17
N PRO A 78 26.63 15.69 -3.39
CA PRO A 78 27.23 15.05 -4.57
C PRO A 78 28.73 15.25 -4.67
N ILE A 79 29.23 16.42 -4.25
CA ILE A 79 30.66 16.68 -4.26
C ILE A 79 31.38 15.74 -3.30
N LEU A 80 30.83 15.56 -2.10
CA LEU A 80 31.44 14.63 -1.15
C LEU A 80 31.42 13.21 -1.69
N LEU A 81 30.33 12.82 -2.34
CA LEU A 81 30.24 11.48 -2.91
C LEU A 81 31.30 11.28 -3.99
N LYS A 82 31.52 12.29 -4.83
CA LYS A 82 32.46 12.14 -5.94
C LYS A 82 33.92 12.14 -5.47
N ALA A 83 34.23 12.89 -4.41
CA ALA A 83 35.61 13.15 -4.03
C ALA A 83 35.93 12.64 -2.63
N LEU A 84 35.51 11.41 -2.31
CA LEU A 84 35.87 10.78 -1.05
C LEU A 84 36.19 9.31 -1.32
N SER A 85 37.48 9.00 -1.42
CA SER A 85 37.96 7.63 -1.51
C SER A 85 38.80 7.32 -0.27
N GLY A 86 39.04 6.03 -0.04
CA GLY A 86 39.77 5.65 1.15
C GLY A 86 41.27 5.65 0.96
N ASN A 87 41.91 6.76 1.34
CA ASN A 87 43.36 6.88 1.25
C ASN A 87 43.99 7.57 2.44
N GLY A 88 43.20 8.07 3.39
CA GLY A 88 43.70 8.82 4.52
C GLY A 88 43.90 7.96 5.75
N PHE A 89 43.82 8.59 6.92
CA PHE A 89 44.02 7.93 8.19
C PHE A 89 42.73 8.00 9.00
N CYS A 90 42.32 6.85 9.55
CA CYS A 90 41.11 6.77 10.33
C CYS A 90 41.39 6.20 11.72
N PRO A 91 40.71 6.67 12.75
CA PRO A 91 40.97 6.16 14.11
C PRO A 91 40.61 4.70 14.30
N VAL A 92 39.77 4.12 13.45
CA VAL A 92 39.42 2.71 13.60
C VAL A 92 40.66 1.86 13.36
N GLU A 93 40.93 0.93 14.29
CA GLU A 93 42.16 0.14 14.18
C GLU A 93 42.04 -0.94 13.12
N PRO A 94 41.06 -1.87 13.18
CA PRO A 94 40.88 -2.81 12.06
C PRO A 94 40.12 -2.14 10.93
N ARG A 95 40.84 -1.81 9.86
CA ARG A 95 40.19 -1.20 8.71
C ARG A 95 39.37 -2.22 7.95
N CYS A 96 38.23 -1.79 7.42
CA CYS A 96 37.34 -2.69 6.71
C CYS A 96 37.98 -3.24 5.44
N GLN A 97 38.94 -2.51 4.87
CA GLN A 97 39.61 -2.96 3.65
C GLN A 97 40.62 -4.06 3.92
N GLN A 98 41.01 -4.26 5.18
CA GLN A 98 42.01 -5.28 5.50
C GLN A 98 41.50 -6.67 5.14
N PHE A 99 40.25 -6.96 5.47
CA PHE A 99 39.66 -8.27 5.21
C PHE A 99 38.82 -8.24 3.92
N LEU A 100 39.54 -8.10 2.81
CA LEU A 100 38.94 -8.10 1.48
C LEU A 100 39.18 -9.39 0.72
N ASP A 101 40.35 -10.02 0.88
CA ASP A 101 40.64 -11.26 0.16
C ASP A 101 39.74 -12.39 0.62
N GLU A 102 39.46 -12.45 1.93
CA GLU A 102 38.63 -13.53 2.46
C GLU A 102 37.21 -13.47 1.90
N ILE A 103 36.68 -12.26 1.73
CA ILE A 103 35.33 -12.12 1.17
C ILE A 103 35.30 -12.65 -0.26
N ILE A 104 36.32 -12.33 -1.06
CA ILE A 104 36.38 -12.82 -2.43
C ILE A 104 36.51 -14.35 -2.45
N LYS A 105 37.33 -14.90 -1.56
CA LYS A 105 37.49 -16.35 -1.50
C LYS A 105 36.17 -17.03 -1.14
N TYR A 106 35.44 -16.47 -0.17
CA TYR A 106 34.16 -17.05 0.21
C TYR A 106 33.15 -16.95 -0.93
N THR A 107 33.15 -15.83 -1.65
CA THR A 107 32.24 -15.69 -2.79
C THR A 107 32.55 -16.72 -3.88
N MET A 108 33.83 -16.94 -4.16
CA MET A 108 34.21 -17.96 -5.14
C MET A 108 33.76 -19.34 -4.69
N GLN A 109 33.95 -19.65 -3.41
CA GLN A 109 33.55 -20.96 -2.90
C GLN A 109 32.04 -21.14 -2.99
N ASP A 110 31.27 -20.10 -2.68
CA ASP A 110 29.82 -20.20 -2.75
C ASP A 110 29.35 -20.38 -4.20
N ALA A 111 29.96 -19.66 -5.14
CA ALA A 111 29.61 -19.85 -6.55
C ALA A 111 29.91 -21.27 -7.00
N LEU A 112 31.07 -21.80 -6.60
CA LEU A 112 31.41 -23.18 -6.96
C LEU A 112 30.42 -24.16 -6.36
N PHE A 113 30.01 -23.96 -5.11
CA PHE A 113 29.05 -24.86 -4.50
C PHE A 113 27.70 -24.81 -5.20
N LEU A 114 27.24 -23.60 -5.57
CA LEU A 114 25.98 -23.50 -6.29
C LEU A 114 26.04 -24.23 -7.63
N LYS A 115 27.15 -24.06 -8.36
CA LYS A 115 27.30 -24.75 -9.63
C LYS A 115 27.31 -26.26 -9.45
N TYR A 116 28.02 -26.74 -8.43
CA TYR A 116 28.07 -28.18 -8.17
C TYR A 116 26.69 -28.72 -7.82
N TYR A 117 25.95 -27.99 -6.98
CA TYR A 117 24.59 -28.41 -6.62
C TYR A 117 23.69 -28.47 -7.84
N LEU A 118 23.76 -27.45 -8.70
CA LEU A 118 22.93 -27.44 -9.90
C LEU A 118 23.27 -28.61 -10.82
N LYS A 119 24.57 -28.90 -10.98
CA LYS A 119 24.95 -30.04 -11.80
C LYS A 119 24.46 -31.35 -11.19
N ASN A 120 24.54 -31.47 -9.86
CA ASN A 120 24.11 -32.70 -9.20
C ASN A 120 22.61 -32.93 -9.36
N VAL A 121 21.81 -31.87 -9.26
CA VAL A 121 20.36 -32.02 -9.42
C VAL A 121 20.02 -32.51 -10.81
N GLY A 122 20.65 -31.95 -11.83
CA GLY A 122 20.40 -32.36 -13.19
C GLY A 122 20.09 -31.22 -14.14
N ALA A 123 20.11 -29.99 -13.64
CA ALA A 123 19.83 -28.83 -14.48
C ALA A 123 21.08 -28.38 -15.21
N GLN A 124 22.13 -28.02 -14.45
CA GLN A 124 23.39 -27.47 -14.96
C GLN A 124 23.19 -26.57 -16.18
N GLU A 125 23.99 -26.78 -17.21
CA GLU A 125 23.94 -25.95 -18.41
C GLU A 125 24.73 -26.65 -19.50
N ASP A 126 24.37 -26.38 -20.75
CA ASP A 126 25.05 -26.94 -21.91
C ASP A 126 26.03 -25.91 -22.49
N CYS A 127 27.11 -26.42 -23.05
CA CYS A 127 28.17 -25.60 -23.65
C CYS A 127 28.75 -24.63 -22.62
N VAL A 128 29.38 -25.19 -21.60
CA VAL A 128 29.98 -24.38 -20.54
C VAL A 128 31.32 -23.82 -21.01
N ASP A 129 31.82 -22.85 -20.26
CA ASP A 129 33.10 -22.20 -20.55
C ASP A 129 34.01 -22.28 -19.33
N ASP A 130 35.32 -22.37 -19.61
CA ASP A 130 36.28 -22.47 -18.52
C ASP A 130 36.49 -21.13 -17.83
N HIS A 131 36.44 -20.04 -18.59
CA HIS A 131 36.70 -18.69 -18.05
C HIS A 131 35.44 -18.21 -17.33
N PHE A 132 35.23 -18.73 -16.14
CA PHE A 132 34.11 -18.33 -15.30
C PHE A 132 34.54 -17.73 -13.97
N GLN A 133 35.47 -18.38 -13.25
CA GLN A 133 35.88 -17.86 -11.95
C GLN A 133 36.69 -16.59 -12.08
N GLU A 134 37.62 -16.56 -13.05
CA GLU A 134 38.46 -15.38 -13.23
C GLU A 134 37.64 -14.17 -13.68
N LYS A 135 36.62 -14.40 -14.51
CA LYS A 135 35.75 -13.31 -14.93
C LYS A 135 35.03 -12.70 -13.74
N ILE A 136 34.51 -13.53 -12.85
CA ILE A 136 33.81 -13.02 -11.67
C ILE A 136 34.78 -12.31 -10.74
N LEU A 137 35.99 -12.84 -10.58
CA LEU A 137 36.97 -12.19 -9.73
C LEU A 137 37.34 -10.82 -10.27
N SER A 138 37.55 -10.71 -11.59
CA SER A 138 37.87 -9.43 -12.19
C SER A 138 36.69 -8.46 -12.09
N SER A 139 35.46 -8.97 -12.23
CA SER A 139 34.28 -8.13 -12.08
C SER A 139 34.19 -7.57 -10.67
N ILE A 140 34.47 -8.40 -9.67
CA ILE A 140 34.38 -7.93 -8.28
C ILE A 140 35.48 -6.92 -7.99
N GLN A 141 36.71 -7.22 -8.40
CA GLN A 141 37.84 -6.34 -8.10
C GLN A 141 37.87 -5.09 -8.96
N GLY A 142 37.16 -5.07 -10.08
CA GLY A 142 37.10 -3.94 -10.95
C GLY A 142 35.97 -2.96 -10.69
N ASN A 143 35.27 -3.10 -9.56
CA ASN A 143 34.15 -2.23 -9.27
C ASN A 143 34.62 -0.82 -8.95
N GLU A 144 33.78 0.17 -9.30
CA GLU A 144 34.13 1.57 -9.11
C GLU A 144 33.98 2.01 -7.65
N PHE A 145 33.02 1.45 -6.92
CA PHE A 145 32.71 1.87 -5.56
C PHE A 145 33.20 0.86 -4.52
N LEU A 146 34.31 0.18 -4.80
CA LEU A 146 34.78 -0.87 -3.89
C LEU A 146 35.37 -0.29 -2.62
N HIS A 147 36.22 0.74 -2.74
CA HIS A 147 36.90 1.31 -1.57
C HIS A 147 36.10 2.40 -0.89
N GLN A 148 35.27 3.13 -1.66
CA GLN A 148 34.42 4.15 -1.06
C GLN A 148 33.45 3.53 -0.07
N MET A 149 32.95 2.33 -0.37
CA MET A 149 32.02 1.66 0.54
C MET A 149 32.69 1.34 1.87
N PHE A 150 33.92 0.83 1.82
CA PHE A 150 34.66 0.54 3.05
C PHE A 150 34.93 1.81 3.85
N PHE A 151 35.33 2.89 3.16
CA PHE A 151 35.59 4.14 3.86
C PHE A 151 34.34 4.67 4.53
N TRP A 152 33.20 4.62 3.83
CA TRP A 152 31.96 5.12 4.41
C TRP A 152 31.49 4.24 5.56
N TYR A 153 31.76 2.93 5.50
CA TYR A 153 31.41 2.08 6.63
C TYR A 153 32.27 2.38 7.84
N ASP A 154 33.55 2.69 7.62
CA ASP A 154 34.39 3.14 8.73
C ASP A 154 33.85 4.43 9.35
N LEU A 155 33.45 5.38 8.51
CA LEU A 155 32.88 6.63 9.02
C LEU A 155 31.59 6.37 9.79
N ALA A 156 30.75 5.47 9.30
CA ALA A 156 29.51 5.15 10.00
C ALA A 156 29.80 4.52 11.35
N ILE A 157 30.78 3.64 11.42
CA ILE A 157 31.16 3.05 12.71
C ILE A 157 31.62 4.14 13.67
N LEU A 158 32.46 5.06 13.20
CA LEU A 158 32.93 6.14 14.05
C LEU A 158 31.78 6.98 14.60
N THR A 159 30.88 7.42 13.72
CA THR A 159 29.82 8.30 14.18
C THR A 159 28.82 7.57 15.08
N ARG A 160 28.52 6.31 14.78
CA ARG A 160 27.58 5.55 15.59
C ARG A 160 28.15 5.30 16.99
N ARG A 161 29.45 4.98 17.07
CA ARG A 161 30.08 4.84 18.38
C ARG A 161 30.12 6.17 19.13
N GLY A 162 30.37 7.27 18.42
CA GLY A 162 30.45 8.56 19.07
C GLY A 162 29.12 9.12 19.54
N ARG A 163 28.01 8.67 18.97
CA ARG A 163 26.70 9.19 19.37
C ARG A 163 26.26 8.69 20.73
N LEU A 164 27.00 7.80 21.37
CA LEU A 164 26.75 7.43 22.76
C LEU A 164 27.35 8.51 23.67
N ASN A 165 27.49 8.21 24.96
CA ASN A 165 28.08 9.10 25.94
C ASN A 165 27.28 10.40 26.05
N ARG A 166 26.05 10.25 26.54
CA ARG A 166 25.15 11.37 26.77
C ARG A 166 25.58 12.23 27.96
N GLY A 167 26.54 11.79 28.76
CA GLY A 167 26.96 12.51 29.93
C GLY A 167 27.88 13.67 29.62
N ASN A 168 28.48 14.21 30.68
CA ASN A 168 29.40 15.34 30.55
C ASN A 168 30.73 14.88 29.96
N SER A 169 31.54 15.86 29.55
CA SER A 169 32.87 15.64 29.00
C SER A 169 32.82 14.74 27.77
N ARG A 170 32.15 15.24 26.74
CA ARG A 170 32.06 14.52 25.48
C ARG A 170 33.29 14.78 24.62
N SER A 171 33.57 13.84 23.71
CA SER A 171 34.78 13.86 22.90
C SER A 171 34.42 14.01 21.43
N THR A 172 35.45 14.27 20.63
CA THR A 172 35.33 14.45 19.18
C THR A 172 36.22 13.45 18.47
N TRP A 173 35.95 13.25 17.18
CA TRP A 173 36.81 12.43 16.33
C TRP A 173 37.18 13.21 15.08
N PHE A 174 38.35 12.91 14.53
CA PHE A 174 38.90 13.65 13.40
C PHE A 174 39.36 12.71 12.31
N VAL A 175 39.03 13.05 11.07
CA VAL A 175 39.46 12.29 9.90
C VAL A 175 39.99 13.28 8.87
N HIS A 176 41.14 12.96 8.26
CA HIS A 176 41.75 13.81 7.25
C HIS A 176 42.00 12.96 6.01
N ASP A 177 41.15 13.13 4.99
CA ASP A 177 41.23 12.33 3.77
C ASP A 177 41.63 13.27 2.63
N ASP A 178 42.94 13.44 2.46
CA ASP A 178 43.50 14.21 1.35
C ASP A 178 42.89 15.60 1.27
N LEU A 179 41.90 15.76 0.39
CA LEU A 179 41.30 17.07 0.17
C LEU A 179 40.33 17.46 1.29
N ILE A 180 39.62 16.50 1.88
CA ILE A 180 38.53 16.79 2.79
C ILE A 180 38.97 16.56 4.23
N ASP A 181 38.42 17.36 5.13
CA ASP A 181 38.59 17.15 6.57
C ASP A 181 37.22 16.99 7.22
N ILE A 182 37.09 16.01 8.12
CA ILE A 182 35.84 15.73 8.79
C ILE A 182 36.07 15.75 10.29
N LEU A 183 35.22 16.49 11.01
CA LEU A 183 35.24 16.52 12.46
C LEU A 183 33.88 16.10 12.99
N GLY A 184 33.86 15.22 13.97
CA GLY A 184 32.62 14.75 14.53
C GLY A 184 32.49 14.98 16.01
N TYR A 185 31.35 15.55 16.43
CA TYR A 185 31.09 15.82 17.83
C TYR A 185 29.59 15.64 18.07
N GLY A 186 29.23 14.55 18.73
CA GLY A 186 27.90 14.36 19.27
C GLY A 186 26.75 14.70 18.32
N ASP A 187 26.59 13.90 17.27
CA ASP A 187 25.49 13.98 16.29
C ASP A 187 25.74 15.14 15.33
N TYR A 188 26.82 15.92 15.50
CA TYR A 188 27.12 17.02 14.60
C TYR A 188 28.42 16.75 13.85
N VAL A 189 28.45 17.12 12.57
CA VAL A 189 29.59 16.87 11.70
C VAL A 189 29.98 18.17 11.01
N PHE A 190 31.28 18.46 11.00
CA PHE A 190 31.86 19.59 10.28
C PHE A 190 32.68 19.06 9.12
N TRP A 191 32.40 19.57 7.92
CA TRP A 191 33.15 19.23 6.72
C TRP A 191 33.95 20.44 6.26
N LYS A 192 35.25 20.27 6.10
CA LYS A 192 36.13 21.30 5.57
C LYS A 192 36.57 20.89 4.18
N ILE A 193 36.23 21.72 3.18
CA ILE A 193 36.41 21.37 1.77
C ILE A 193 37.07 22.53 1.03
N PRO A 194 37.82 22.26 -0.04
CA PRO A 194 38.40 23.36 -0.82
C PRO A 194 37.34 24.13 -1.59
N ILE A 195 37.63 25.41 -1.82
CA ILE A 195 36.69 26.28 -2.51
C ILE A 195 36.76 26.05 -4.02
N SER A 196 37.94 25.77 -4.55
CA SER A 196 38.19 25.75 -5.98
C SER A 196 37.45 24.65 -6.73
N LEU A 197 36.66 23.85 -6.01
CA LEU A 197 35.92 22.74 -6.61
C LEU A 197 34.42 22.91 -6.50
N LEU A 198 33.95 24.16 -6.36
CA LEU A 198 32.52 24.45 -6.36
C LEU A 198 32.10 25.14 -7.64
N PRO A 199 30.95 24.79 -8.21
CA PRO A 199 30.46 25.49 -9.41
C PRO A 199 30.23 26.96 -9.12
N LEU A 200 30.50 27.80 -10.13
CA LEU A 200 30.47 29.24 -9.98
C LEU A 200 29.28 29.85 -10.73
N ASN A 201 28.80 30.96 -10.21
CA ASN A 201 27.72 31.72 -10.81
C ASN A 201 28.27 32.64 -11.91
N THR A 202 27.39 33.41 -12.53
CA THR A 202 27.84 34.44 -13.46
C THR A 202 28.37 35.68 -12.75
N GLN A 203 28.08 35.83 -11.45
CA GLN A 203 28.58 36.95 -10.67
C GLN A 203 29.86 36.62 -9.90
N GLY A 204 30.37 35.40 -10.02
CA GLY A 204 31.61 35.03 -9.39
C GLY A 204 31.51 34.41 -8.02
N ILE A 205 30.33 33.95 -7.61
CA ILE A 205 30.15 33.32 -6.31
C ILE A 205 29.60 31.93 -6.54
N PRO A 206 29.82 31.00 -5.60
CA PRO A 206 29.27 29.66 -5.75
C PRO A 206 27.75 29.66 -5.76
N HIS A 207 27.18 28.68 -6.46
CA HIS A 207 25.72 28.55 -6.51
C HIS A 207 25.14 28.29 -5.13
N ALA A 208 25.93 27.71 -4.22
CA ALA A 208 25.44 27.42 -2.88
C ALA A 208 25.23 28.68 -2.04
N ALA A 209 25.91 29.77 -2.38
CA ALA A 209 25.85 31.00 -1.59
C ALA A 209 24.85 32.01 -2.12
N MET A 210 24.10 31.69 -3.17
CA MET A 210 23.17 32.66 -3.74
C MET A 210 22.03 32.98 -2.77
N ASP A 211 21.50 31.98 -2.08
CA ASP A 211 20.31 32.16 -1.26
C ASP A 211 20.61 32.60 0.16
N TRP A 212 21.89 32.68 0.54
CA TRP A 212 22.26 33.07 1.89
C TRP A 212 22.96 34.43 1.97
N TYR A 213 23.77 34.77 0.97
CA TYR A 213 24.55 36.01 0.99
C TYR A 213 24.33 36.77 -0.31
N GLN A 214 24.55 38.07 -0.24
CA GLN A 214 24.56 38.91 -1.42
C GLN A 214 25.85 38.71 -2.20
N THR A 215 25.87 39.20 -3.44
CA THR A 215 27.04 39.03 -4.30
C THR A 215 28.27 39.74 -3.75
N SER A 216 28.10 40.89 -3.10
CA SER A 216 29.22 41.67 -2.60
C SER A 216 29.70 41.25 -1.21
N VAL A 217 28.80 40.76 -0.36
CA VAL A 217 29.18 40.39 1.00
C VAL A 217 30.07 39.15 1.01
N PHE A 218 29.74 38.15 0.18
CA PHE A 218 30.48 36.89 0.20
C PHE A 218 31.92 37.08 -0.26
N LYS A 219 32.14 37.97 -1.23
CA LYS A 219 33.47 38.13 -1.79
C LYS A 219 34.46 38.65 -0.75
N GLU A 220 34.05 39.65 0.03
CA GLU A 220 34.91 40.12 1.11
C GLU A 220 34.88 39.18 2.31
N ALA A 221 33.80 38.42 2.47
CA ALA A 221 33.74 37.44 3.55
C ALA A 221 34.81 36.37 3.38
N VAL A 222 35.00 35.90 2.16
CA VAL A 222 36.04 34.90 1.90
C VAL A 222 37.42 35.56 1.82
N GLN A 223 37.60 36.44 0.83
CA GLN A 223 38.83 37.19 0.61
C GLN A 223 40.03 36.24 0.55
N GLY A 224 40.85 36.21 1.61
CA GLY A 224 42.07 35.42 1.60
C GLY A 224 41.93 34.05 2.24
N HIS A 225 41.10 33.19 1.66
CA HIS A 225 40.89 31.85 2.20
C HIS A 225 40.75 30.86 1.05
N THR A 226 41.12 29.60 1.33
CA THR A 226 41.04 28.54 0.33
C THR A 226 40.21 27.35 0.77
N HIS A 227 39.81 27.27 2.04
CA HIS A 227 38.98 26.19 2.54
C HIS A 227 37.74 26.77 3.21
N ILE A 228 36.62 26.05 3.11
CA ILE A 228 35.36 26.52 3.68
C ILE A 228 34.71 25.36 4.40
N VAL A 229 33.83 25.70 5.35
CA VAL A 229 33.28 24.75 6.31
C VAL A 229 31.77 24.67 6.15
N SER A 230 31.24 23.46 6.20
CA SER A 230 29.81 23.19 6.22
C SER A 230 29.49 22.34 7.45
N VAL A 231 28.28 22.51 7.98
CA VAL A 231 27.84 21.84 9.20
C VAL A 231 26.58 21.03 8.90
N SER A 232 26.54 19.81 9.42
CA SER A 232 25.39 18.94 9.20
C SER A 232 25.20 18.03 10.40
N THR A 233 24.15 17.21 10.34
CA THR A 233 23.89 16.23 11.38
C THR A 233 24.49 14.88 10.97
N ALA A 234 24.25 13.86 11.79
CA ALA A 234 24.76 12.52 11.53
C ALA A 234 23.85 11.71 10.62
N ASP A 235 22.69 12.23 10.24
CA ASP A 235 21.81 11.53 9.33
C ASP A 235 22.29 11.59 7.88
N VAL A 236 22.95 12.70 7.51
CA VAL A 236 23.46 12.84 6.14
C VAL A 236 24.54 11.80 5.87
N LEU A 237 25.37 11.52 6.88
CA LEU A 237 26.41 10.51 6.72
C LEU A 237 25.81 9.13 6.49
N ILE A 238 24.78 8.78 7.25
CA ILE A 238 24.11 7.48 7.08
C ILE A 238 23.46 7.40 5.70
N MET A 239 22.84 8.50 5.27
CA MET A 239 22.23 8.51 3.94
C MET A 239 23.28 8.31 2.84
N CYS A 240 24.42 8.97 2.96
CA CYS A 240 25.48 8.81 1.97
C CYS A 240 26.03 7.39 1.96
N LYS A 241 26.17 6.79 3.14
CA LYS A 241 26.60 5.39 3.22
C LYS A 241 25.61 4.48 2.51
N ASP A 242 24.32 4.70 2.73
CA ASP A 242 23.31 3.88 2.07
C ASP A 242 23.34 4.06 0.56
N LEU A 243 23.52 5.29 0.09
CA LEU A 243 23.61 5.53 -1.36
C LEU A 243 24.81 4.81 -1.95
N ILE A 244 25.96 4.88 -1.29
CA ILE A 244 27.16 4.21 -1.82
C ILE A 244 26.94 2.71 -1.88
N THR A 245 26.34 2.14 -0.84
CA THR A 245 26.08 0.69 -0.86
C THR A 245 25.14 0.31 -1.99
N CYS A 246 24.08 1.09 -2.20
CA CYS A 246 23.13 0.79 -3.28
C CYS A 246 23.81 0.88 -4.65
N ARG A 247 24.63 1.91 -4.86
CA ARG A 247 25.32 2.05 -6.13
C ARG A 247 26.29 0.90 -6.37
N PHE A 248 27.04 0.49 -5.34
CA PHE A 248 27.93 -0.64 -5.47
C PHE A 248 27.19 -1.91 -5.83
N ASN A 249 26.05 -2.16 -5.15
CA ASN A 249 25.28 -3.36 -5.44
C ASN A 249 24.76 -3.36 -6.87
N THR A 250 24.22 -2.23 -7.33
CA THR A 250 23.68 -2.15 -8.68
C THR A 250 24.77 -2.39 -9.72
N THR A 251 25.91 -1.73 -9.54
CA THR A 251 27.01 -1.90 -10.51
C THR A 251 27.50 -3.34 -10.53
N LEU A 252 27.67 -3.95 -9.35
CA LEU A 252 28.15 -5.32 -9.30
C LEU A 252 27.17 -6.28 -9.97
N ILE A 253 25.87 -6.13 -9.71
CA ILE A 253 24.89 -7.02 -10.29
C ILE A 253 24.86 -6.86 -11.81
N SER A 254 24.87 -5.62 -12.29
CA SER A 254 24.83 -5.39 -13.74
C SER A 254 26.06 -5.95 -14.42
N LYS A 255 27.23 -5.81 -13.80
CA LYS A 255 28.45 -6.34 -14.39
C LYS A 255 28.46 -7.87 -14.40
N ILE A 256 27.99 -8.49 -13.31
CA ILE A 256 28.02 -9.95 -13.22
C ILE A 256 27.03 -10.56 -14.20
N ALA A 257 25.86 -9.94 -14.38
CA ALA A 257 24.85 -10.52 -15.26
C ALA A 257 25.30 -10.60 -16.71
N GLU A 258 26.27 -9.78 -17.12
CA GLU A 258 26.76 -9.85 -18.49
C GLU A 258 27.53 -11.14 -18.75
N VAL A 259 28.19 -11.68 -17.73
CA VAL A 259 28.93 -12.94 -17.91
C VAL A 259 27.97 -14.10 -18.15
N GLU A 260 26.84 -14.11 -17.45
CA GLU A 260 25.89 -15.21 -17.59
C GLU A 260 25.29 -15.25 -18.99
N ASP A 261 24.83 -14.12 -19.50
CA ASP A 261 24.18 -14.02 -20.81
C ASP A 261 24.84 -12.91 -21.61
N PRO A 262 25.96 -13.20 -22.28
CA PRO A 262 26.67 -12.15 -23.04
C PRO A 262 25.84 -11.53 -24.15
N VAL A 263 24.92 -12.29 -24.76
CA VAL A 263 24.16 -11.77 -25.90
C VAL A 263 23.21 -10.67 -25.45
N CYS A 264 22.27 -11.00 -24.57
CA CYS A 264 21.29 -10.03 -24.10
C CYS A 264 20.89 -10.37 -22.67
N SER A 265 21.12 -9.44 -21.75
CA SER A 265 20.75 -9.59 -20.35
C SER A 265 19.52 -8.76 -20.04
N ASP A 266 18.93 -9.03 -18.88
CA ASP A 266 17.71 -8.35 -18.45
C ASP A 266 17.99 -7.10 -17.64
N TYR A 267 19.24 -6.76 -17.39
CA TYR A 267 19.62 -5.55 -16.69
C TYR A 267 20.15 -4.52 -17.67
N PRO A 268 19.95 -3.21 -17.41
CA PRO A 268 20.21 -2.20 -18.45
C PRO A 268 21.63 -2.20 -18.99
N ASN A 269 22.59 -1.89 -18.12
CA ASN A 269 24.02 -1.90 -18.43
C ASN A 269 24.73 -1.43 -17.18
N PHE A 270 26.06 -1.51 -17.20
CA PHE A 270 26.86 -0.96 -16.12
C PHE A 270 27.55 0.34 -16.50
N LYS A 271 27.37 0.80 -17.74
CA LYS A 271 27.96 2.06 -18.21
C LYS A 271 26.95 3.18 -18.33
N ILE A 272 25.71 2.88 -18.73
CA ILE A 272 24.67 3.90 -18.80
C ILE A 272 24.30 4.37 -17.41
N VAL A 273 24.27 3.46 -16.44
CA VAL A 273 23.90 3.82 -15.08
C VAL A 273 24.93 4.77 -14.47
N SER A 274 26.21 4.58 -14.79
CA SER A 274 27.23 5.50 -14.30
C SER A 274 27.03 6.91 -14.85
N MET A 275 26.71 7.00 -16.15
CA MET A 275 26.43 8.31 -16.74
C MET A 275 25.20 8.95 -16.11
N LEU A 276 24.17 8.15 -15.83
CA LEU A 276 22.99 8.67 -15.14
C LEU A 276 23.34 9.20 -13.76
N TYR A 277 24.17 8.46 -13.02
CA TYR A 277 24.59 8.90 -11.69
C TYR A 277 25.33 10.22 -11.77
N GLN A 278 26.26 10.34 -12.73
CA GLN A 278 27.02 11.58 -12.87
C GLN A 278 26.12 12.75 -13.24
N SER A 279 25.18 12.52 -14.17
CA SER A 279 24.27 13.60 -14.57
C SER A 279 23.41 14.06 -13.41
N GLY A 280 22.86 13.12 -12.65
CA GLY A 280 22.06 13.49 -11.49
C GLY A 280 22.87 14.23 -10.45
N ASP A 281 24.11 13.79 -10.22
CA ASP A 281 24.97 14.47 -9.27
C ASP A 281 25.26 15.90 -9.69
N TYR A 282 25.53 16.11 -10.99
CA TYR A 282 25.78 17.47 -11.47
C TYR A 282 24.54 18.34 -11.33
N LEU A 283 23.37 17.80 -11.69
CA LEU A 283 22.13 18.55 -11.56
C LEU A 283 21.87 18.95 -10.12
N LEU A 284 22.09 18.02 -9.19
CA LEU A 284 21.90 18.34 -7.77
C LEU A 284 22.90 19.39 -7.30
N SER A 285 24.18 19.24 -7.68
CA SER A 285 25.19 20.19 -7.24
C SER A 285 24.91 21.59 -7.77
N ILE A 286 24.25 21.70 -8.92
CA ILE A 286 23.92 23.01 -9.45
C ILE A 286 22.66 23.57 -8.77
N LEU A 287 21.60 22.77 -8.66
CA LEU A 287 20.29 23.27 -8.30
C LEU A 287 19.92 23.09 -6.83
N GLY A 288 20.81 22.54 -6.00
CA GLY A 288 20.44 22.38 -4.61
C GLY A 288 19.39 21.30 -4.41
N SER A 289 18.59 21.48 -3.36
CA SER A 289 17.54 20.52 -3.03
C SER A 289 16.36 20.58 -3.99
N ASP A 290 16.32 21.58 -4.88
CA ASP A 290 15.23 21.69 -5.85
C ASP A 290 15.43 20.81 -7.07
N GLY A 291 16.58 20.13 -7.19
CA GLY A 291 16.77 19.21 -8.29
C GLY A 291 15.99 17.91 -8.16
N TYR A 292 15.45 17.63 -6.97
CA TYR A 292 14.63 16.44 -6.82
C TYR A 292 13.31 16.55 -7.56
N LYS A 293 12.84 17.78 -7.82
CA LYS A 293 11.66 17.94 -8.67
C LYS A 293 11.90 17.39 -10.07
N ILE A 294 13.14 17.43 -10.55
CA ILE A 294 13.49 16.85 -11.84
C ILE A 294 13.85 15.37 -11.70
N ILE A 295 14.53 15.01 -10.60
CA ILE A 295 14.88 13.61 -10.38
C ILE A 295 13.63 12.75 -10.26
N LYS A 296 12.53 13.31 -9.76
CA LYS A 296 11.30 12.58 -9.53
C LYS A 296 10.64 12.08 -10.81
N PHE A 297 11.06 12.56 -11.97
CA PHE A 297 10.43 12.23 -13.23
C PHE A 297 10.98 10.95 -13.86
N LEU A 298 11.87 10.24 -13.17
CA LEU A 298 12.49 9.05 -13.74
C LEU A 298 11.45 7.94 -13.97
N GLU A 299 10.62 7.68 -12.96
CA GLU A 299 9.66 6.57 -13.07
C GLU A 299 8.61 6.78 -14.17
N PRO A 300 7.93 7.93 -14.26
CA PRO A 300 6.92 8.08 -15.34
C PRO A 300 7.52 7.97 -16.74
N LEU A 301 8.75 8.47 -16.92
CA LEU A 301 9.39 8.35 -18.23
C LEU A 301 9.65 6.88 -18.58
N CYS A 302 10.09 6.09 -17.59
CA CYS A 302 10.29 4.67 -17.83
C CYS A 302 8.96 3.98 -18.16
N LEU A 303 7.88 4.36 -17.46
CA LEU A 303 6.58 3.77 -17.76
C LEU A 303 6.14 4.10 -19.17
N ALA A 304 6.33 5.35 -19.61
CA ALA A 304 5.96 5.74 -20.97
C ALA A 304 6.79 4.99 -22.00
N LYS A 305 8.10 4.86 -21.75
CA LYS A 305 8.95 4.13 -22.70
C LYS A 305 8.55 2.66 -22.79
N ILE A 306 8.15 2.06 -21.67
CA ILE A 306 7.61 0.71 -21.72
C ILE A 306 6.33 0.66 -22.53
N GLN A 307 5.46 1.65 -22.32
CA GLN A 307 4.20 1.71 -23.06
C GLN A 307 4.42 1.88 -24.56
N LEU A 308 5.56 2.41 -24.97
CA LEU A 308 5.86 2.60 -26.39
C LEU A 308 6.47 1.37 -27.04
N CYS A 309 6.18 0.18 -26.52
CA CYS A 309 6.70 -1.08 -27.06
C CYS A 309 5.56 -1.99 -27.49
N SER A 310 4.59 -1.42 -28.20
CA SER A 310 3.37 -2.15 -28.58
C SER A 310 3.02 -1.75 -30.01
N LYS A 311 1.78 -2.03 -30.41
CA LYS A 311 1.33 -1.79 -31.78
C LYS A 311 1.29 -0.31 -32.14
N TYR A 312 1.45 0.59 -31.17
CA TYR A 312 1.49 2.04 -31.39
C TYR A 312 0.17 2.52 -32.03
N THR A 313 -0.88 2.44 -31.23
CA THR A 313 -2.14 3.08 -31.59
C THR A 313 -1.97 4.60 -31.51
N GLU A 314 -3.06 5.31 -31.83
CA GLU A 314 -2.97 6.77 -31.94
C GLU A 314 -2.67 7.43 -30.59
N ARG A 315 -3.23 6.88 -29.51
CA ARG A 315 -3.14 7.53 -28.20
C ARG A 315 -2.11 6.91 -27.28
N LYS A 316 -1.25 6.02 -27.79
CA LYS A 316 -0.20 5.46 -26.94
C LYS A 316 0.89 6.47 -26.63
N GLY A 317 1.18 7.39 -27.55
CA GLY A 317 2.23 8.35 -27.39
C GLY A 317 1.85 9.64 -26.68
N ARG A 318 0.61 9.74 -26.18
CA ARG A 318 0.20 10.96 -25.49
C ARG A 318 0.86 11.08 -24.13
N PHE A 319 1.07 9.94 -23.45
CA PHE A 319 1.68 9.97 -22.11
C PHE A 319 3.10 10.51 -22.18
N LEU A 320 3.89 10.04 -23.14
CA LEU A 320 5.26 10.51 -23.26
C LEU A 320 5.31 11.99 -23.59
N THR A 321 4.42 12.45 -24.47
CA THR A 321 4.37 13.87 -24.82
C THR A 321 4.03 14.71 -23.60
N GLN A 322 3.03 14.28 -22.82
CA GLN A 322 2.66 15.03 -21.63
C GLN A 322 3.79 15.07 -20.62
N MET A 323 4.48 13.95 -20.42
CA MET A 323 5.58 13.92 -19.46
C MET A 323 6.75 14.79 -19.93
N HIS A 324 7.04 14.78 -21.23
CA HIS A 324 8.09 15.65 -21.76
C HIS A 324 7.75 17.11 -21.56
N LEU A 325 6.49 17.49 -21.83
CA LEU A 325 6.07 18.87 -21.61
C LEU A 325 6.18 19.25 -20.14
N ALA A 326 5.76 18.35 -19.25
CA ALA A 326 5.80 18.64 -17.82
C ALA A 326 7.24 18.82 -17.33
N VAL A 327 8.15 17.96 -17.76
CA VAL A 327 9.52 18.06 -17.31
C VAL A 327 10.18 19.31 -17.88
N ASN A 328 9.86 19.67 -19.13
CA ASN A 328 10.39 20.91 -19.69
C ASN A 328 9.91 22.12 -18.92
N HIS A 329 8.61 22.16 -18.59
CA HIS A 329 8.08 23.29 -17.83
C HIS A 329 8.73 23.37 -16.46
N THR A 330 8.85 22.23 -15.77
CA THR A 330 9.44 22.23 -14.43
C THR A 330 10.89 22.68 -14.47
N LEU A 331 11.65 22.22 -15.47
CA LEU A 331 13.04 22.64 -15.59
C LEU A 331 13.13 24.13 -15.88
N GLU A 332 12.21 24.66 -16.69
CA GLU A 332 12.29 26.07 -17.06
C GLU A 332 11.90 26.98 -15.91
N GLU A 333 10.96 26.56 -15.07
CA GLU A 333 10.43 27.46 -14.04
C GLU A 333 11.22 27.43 -12.73
N ILE A 334 12.23 26.55 -12.60
CA ILE A 334 13.07 26.55 -11.41
C ILE A 334 14.46 27.10 -11.66
N THR A 335 14.76 27.51 -12.89
CA THR A 335 16.09 27.97 -13.25
C THR A 335 16.13 29.41 -13.72
N GLU A 336 14.98 30.10 -13.80
CA GLU A 336 14.97 31.46 -14.32
C GLU A 336 15.57 32.45 -13.34
N ILE A 337 15.34 32.28 -12.04
CA ILE A 337 15.97 33.16 -11.06
C ILE A 337 17.47 32.92 -11.00
N ARG A 338 17.89 31.66 -10.97
CA ARG A 338 19.30 31.32 -10.90
C ARG A 338 20.01 31.75 -12.18
N ALA A 339 21.22 32.29 -12.04
CA ALA A 339 21.96 32.86 -13.16
C ALA A 339 22.94 31.83 -13.71
N LEU A 340 22.40 30.78 -14.30
CA LEU A 340 23.24 29.75 -14.89
C LEU A 340 23.99 30.28 -16.11
N LYS A 341 25.23 29.83 -16.26
CA LYS A 341 25.98 30.12 -17.47
C LYS A 341 25.41 29.33 -18.64
N PRO A 342 25.65 29.79 -19.88
CA PRO A 342 25.16 29.02 -21.03
C PRO A 342 25.69 27.59 -21.07
N SER A 343 26.95 27.38 -20.71
CA SER A 343 27.49 26.03 -20.66
C SER A 343 26.80 25.18 -19.61
N GLN A 344 26.58 25.75 -18.41
CA GLN A 344 25.86 25.03 -17.37
C GLN A 344 24.42 24.78 -17.78
N ALA A 345 23.81 25.74 -18.46
CA ALA A 345 22.43 25.56 -18.93
C ALA A 345 22.35 24.41 -19.93
N HIS A 346 23.33 24.30 -20.83
CA HIS A 346 23.34 23.18 -21.76
C HIS A 346 23.59 21.86 -21.03
N LYS A 347 24.50 21.85 -20.05
CA LYS A 347 24.87 20.61 -19.38
C LYS A 347 23.80 20.11 -18.41
N ILE A 348 22.95 20.99 -17.91
CA ILE A 348 21.98 20.59 -16.89
C ILE A 348 20.84 19.74 -17.42
N ARG A 349 20.64 19.69 -18.73
CA ARG A 349 19.57 18.91 -19.32
C ARG A 349 20.00 17.51 -19.75
N GLU A 350 21.26 17.14 -19.53
CA GLU A 350 21.76 15.85 -19.97
C GLU A 350 21.03 14.70 -19.31
N PHE A 351 20.61 14.86 -18.06
CA PHE A 351 19.89 13.80 -17.36
C PHE A 351 18.64 13.38 -18.11
N HIS A 352 17.69 14.31 -18.28
CA HIS A 352 16.45 13.97 -18.94
C HIS A 352 16.62 13.78 -20.45
N ARG A 353 17.67 14.33 -21.05
CA ARG A 353 17.91 14.05 -22.46
C ARG A 353 18.40 12.62 -22.66
N THR A 354 19.25 12.13 -21.76
CA THR A 354 19.64 10.72 -21.80
C THR A 354 18.45 9.82 -21.51
N LEU A 355 17.60 10.22 -20.56
CA LEU A 355 16.41 9.43 -20.28
C LEU A 355 15.48 9.35 -21.48
N ILE A 356 15.33 10.46 -22.21
CA ILE A 356 14.41 10.48 -23.35
C ILE A 356 14.94 9.63 -24.50
N ARG A 357 16.24 9.72 -24.78
CA ARG A 357 16.84 9.08 -25.94
C ARG A 357 17.27 7.63 -25.67
N LEU A 358 16.72 6.99 -24.64
CA LEU A 358 17.08 5.61 -24.35
C LEU A 358 16.43 4.66 -25.35
N GLU A 359 17.11 3.53 -25.59
CA GLU A 359 16.61 2.48 -26.48
C GLU A 359 16.98 1.13 -25.86
N MET A 360 16.05 0.58 -25.07
CA MET A 360 16.26 -0.68 -24.38
C MET A 360 14.99 -1.52 -24.47
N THR A 361 15.14 -2.81 -24.18
CA THR A 361 14.00 -3.71 -24.14
C THR A 361 13.13 -3.40 -22.92
N PRO A 362 11.86 -3.81 -22.95
CA PRO A 362 10.98 -3.50 -21.81
C PRO A 362 11.47 -4.07 -20.48
N GLN A 363 12.13 -5.23 -20.49
CA GLN A 363 12.66 -5.79 -19.25
C GLN A 363 13.72 -4.89 -18.65
N GLN A 364 14.62 -4.36 -19.47
CA GLN A 364 15.67 -3.48 -18.98
C GLN A 364 15.09 -2.19 -18.42
N LEU A 365 14.06 -1.65 -19.09
CA LEU A 365 13.40 -0.45 -18.56
C LEU A 365 12.71 -0.74 -17.24
N CYS A 366 12.05 -1.90 -17.12
CA CYS A 366 11.41 -2.25 -15.86
C CYS A 366 12.43 -2.41 -14.74
N GLU A 367 13.63 -2.92 -15.06
CA GLU A 367 14.67 -2.99 -14.05
C GLU A 367 15.21 -1.62 -13.68
N LEU A 368 15.41 -0.75 -14.68
CA LEU A 368 15.87 0.61 -14.43
C LEU A 368 14.85 1.44 -13.67
N PHE A 369 13.59 1.01 -13.66
CA PHE A 369 12.55 1.69 -12.90
C PHE A 369 12.86 1.78 -11.41
N SER A 370 13.73 0.92 -10.90
CA SER A 370 13.94 0.75 -9.46
C SER A 370 15.24 1.40 -8.96
N ILE A 371 15.65 2.53 -9.51
CA ILE A 371 16.84 3.22 -9.01
C ILE A 371 16.50 4.66 -8.66
N GLN A 372 15.23 4.89 -8.28
CA GLN A 372 14.77 6.25 -8.03
C GLN A 372 15.47 6.88 -6.83
N LYS A 373 15.71 6.09 -5.78
CA LYS A 373 16.22 6.61 -4.51
C LYS A 373 17.72 6.47 -4.38
N HIS A 374 18.46 6.51 -5.50
CA HIS A 374 19.91 6.35 -5.47
C HIS A 374 20.65 7.67 -5.50
N TRP A 375 19.95 8.79 -5.28
CA TRP A 375 20.58 10.10 -5.25
C TRP A 375 20.42 10.83 -3.93
N GLY A 376 19.62 10.31 -3.00
CA GLY A 376 19.39 10.95 -1.73
C GLY A 376 17.94 11.38 -1.57
N HIS A 377 17.70 12.18 -0.53
CA HIS A 377 16.38 12.68 -0.20
C HIS A 377 16.48 14.15 0.17
N PRO A 378 15.43 14.93 -0.09
CA PRO A 378 15.50 16.38 0.16
C PRO A 378 15.47 16.71 1.64
N VAL A 379 15.81 17.97 1.92
CA VAL A 379 15.75 18.51 3.28
C VAL A 379 14.37 19.10 3.51
N LEU A 380 13.73 18.71 4.61
CA LEU A 380 12.34 19.06 4.87
C LEU A 380 12.24 20.25 5.81
N HIS A 381 11.15 21.01 5.66
CA HIS A 381 10.83 22.13 6.52
C HIS A 381 9.37 22.02 6.96
N SER A 382 9.10 22.41 8.21
CA SER A 382 7.74 22.34 8.72
C SER A 382 6.83 23.36 8.03
N GLU A 383 7.36 24.54 7.73
CA GLU A 383 6.54 25.61 7.18
C GLU A 383 5.98 25.25 5.81
N THR A 384 6.83 24.73 4.93
CA THR A 384 6.38 24.39 3.58
C THR A 384 5.36 23.25 3.61
N ALA A 385 5.61 22.23 4.43
CA ALA A 385 4.66 21.12 4.53
C ALA A 385 3.32 21.59 5.07
N ILE A 386 3.33 22.43 6.11
CA ILE A 386 2.09 22.94 6.67
C ILE A 386 1.35 23.80 5.65
N GLN A 387 2.08 24.63 4.91
CA GLN A 387 1.44 25.46 3.88
C GLN A 387 0.81 24.60 2.80
N LYS A 388 1.49 23.52 2.39
CA LYS A 388 0.92 22.63 1.39
C LYS A 388 -0.33 21.94 1.92
N VAL A 389 -0.30 21.48 3.17
CA VAL A 389 -1.45 20.78 3.74
C VAL A 389 -2.64 21.73 3.91
N LYS A 390 -2.37 22.99 4.27
CA LYS A 390 -3.45 23.94 4.51
C LYS A 390 -4.29 24.15 3.26
N LYS A 391 -3.65 24.27 2.10
CA LYS A 391 -4.37 24.21 0.83
C LYS A 391 -4.91 22.80 0.62
N HIS A 392 -6.02 22.71 -0.11
CA HIS A 392 -6.77 21.49 -0.37
C HIS A 392 -7.50 20.99 0.88
N ALA A 393 -7.31 21.65 2.02
CA ALA A 393 -7.96 21.25 3.26
C ALA A 393 -8.95 22.29 3.78
N THR A 394 -8.73 23.57 3.48
CA THR A 394 -9.67 24.62 3.86
C THR A 394 -10.37 25.23 2.65
N VAL A 395 -10.21 24.63 1.48
CA VAL A 395 -10.79 25.19 0.26
C VAL A 395 -12.29 24.87 0.23
N LEU A 396 -13.04 25.71 -0.49
CA LEU A 396 -14.48 25.55 -0.62
C LEU A 396 -14.80 24.74 -1.86
N LYS A 397 -15.81 23.86 -1.75
CA LYS A 397 -16.18 22.94 -2.81
C LYS A 397 -17.63 23.13 -3.21
N ALA A 398 -17.95 22.65 -4.41
CA ALA A 398 -19.31 22.63 -4.93
C ALA A 398 -19.69 21.20 -5.27
N LEU A 399 -20.89 20.78 -4.87
CA LEU A 399 -21.31 19.39 -5.00
C LEU A 399 -22.68 19.32 -5.68
N ARG A 400 -22.95 18.16 -6.27
CA ARG A 400 -24.22 17.89 -6.92
C ARG A 400 -25.00 16.85 -6.12
N PRO A 401 -26.16 17.20 -5.56
CA PRO A 401 -26.89 16.24 -4.71
C PRO A 401 -27.32 14.97 -5.41
N ILE A 402 -27.59 15.02 -6.72
CA ILE A 402 -28.09 13.84 -7.42
C ILE A 402 -27.04 12.73 -7.45
N VAL A 403 -25.78 13.09 -7.65
CA VAL A 403 -24.71 12.09 -7.69
C VAL A 403 -24.52 11.48 -6.31
N ILE A 404 -24.63 12.29 -5.25
CA ILE A 404 -24.54 11.76 -3.90
C ILE A 404 -25.67 10.78 -3.63
N PHE A 405 -26.88 11.12 -4.07
CA PHE A 405 -28.02 10.23 -3.90
C PHE A 405 -27.78 8.90 -4.61
N GLU A 406 -27.30 8.95 -5.86
CA GLU A 406 -27.05 7.72 -6.60
C GLU A 406 -25.96 6.89 -5.95
N THR A 407 -24.89 7.53 -5.46
CA THR A 407 -23.82 6.80 -4.82
C THR A 407 -24.29 6.13 -3.54
N TYR A 408 -25.11 6.82 -2.74
CA TYR A 408 -25.66 6.22 -1.53
C TYR A 408 -26.55 5.02 -1.86
N CYS A 409 -27.38 5.15 -2.89
CA CYS A 409 -28.23 4.04 -3.28
C CYS A 409 -27.41 2.84 -3.74
N VAL A 410 -26.34 3.08 -4.50
CA VAL A 410 -25.47 1.98 -4.93
C VAL A 410 -24.77 1.34 -3.75
N PHE A 411 -24.35 2.15 -2.78
CA PHE A 411 -23.76 1.63 -1.53
C PHE A 411 -24.71 0.64 -0.85
N LYS A 412 -25.96 1.07 -0.64
CA LYS A 412 -26.94 0.21 0.01
C LYS A 412 -27.22 -1.04 -0.81
N TYR A 413 -27.32 -0.89 -2.14
CA TYR A 413 -27.59 -2.05 -2.99
C TYR A 413 -26.45 -3.06 -2.92
N SER A 414 -25.20 -2.58 -2.92
CA SER A 414 -24.07 -3.49 -2.84
C SER A 414 -24.05 -4.24 -1.51
N ILE A 415 -24.34 -3.55 -0.41
CA ILE A 415 -24.39 -4.22 0.88
C ILE A 415 -25.48 -5.28 0.90
N ALA A 416 -26.67 -4.95 0.40
CA ALA A 416 -27.76 -5.92 0.37
C ALA A 416 -27.41 -7.11 -0.53
N LYS A 417 -26.80 -6.86 -1.67
CA LYS A 417 -26.44 -7.95 -2.58
C LYS A 417 -25.41 -8.87 -1.95
N HIS A 418 -24.42 -8.32 -1.26
CA HIS A 418 -23.45 -9.16 -0.57
C HIS A 418 -24.10 -9.98 0.52
N TYR A 419 -25.04 -9.39 1.26
CA TYR A 419 -25.75 -10.14 2.28
C TYR A 419 -26.57 -11.27 1.68
N PHE A 420 -27.17 -11.04 0.51
CA PHE A 420 -28.01 -12.06 -0.10
C PHE A 420 -27.18 -13.18 -0.71
N ASP A 421 -26.03 -12.86 -1.30
CA ASP A 421 -25.23 -13.86 -1.99
C ASP A 421 -24.80 -14.98 -1.05
N SER A 422 -24.30 -14.62 0.12
CA SER A 422 -24.07 -15.55 1.20
C SER A 422 -25.27 -15.51 2.14
N GLN A 423 -25.15 -16.16 3.29
CA GLN A 423 -26.09 -16.00 4.40
C GLN A 423 -27.52 -16.35 4.02
N GLY A 424 -27.73 -17.04 2.90
CA GLY A 424 -29.07 -17.48 2.55
C GLY A 424 -29.86 -16.54 1.64
N SER A 425 -30.69 -15.70 2.24
CA SER A 425 -31.69 -14.93 1.50
C SER A 425 -31.73 -13.51 2.08
N TRP A 426 -32.80 -12.78 1.78
CA TRP A 426 -32.97 -11.41 2.21
C TRP A 426 -32.91 -11.31 3.74
N TYR A 427 -32.80 -10.07 4.23
CA TYR A 427 -32.57 -9.80 5.64
C TYR A 427 -33.80 -9.24 6.35
N SER A 428 -34.99 -9.72 5.97
CA SER A 428 -36.24 -9.41 6.68
C SER A 428 -36.49 -7.89 6.74
N VAL A 429 -36.75 -7.34 5.56
CA VAL A 429 -36.96 -5.89 5.44
C VAL A 429 -38.22 -5.48 6.19
N THR A 430 -38.05 -4.57 7.13
CA THR A 430 -39.14 -3.97 7.88
C THR A 430 -39.55 -2.64 7.23
N SER A 431 -40.30 -1.82 7.96
CA SER A 431 -40.53 -0.41 7.61
C SER A 431 -41.32 -0.27 6.30
N ASP A 432 -42.58 -0.68 6.38
CA ASP A 432 -43.63 -0.21 5.46
C ASP A 432 -43.31 -0.59 4.01
N ARG A 433 -43.40 -1.90 3.75
CA ARG A 433 -43.10 -2.45 2.44
C ARG A 433 -43.82 -1.75 1.30
N ASN A 434 -44.91 -1.03 1.57
CA ASN A 434 -45.60 -0.30 0.51
C ASN A 434 -44.81 0.88 -0.03
N LEU A 435 -43.74 1.31 0.66
CA LEU A 435 -42.92 2.42 0.19
C LEU A 435 -41.91 2.01 -0.87
N THR A 436 -41.79 0.72 -1.17
CA THR A 436 -40.85 0.21 -2.17
C THR A 436 -41.61 -0.63 -3.17
N PRO A 437 -42.33 0.01 -4.10
CA PRO A 437 -43.06 -0.75 -5.12
C PRO A 437 -42.12 -1.16 -6.25
N GLY A 438 -41.97 -2.47 -6.42
CA GLY A 438 -41.04 -3.01 -7.40
C GLY A 438 -40.04 -3.98 -6.79
N LEU A 439 -39.57 -3.66 -5.59
CA LEU A 439 -38.77 -4.62 -4.82
C LEU A 439 -39.63 -5.61 -4.06
N ASN A 440 -40.93 -5.30 -3.90
CA ASN A 440 -41.80 -6.19 -3.14
C ASN A 440 -41.93 -7.55 -3.81
N SER A 441 -42.02 -7.57 -5.14
CA SER A 441 -42.10 -8.84 -5.86
C SER A 441 -40.85 -9.69 -5.64
N TYR A 442 -39.67 -9.05 -5.72
CA TYR A 442 -38.43 -9.79 -5.55
C TYR A 442 -38.28 -10.30 -4.11
N ILE A 443 -38.69 -9.49 -3.13
CA ILE A 443 -38.60 -9.93 -1.74
C ILE A 443 -39.57 -11.08 -1.49
N LYS A 444 -40.79 -10.99 -2.04
CA LYS A 444 -41.78 -12.06 -1.86
C LYS A 444 -41.31 -13.35 -2.51
N ARG A 445 -40.77 -13.27 -3.72
CA ARG A 445 -40.27 -14.46 -4.41
C ARG A 445 -38.92 -14.92 -3.90
N ASN A 446 -38.30 -14.15 -2.99
CA ASN A 446 -37.01 -14.50 -2.39
C ASN A 446 -35.92 -14.63 -3.47
N GLN A 447 -35.84 -13.63 -4.33
CA GLN A 447 -34.85 -13.55 -5.38
C GLN A 447 -34.20 -12.17 -5.37
N PHE A 448 -33.22 -11.98 -6.24
CA PHE A 448 -32.51 -10.71 -6.33
C PHE A 448 -32.49 -10.23 -7.76
N PRO A 449 -32.63 -8.93 -8.00
CA PRO A 449 -32.53 -8.38 -9.35
C PRO A 449 -31.16 -8.66 -9.96
N PRO A 450 -31.09 -8.97 -11.26
CA PRO A 450 -29.81 -9.36 -11.86
C PRO A 450 -28.73 -8.30 -11.75
N LEU A 451 -28.97 -7.13 -12.37
CA LEU A 451 -28.06 -5.97 -12.44
C LEU A 451 -28.48 -5.03 -13.58
N PRO A 452 -28.69 -5.52 -14.81
CA PRO A 452 -28.99 -4.58 -15.91
C PRO A 452 -30.30 -3.81 -15.72
N MET A 453 -31.21 -4.30 -14.89
CA MET A 453 -32.53 -3.70 -14.78
C MET A 453 -32.67 -2.79 -13.56
N ILE A 454 -31.62 -2.61 -12.76
CA ILE A 454 -31.70 -1.73 -11.58
C ILE A 454 -31.29 -0.34 -12.04
N LYS A 455 -32.21 0.33 -12.71
CA LYS A 455 -32.08 1.76 -12.97
C LYS A 455 -33.35 2.55 -12.69
N GLU A 456 -34.53 1.93 -12.70
CA GLU A 456 -35.77 2.58 -12.33
C GLU A 456 -36.18 2.27 -10.90
N LEU A 457 -35.48 1.37 -10.22
CA LEU A 457 -35.77 1.04 -8.83
C LEU A 457 -34.59 1.32 -7.91
N LEU A 458 -33.61 2.10 -8.36
CA LEU A 458 -32.46 2.42 -7.51
C LEU A 458 -32.88 3.24 -6.30
N TRP A 459 -33.82 4.17 -6.48
CA TRP A 459 -34.27 4.98 -5.35
C TRP A 459 -35.00 4.14 -4.30
N GLU A 460 -35.59 3.01 -4.72
CA GLU A 460 -36.30 2.16 -3.78
C GLU A 460 -35.40 1.59 -2.70
N PHE A 461 -34.09 1.54 -2.94
CA PHE A 461 -33.15 1.08 -1.94
C PHE A 461 -32.95 2.07 -0.81
N TYR A 462 -33.47 3.30 -0.95
CA TYR A 462 -33.32 4.28 0.11
C TYR A 462 -34.24 3.99 1.29
N HIS A 463 -35.39 3.36 1.04
CA HIS A 463 -36.41 3.16 2.06
C HIS A 463 -36.26 1.86 2.83
N LEU A 464 -35.29 1.01 2.46
CA LEU A 464 -35.14 -0.27 3.13
C LEU A 464 -34.57 -0.10 4.53
N ASP A 465 -35.18 -0.76 5.51
CA ASP A 465 -34.71 -0.75 6.89
C ASP A 465 -34.61 -2.18 7.39
N HIS A 466 -33.68 -2.40 8.31
CA HIS A 466 -33.37 -3.75 8.76
C HIS A 466 -32.70 -3.68 10.12
N PRO A 467 -32.68 -4.77 10.88
CA PRO A 467 -31.91 -4.81 12.12
C PRO A 467 -30.42 -4.82 11.85
N PRO A 468 -29.59 -4.66 12.88
CA PRO A 468 -28.13 -4.71 12.66
C PRO A 468 -27.70 -6.03 12.04
N LEU A 469 -26.71 -5.94 11.15
CA LEU A 469 -26.23 -7.11 10.42
C LEU A 469 -24.89 -7.63 10.91
N PHE A 470 -24.18 -6.88 11.75
CA PHE A 470 -22.84 -7.26 12.19
C PHE A 470 -22.72 -7.10 13.70
N SER A 471 -21.76 -7.80 14.27
CA SER A 471 -21.52 -7.82 15.71
C SER A 471 -20.33 -6.94 16.07
N THR A 472 -20.37 -6.39 17.28
CA THR A 472 -19.33 -5.50 17.77
C THR A 472 -18.34 -6.20 18.70
N LYS A 473 -18.42 -7.52 18.82
CA LYS A 473 -17.50 -8.27 19.68
C LYS A 473 -16.74 -9.30 18.86
N ILE A 474 -16.20 -8.87 17.72
CA ILE A 474 -15.53 -9.77 16.78
C ILE A 474 -14.03 -9.55 16.84
N ILE A 475 -13.53 -9.08 17.98
CA ILE A 475 -12.10 -8.86 18.16
C ILE A 475 -11.45 -10.19 18.53
N SER A 476 -10.55 -10.67 17.68
CA SER A 476 -9.86 -11.94 17.89
C SER A 476 -8.35 -11.76 18.01
N ASP A 477 -7.89 -10.55 18.32
CA ASP A 477 -6.45 -10.30 18.43
C ASP A 477 -6.27 -9.09 19.34
N LEU A 478 -5.79 -9.32 20.55
CA LEU A 478 -5.56 -8.22 21.50
C LEU A 478 -4.26 -7.49 21.26
N SER A 479 -3.42 -7.94 20.33
CA SER A 479 -2.14 -7.29 20.07
C SER A 479 -2.30 -5.95 19.37
N ILE A 480 -3.50 -5.62 18.88
CA ILE A 480 -3.69 -4.33 18.21
C ILE A 480 -3.74 -3.17 19.19
N PHE A 481 -4.14 -3.41 20.44
CA PHE A 481 -4.22 -2.35 21.43
C PHE A 481 -2.90 -2.09 22.13
N ILE A 482 -1.89 -2.90 21.89
CA ILE A 482 -0.55 -2.68 22.42
C ILE A 482 0.46 -2.99 21.32
N LYS A 483 1.05 -1.95 20.73
CA LYS A 483 1.86 -2.12 19.53
C LYS A 483 3.21 -1.39 19.60
N ASP A 484 3.55 -0.79 20.73
CA ASP A 484 4.83 -0.11 20.91
C ASP A 484 4.99 1.04 19.90
N ARG A 485 4.08 2.00 19.99
CA ARG A 485 4.15 3.20 19.16
C ARG A 485 4.10 4.44 20.03
N ALA A 486 3.99 5.62 19.41
CA ALA A 486 3.90 6.88 20.13
C ALA A 486 2.59 7.57 19.81
N THR A 487 2.07 8.30 20.78
CA THR A 487 0.82 9.03 20.64
C THR A 487 1.04 10.50 20.98
N ALA A 488 0.00 11.30 20.78
CA ALA A 488 0.02 12.69 21.17
C ALA A 488 -0.21 12.82 22.67
N VAL A 489 -0.03 14.04 23.19
CA VAL A 489 -0.19 14.31 24.60
C VAL A 489 -1.50 15.05 24.81
N GLU A 490 -1.88 15.21 26.08
CA GLU A 490 -3.10 15.92 26.41
C GLU A 490 -2.97 17.40 26.07
N ARG A 491 -4.12 18.03 25.82
CA ARG A 491 -4.12 19.45 25.47
C ARG A 491 -3.60 20.33 26.60
N THR A 492 -3.63 19.84 27.84
CA THR A 492 -3.12 20.62 28.96
C THR A 492 -1.63 20.88 28.82
N CYS A 493 -0.87 19.88 28.42
CA CYS A 493 0.58 19.97 28.28
C CYS A 493 1.02 19.84 26.83
N TRP A 494 0.21 20.41 25.92
CA TRP A 494 0.46 20.26 24.50
C TRP A 494 1.83 20.78 24.09
N ASP A 495 2.34 21.78 24.78
CA ASP A 495 3.62 22.39 24.46
C ASP A 495 4.78 21.81 25.27
N ALA A 496 4.58 20.67 25.90
CA ALA A 496 5.63 20.00 26.65
C ALA A 496 6.52 19.13 25.77
N VAL A 497 6.23 19.04 24.46
CA VAL A 497 6.99 18.21 23.55
C VAL A 497 8.09 19.01 22.84
N PHE A 498 8.31 20.26 23.22
CA PHE A 498 9.33 21.11 22.63
C PHE A 498 10.44 21.35 23.64
N GLU A 499 11.63 21.64 23.14
CA GLU A 499 12.77 21.87 24.01
C GLU A 499 12.59 23.17 24.78
N PRO A 500 12.79 23.17 26.10
CA PRO A 500 12.58 24.41 26.87
C PRO A 500 13.50 25.55 26.47
N ASN A 501 14.73 25.27 26.03
CA ASN A 501 15.66 26.35 25.68
C ASN A 501 15.18 27.10 24.44
N VAL A 502 14.76 26.36 23.40
CA VAL A 502 14.26 27.01 22.19
C VAL A 502 12.93 27.70 22.45
N LEU A 503 12.09 27.12 23.31
CA LEU A 503 10.80 27.72 23.61
C LEU A 503 10.96 29.09 24.26
N GLY A 504 11.90 29.22 25.18
CA GLY A 504 12.11 30.46 25.90
C GLY A 504 11.49 30.49 27.29
N TYR A 505 10.69 29.49 27.64
CA TYR A 505 10.08 29.42 28.96
C TYR A 505 9.93 27.97 29.37
N ASN A 506 9.81 27.75 30.68
CA ASN A 506 9.59 26.41 31.20
C ASN A 506 8.11 26.11 31.22
N PRO A 507 7.64 25.09 30.50
CA PRO A 507 6.20 24.79 30.46
C PRO A 507 5.68 24.45 31.85
N PRO A 508 4.48 24.91 32.19
CA PRO A 508 3.93 24.64 33.53
C PRO A 508 3.63 23.18 33.79
N HIS A 509 2.91 22.55 32.86
CA HIS A 509 2.47 21.17 33.02
C HIS A 509 3.34 20.23 32.21
N LYS A 510 3.52 19.02 32.74
CA LYS A 510 4.36 18.01 32.11
C LYS A 510 3.59 16.70 32.02
N PHE A 511 3.91 15.92 30.99
CA PHE A 511 3.31 14.62 30.80
C PHE A 511 4.15 13.54 31.47
N SER A 512 3.49 12.44 31.84
CA SER A 512 4.18 11.33 32.49
C SER A 512 4.79 10.37 31.49
N THR A 513 4.07 10.04 30.43
CA THR A 513 4.57 9.10 29.43
C THR A 513 3.93 9.44 28.09
N LYS A 514 4.53 8.91 27.01
CA LYS A 514 4.11 9.26 25.66
C LYS A 514 4.04 8.04 24.75
N ARG A 515 4.13 6.83 25.29
CA ARG A 515 4.14 5.61 24.48
C ARG A 515 2.93 4.75 24.82
N VAL A 516 2.48 3.99 23.82
CA VAL A 516 1.27 3.18 23.99
C VAL A 516 1.41 2.11 25.07
N PRO A 517 2.45 1.27 25.08
CA PRO A 517 2.50 0.19 26.09
C PRO A 517 2.53 0.69 27.52
N GLU A 518 3.17 1.83 27.79
CA GLU A 518 3.19 2.39 29.13
C GLU A 518 1.92 3.18 29.47
N GLN A 519 0.90 3.12 28.60
CA GLN A 519 -0.42 3.65 28.91
C GLN A 519 -1.51 2.61 28.87
N PHE A 520 -1.30 1.49 28.18
CA PHE A 520 -2.28 0.42 28.13
C PHE A 520 -2.31 -0.35 29.46
N LEU A 521 -1.16 -0.51 30.10
CA LEU A 521 -1.08 -1.29 31.33
C LEU A 521 -1.60 -0.55 32.56
N GLU A 522 -1.69 0.78 32.50
CA GLU A 522 -2.13 1.57 33.63
C GLU A 522 -3.57 2.08 33.47
N GLN A 523 -4.29 1.61 32.46
CA GLN A 523 -5.70 1.94 32.30
C GLN A 523 -6.52 0.91 33.06
N GLU A 524 -7.07 1.31 34.20
CA GLU A 524 -7.72 0.35 35.09
C GLU A 524 -9.04 -0.16 34.50
N ASN A 525 -9.78 0.70 33.82
CA ASN A 525 -11.13 0.38 33.34
C ASN A 525 -11.14 0.02 31.86
N PHE A 526 -10.09 -0.62 31.35
CA PHE A 526 -10.04 -0.95 29.94
C PHE A 526 -10.96 -2.12 29.62
N SER A 527 -11.69 -1.99 28.52
CA SER A 527 -12.54 -3.05 27.97
C SER A 527 -13.05 -2.57 26.63
N ILE A 528 -13.48 -3.53 25.80
CA ILE A 528 -14.07 -3.18 24.50
C ILE A 528 -15.38 -2.43 24.71
N GLU A 529 -16.20 -2.89 25.66
CA GLU A 529 -17.45 -2.20 25.95
C GLU A 529 -17.21 -0.81 26.51
N ASN A 530 -16.13 -0.64 27.29
CA ASN A 530 -15.79 0.69 27.78
C ASN A 530 -15.40 1.62 26.65
N VAL A 531 -14.66 1.11 25.66
CA VAL A 531 -14.32 1.92 24.49
C VAL A 531 -15.58 2.30 23.72
N LEU A 532 -16.50 1.35 23.55
CA LEU A 532 -17.74 1.64 22.85
C LEU A 532 -18.57 2.68 23.58
N SER A 533 -18.62 2.60 24.91
CA SER A 533 -19.36 3.59 25.68
C SER A 533 -18.68 4.95 25.64
N TYR A 534 -17.34 4.96 25.62
CA TYR A 534 -16.60 6.21 25.48
C TYR A 534 -16.93 6.88 24.14
N ALA A 535 -17.02 6.09 23.08
CA ALA A 535 -17.35 6.66 21.77
C ALA A 535 -18.81 7.10 21.70
N GLN A 536 -19.72 6.32 22.30
CA GLN A 536 -21.14 6.62 22.19
C GLN A 536 -21.55 7.84 22.99
N LYS A 537 -20.78 8.22 24.01
CA LYS A 537 -21.09 9.38 24.84
C LYS A 537 -20.41 10.65 24.34
N LEU A 538 -19.76 10.60 23.18
CA LEU A 538 -19.03 11.74 22.62
C LEU A 538 -17.99 12.27 23.60
N GLU A 539 -17.30 11.36 24.27
CA GLU A 539 -16.28 11.76 25.23
C GLU A 539 -15.01 12.27 24.58
N TYR A 540 -14.84 12.06 23.27
CA TYR A 540 -13.67 12.60 22.59
C TYR A 540 -13.76 14.11 22.39
N LEU A 541 -14.91 14.72 22.69
CA LEU A 541 -15.08 16.16 22.60
C LEU A 541 -14.72 16.87 23.90
N LEU A 542 -14.20 16.15 24.90
CA LEU A 542 -13.78 16.78 26.14
C LEU A 542 -12.62 17.73 25.87
N PRO A 543 -12.50 18.81 26.65
CA PRO A 543 -11.48 19.82 26.36
C PRO A 543 -10.04 19.31 26.40
N GLN A 544 -9.78 18.23 27.14
CA GLN A 544 -8.42 17.74 27.32
C GLN A 544 -8.04 16.65 26.32
N TYR A 545 -8.89 16.36 25.33
CA TYR A 545 -8.66 15.28 24.39
C TYR A 545 -8.61 15.77 22.95
N ARG A 546 -8.11 17.00 22.71
CA ARG A 546 -8.07 17.59 21.37
C ARG A 546 -6.66 18.12 21.11
N ASN A 547 -5.76 17.25 20.64
CA ASN A 547 -4.41 17.69 20.28
C ASN A 547 -4.08 17.44 18.81
N PHE A 548 -4.08 16.19 18.36
CA PHE A 548 -3.78 15.79 16.97
C PHE A 548 -2.52 16.49 16.44
N SER A 549 -1.37 16.01 16.89
CA SER A 549 -0.12 16.51 16.34
C SER A 549 0.14 15.93 14.94
N PHE A 550 1.03 16.59 14.19
CA PHE A 550 1.58 16.04 12.96
C PHE A 550 2.98 15.46 13.19
N SER A 551 3.42 14.67 12.22
CA SER A 551 4.79 14.17 12.19
C SER A 551 5.19 13.95 10.74
N LEU A 552 6.37 14.43 10.37
CA LEU A 552 6.82 14.35 8.98
C LEU A 552 7.17 12.91 8.62
N LYS A 553 6.88 12.54 7.37
CA LYS A 553 7.03 11.16 6.94
C LYS A 553 8.49 10.86 6.59
N GLU A 554 8.75 9.60 6.27
CA GLU A 554 10.11 9.10 6.05
C GLU A 554 10.65 9.47 4.68
N LYS A 555 11.73 8.80 4.28
CA LYS A 555 12.43 9.09 3.03
C LYS A 555 11.50 9.07 1.82
N GLU A 556 11.36 10.23 1.18
CA GLU A 556 10.58 10.37 -0.05
C GLU A 556 11.29 11.39 -0.92
N LEU A 557 10.59 11.86 -1.97
CA LEU A 557 11.13 12.85 -2.88
C LEU A 557 10.24 14.07 -3.03
N ASN A 558 9.22 14.22 -2.18
CA ASN A 558 8.33 15.36 -2.23
C ASN A 558 8.87 16.49 -1.34
N VAL A 559 8.16 17.63 -1.34
CA VAL A 559 8.51 18.72 -0.45
C VAL A 559 8.11 18.45 0.98
N GLY A 560 7.34 17.38 1.22
CA GLY A 560 6.99 16.98 2.57
C GLY A 560 5.59 16.39 2.67
N ARG A 561 5.50 15.23 3.30
CA ARG A 561 4.24 14.59 3.62
C ARG A 561 4.22 14.26 5.10
N THR A 562 3.03 14.25 5.67
CA THR A 562 2.83 14.18 7.11
C THR A 562 1.94 12.99 7.44
N PHE A 563 1.90 12.64 8.73
CA PHE A 563 0.87 11.75 9.27
C PHE A 563 0.50 12.25 10.66
N GLY A 564 -0.70 11.89 11.11
CA GLY A 564 -1.28 12.44 12.31
C GLY A 564 -1.13 11.52 13.52
N LYS A 565 -1.10 12.13 14.70
CA LYS A 565 -1.06 11.41 15.97
C LYS A 565 -2.15 11.95 16.89
N LEU A 566 -2.89 11.05 17.51
CA LEU A 566 -4.00 11.33 18.41
C LEU A 566 -3.70 10.86 19.82
N PRO A 567 -4.37 11.41 20.84
CA PRO A 567 -4.21 10.90 22.20
C PRO A 567 -4.71 9.46 22.32
N TYR A 568 -4.43 8.86 23.48
CA TYR A 568 -4.61 7.43 23.65
C TYR A 568 -6.05 6.95 23.49
N PRO A 569 -7.05 7.53 24.15
CA PRO A 569 -8.42 6.99 23.98
C PRO A 569 -8.97 7.15 22.57
N THR A 570 -8.70 8.29 21.92
CA THR A 570 -9.12 8.45 20.55
C THR A 570 -8.38 7.49 19.62
N ARG A 571 -7.11 7.20 19.92
CA ARG A 571 -6.38 6.19 19.16
C ARG A 571 -7.03 4.82 19.32
N ASN A 572 -7.48 4.49 20.54
CA ASN A 572 -8.19 3.23 20.75
C ASN A 572 -9.48 3.19 19.94
N VAL A 573 -10.21 4.31 19.89
CA VAL A 573 -11.44 4.36 19.11
C VAL A 573 -11.15 4.15 17.63
N GLN A 574 -10.08 4.79 17.12
CA GLN A 574 -9.71 4.62 15.72
C GLN A 574 -9.34 3.18 15.40
N THR A 575 -8.55 2.54 16.27
CA THR A 575 -8.17 1.15 16.07
C THR A 575 -9.39 0.24 16.09
N LEU A 576 -10.30 0.46 17.03
CA LEU A 576 -11.51 -0.35 17.11
C LEU A 576 -12.37 -0.18 15.87
N CYS A 577 -12.50 1.06 15.37
CA CYS A 577 -13.29 1.29 14.16
C CYS A 577 -12.68 0.57 12.97
N GLU A 578 -11.35 0.63 12.81
CA GLU A 578 -10.72 -0.07 11.70
C GLU A 578 -10.92 -1.57 11.81
N ALA A 579 -10.78 -2.13 13.02
CA ALA A 579 -10.96 -3.56 13.20
C ALA A 579 -12.40 -3.97 12.92
N LEU A 580 -13.37 -3.18 13.37
CA LEU A 580 -14.77 -3.49 13.10
C LEU A 580 -15.07 -3.45 11.61
N LEU A 581 -14.53 -2.45 10.91
CA LEU A 581 -14.79 -2.34 9.47
C LEU A 581 -14.12 -3.45 8.68
N ALA A 582 -12.96 -3.93 9.13
CA ALA A 582 -12.26 -4.97 8.38
C ALA A 582 -13.01 -6.29 8.37
N ASP A 583 -13.93 -6.52 9.31
CA ASP A 583 -14.63 -7.79 9.42
C ASP A 583 -16.09 -7.70 9.01
N GLY A 584 -16.67 -6.51 9.01
CA GLY A 584 -18.06 -6.32 8.64
C GLY A 584 -18.19 -5.82 7.23
N LEU A 585 -18.33 -4.51 7.05
CA LEU A 585 -18.34 -3.91 5.73
C LEU A 585 -16.97 -4.08 5.07
N ALA A 586 -16.82 -3.50 3.88
CA ALA A 586 -15.59 -3.55 3.10
C ALA A 586 -15.31 -4.95 2.58
N LYS A 587 -16.13 -5.91 2.98
CA LYS A 587 -16.15 -7.21 2.34
C LYS A 587 -17.25 -7.29 1.29
N ALA A 588 -18.25 -6.41 1.36
CA ALA A 588 -19.21 -6.23 0.29
C ALA A 588 -18.61 -5.52 -0.92
N PHE A 589 -17.41 -4.95 -0.76
CA PHE A 589 -16.72 -4.23 -1.83
C PHE A 589 -15.34 -4.85 -2.00
N PRO A 590 -15.24 -5.92 -2.81
CA PRO A 590 -13.94 -6.55 -3.02
C PRO A 590 -12.96 -5.62 -3.73
N SER A 591 -11.90 -5.22 -3.04
CA SER A 591 -10.94 -4.28 -3.59
C SER A 591 -9.88 -5.00 -4.43
N ASN A 592 -9.17 -5.95 -3.82
CA ASN A 592 -8.08 -6.65 -4.49
C ASN A 592 -8.64 -7.72 -5.41
N MET A 593 -8.67 -7.41 -6.72
CA MET A 593 -9.07 -8.37 -7.75
C MET A 593 -8.09 -8.25 -8.90
N MET A 594 -7.15 -9.20 -8.98
CA MET A 594 -6.15 -9.23 -10.05
C MET A 594 -6.57 -10.24 -11.11
N VAL A 595 -6.81 -9.75 -12.32
CA VAL A 595 -7.15 -10.59 -13.47
C VAL A 595 -6.40 -10.07 -14.69
N VAL A 596 -5.93 -10.99 -15.52
CA VAL A 596 -5.27 -10.66 -16.78
C VAL A 596 -6.05 -11.34 -17.90
N THR A 597 -6.45 -10.55 -18.90
CA THR A 597 -7.26 -11.10 -20.00
C THR A 597 -6.50 -12.18 -20.76
N GLU A 598 -5.22 -11.94 -21.04
CA GLU A 598 -4.42 -12.91 -21.79
C GLU A 598 -4.12 -14.18 -20.98
N ARG A 599 -4.38 -14.18 -19.68
CA ARG A 599 -4.11 -15.32 -18.82
C ARG A 599 -5.38 -15.80 -18.14
N GLU A 600 -6.48 -15.86 -18.90
CA GLU A 600 -7.77 -16.30 -18.37
C GLU A 600 -8.45 -17.18 -19.40
N GLN A 601 -9.32 -18.07 -18.91
CA GLN A 601 -10.08 -18.93 -19.79
C GLN A 601 -11.07 -18.11 -20.61
N LYS A 602 -11.20 -18.46 -21.89
CA LYS A 602 -12.04 -17.69 -22.80
C LYS A 602 -13.52 -17.81 -22.41
N GLU A 603 -13.96 -19.01 -22.03
CA GLU A 603 -15.37 -19.20 -21.69
C GLU A 603 -15.76 -18.40 -20.45
N SER A 604 -14.93 -18.46 -19.41
CA SER A 604 -15.22 -17.73 -18.19
C SER A 604 -15.20 -16.23 -18.43
N LEU A 605 -14.22 -15.74 -19.21
CA LEU A 605 -14.16 -14.32 -19.53
C LEU A 605 -15.38 -13.88 -20.33
N LEU A 606 -15.82 -14.70 -21.28
CA LEU A 606 -17.02 -14.35 -22.05
C LEU A 606 -18.26 -14.33 -21.17
N HIS A 607 -18.38 -15.30 -20.25
CA HIS A 607 -19.53 -15.32 -19.35
C HIS A 607 -19.53 -14.10 -18.44
N GLN A 608 -18.36 -13.71 -17.93
CA GLN A 608 -18.28 -12.55 -17.04
C GLN A 608 -18.54 -11.24 -17.79
N ALA A 609 -18.05 -11.15 -19.02
CA ALA A 609 -18.18 -9.90 -19.77
C ALA A 609 -19.60 -9.67 -20.25
N SER A 610 -20.39 -10.73 -20.42
CA SER A 610 -21.77 -10.58 -20.87
C SER A 610 -22.57 -9.78 -19.85
N TRP A 611 -23.32 -8.79 -20.35
CA TRP A 611 -24.07 -7.89 -19.49
C TRP A 611 -25.57 -8.19 -19.52
N HIS A 612 -26.18 -8.22 -20.70
CA HIS A 612 -27.61 -8.46 -20.82
C HIS A 612 -27.92 -9.95 -20.80
N ALA A 622 -18.21 -15.36 -29.31
CA ALA A 622 -17.89 -13.94 -29.42
C ALA A 622 -16.63 -13.61 -28.64
N THR A 623 -15.64 -13.05 -29.34
CA THR A 623 -14.38 -12.70 -28.71
C THR A 623 -14.55 -11.52 -27.77
N VAL A 624 -13.68 -11.45 -26.75
CA VAL A 624 -13.73 -10.42 -25.73
C VAL A 624 -12.39 -9.70 -25.70
N ARG A 625 -12.43 -8.37 -25.78
CA ARG A 625 -11.25 -7.53 -25.67
C ARG A 625 -11.35 -6.67 -24.41
N GLY A 626 -10.22 -6.42 -23.78
CA GLY A 626 -10.19 -5.66 -22.55
C GLY A 626 -9.19 -4.53 -22.60
N SER A 627 -9.54 -3.43 -21.94
CA SER A 627 -8.66 -2.28 -21.80
C SER A 627 -8.60 -1.90 -20.32
N SER A 628 -7.75 -0.92 -20.00
CA SER A 628 -7.63 -0.52 -18.60
C SER A 628 -7.07 0.89 -18.51
N PHE A 629 -7.29 1.51 -17.35
CA PHE A 629 -6.67 2.79 -17.04
C PHE A 629 -6.48 2.88 -15.52
N VAL A 630 -5.48 3.64 -15.11
CA VAL A 630 -5.05 3.70 -13.72
C VAL A 630 -5.21 5.13 -13.21
N THR A 631 -5.75 5.26 -12.00
CA THR A 631 -5.85 6.54 -11.32
C THR A 631 -5.18 6.45 -9.96
N ASP A 632 -4.86 7.62 -9.40
CA ASP A 632 -4.11 7.71 -8.16
C ASP A 632 -5.04 7.88 -6.97
N LEU A 633 -4.73 7.19 -5.88
CA LEU A 633 -5.44 7.35 -4.62
C LEU A 633 -4.40 7.78 -3.58
N GLU A 634 -4.04 9.06 -3.60
CA GLU A 634 -3.15 9.62 -2.59
C GLU A 634 -3.75 10.86 -1.94
N LYS A 635 -4.19 11.81 -2.76
CA LYS A 635 -4.66 13.09 -2.27
C LYS A 635 -6.14 13.09 -1.91
N TYR A 636 -6.88 12.02 -2.24
CA TYR A 636 -8.32 12.03 -2.02
C TYR A 636 -8.64 12.22 -0.55
N ASN A 637 -7.72 11.84 0.34
CA ASN A 637 -7.93 12.01 1.77
C ASN A 637 -8.26 13.45 2.12
N LEU A 638 -7.61 14.41 1.45
CA LEU A 638 -7.84 15.81 1.77
C LEU A 638 -9.08 16.38 1.09
N ALA A 639 -9.71 15.62 0.19
CA ALA A 639 -10.85 16.12 -0.56
C ALA A 639 -12.20 15.70 0.00
N PHE A 640 -12.21 15.01 1.14
CA PHE A 640 -13.45 14.50 1.72
C PHE A 640 -14.04 15.52 2.68
N ARG A 641 -15.33 15.81 2.54
CA ARG A 641 -16.05 16.73 3.41
C ARG A 641 -17.24 16.02 4.04
N TYR A 642 -17.70 16.57 5.16
CA TYR A 642 -18.80 15.95 5.90
C TYR A 642 -20.08 15.95 5.09
N GLU A 643 -20.33 17.00 4.29
CA GLU A 643 -21.54 17.10 3.50
C GLU A 643 -21.70 15.93 2.54
N PHE A 644 -20.60 15.29 2.14
CA PHE A 644 -20.64 14.15 1.24
C PHE A 644 -20.64 12.81 1.97
N THR A 645 -19.91 12.70 3.08
CA THR A 645 -19.72 11.44 3.78
C THR A 645 -20.70 11.22 4.92
N ALA A 646 -21.59 12.17 5.20
CA ALA A 646 -22.53 11.98 6.30
C ALA A 646 -23.47 10.80 6.13
N PRO A 647 -24.17 10.61 5.00
CA PRO A 647 -25.10 9.47 4.91
C PRO A 647 -24.42 8.12 5.05
N PHE A 648 -23.23 7.95 4.48
CA PHE A 648 -22.52 6.68 4.59
C PHE A 648 -22.13 6.40 6.03
N ILE A 649 -21.68 7.43 6.75
CA ILE A 649 -21.31 7.27 8.15
C ILE A 649 -22.54 6.89 8.98
N GLU A 650 -23.67 7.54 8.72
CA GLU A 650 -24.89 7.20 9.46
C GLU A 650 -25.33 5.77 9.18
N TYR A 651 -25.24 5.33 7.92
CA TYR A 651 -25.60 3.96 7.60
C TYR A 651 -24.65 2.97 8.26
N CYS A 652 -23.35 3.28 8.31
CA CYS A 652 -22.41 2.41 8.99
C CYS A 652 -22.73 2.32 10.48
N ASN A 653 -23.12 3.43 11.08
CA ASN A 653 -23.55 3.39 12.49
C ASN A 653 -24.79 2.52 12.66
N ARG A 654 -25.74 2.63 11.72
CA ARG A 654 -26.98 1.87 11.84
C ARG A 654 -26.78 0.37 11.64
N CYS A 655 -25.85 -0.02 10.77
CA CYS A 655 -25.61 -1.45 10.54
C CYS A 655 -25.09 -2.15 11.79
N TYR A 656 -24.49 -1.43 12.72
CA TYR A 656 -24.13 -1.94 14.02
C TYR A 656 -25.13 -1.44 15.05
N GLY A 657 -24.86 -1.68 16.32
CA GLY A 657 -25.75 -1.19 17.36
C GLY A 657 -25.27 0.11 17.98
N VAL A 658 -24.39 0.81 17.28
CA VAL A 658 -23.72 1.97 17.82
C VAL A 658 -24.42 3.24 17.35
N LYS A 659 -24.08 4.37 17.97
CA LYS A 659 -24.77 5.63 17.71
C LYS A 659 -23.86 6.72 17.17
N ASN A 660 -22.71 6.97 17.80
CA ASN A 660 -21.82 8.05 17.40
C ASN A 660 -20.38 7.57 17.33
N VAL A 661 -20.17 6.40 16.73
CA VAL A 661 -18.86 5.77 16.76
C VAL A 661 -18.05 6.09 15.52
N PHE A 662 -18.66 6.06 14.34
CA PHE A 662 -17.93 6.18 13.08
C PHE A 662 -17.77 7.61 12.61
N ASN A 663 -18.22 8.61 13.37
CA ASN A 663 -18.06 10.01 12.99
C ASN A 663 -17.24 10.77 14.02
N TRP A 664 -16.29 10.08 14.68
CA TRP A 664 -15.41 10.75 15.63
C TRP A 664 -14.49 11.75 14.93
N MET A 665 -13.96 11.37 13.76
CA MET A 665 -12.97 12.19 13.08
C MET A 665 -13.56 13.51 12.60
N HIS A 666 -14.72 13.45 11.95
CA HIS A 666 -15.34 14.67 11.46
C HIS A 666 -15.84 15.57 12.59
N TYR A 667 -15.96 15.03 13.80
CA TYR A 667 -16.44 15.82 14.93
C TYR A 667 -15.31 16.44 15.74
N THR A 668 -14.16 15.78 15.86
CA THR A 668 -13.13 16.27 16.76
C THR A 668 -11.96 16.94 16.06
N ILE A 669 -11.81 16.78 14.75
CA ILE A 669 -10.64 17.31 14.05
C ILE A 669 -10.73 18.82 13.84
N PRO A 670 -11.85 19.39 13.37
CA PRO A 670 -11.90 20.85 13.20
C PRO A 670 -11.74 21.64 14.48
N GLN A 671 -11.93 21.02 15.65
CA GLN A 671 -11.79 21.71 16.92
C GLN A 671 -10.37 21.71 17.45
N CYS A 672 -9.41 21.17 16.72
CA CYS A 672 -8.03 21.05 17.17
C CYS A 672 -7.17 22.17 16.61
N TYR A 673 -6.03 22.38 17.26
CA TYR A 673 -5.02 23.35 16.83
C TYR A 673 -3.91 22.60 16.11
N MET A 674 -3.75 22.86 14.81
CA MET A 674 -2.86 22.06 13.98
C MET A 674 -1.43 22.58 14.06
N HIS A 675 -0.49 21.67 14.31
CA HIS A 675 0.92 22.02 14.41
C HIS A 675 1.75 20.76 14.22
N VAL A 676 3.04 20.96 13.95
CA VAL A 676 3.99 19.87 13.75
C VAL A 676 4.86 19.78 14.99
N SER A 677 4.92 18.59 15.60
CA SER A 677 5.69 18.38 16.82
C SER A 677 7.15 18.11 16.46
N ASP A 678 7.81 19.17 16.00
CA ASP A 678 9.24 19.13 15.75
C ASP A 678 9.98 19.60 17.00
N TYR A 679 10.97 18.83 17.44
CA TYR A 679 11.58 19.06 18.73
C TYR A 679 12.32 20.41 18.78
N TYR A 680 12.94 20.82 17.68
CA TYR A 680 13.84 21.97 17.70
C TYR A 680 13.22 23.24 17.12
N ASN A 681 11.94 23.24 16.78
CA ASN A 681 11.28 24.50 16.46
C ASN A 681 9.80 24.49 16.80
N PRO A 682 9.38 25.35 17.73
CA PRO A 682 7.95 25.44 18.08
C PRO A 682 7.22 26.34 17.10
N PRO A 683 5.90 26.47 17.24
CA PRO A 683 5.17 27.44 16.41
C PRO A 683 5.66 28.86 16.64
N HIS A 684 5.52 29.68 15.60
CA HIS A 684 6.01 31.06 15.66
C HIS A 684 5.26 31.86 16.71
N ASN A 685 5.98 32.77 17.36
CA ASN A 685 5.41 33.72 18.32
C ASN A 685 4.68 33.01 19.46
N LEU A 686 5.36 32.02 20.05
CA LEU A 686 4.83 31.28 21.19
C LEU A 686 5.48 31.78 22.46
N THR A 687 4.67 32.33 23.36
CA THR A 687 5.16 32.89 24.62
C THR A 687 4.34 32.31 25.77
N LEU A 688 4.75 32.65 27.00
CA LEU A 688 4.05 32.17 28.18
C LEU A 688 2.68 32.82 28.33
N GLU A 689 2.44 33.97 27.70
CA GLU A 689 1.17 34.65 27.84
C GLU A 689 0.09 34.01 26.97
N ASN A 690 0.34 33.92 25.67
CA ASN A 690 -0.60 33.30 24.74
C ASN A 690 -0.35 31.79 24.62
N ARG A 691 -0.29 31.12 25.75
CA ARG A 691 -0.06 29.68 25.78
C ARG A 691 -1.36 28.88 25.70
N ASN A 692 -2.42 29.37 26.34
CA ASN A 692 -3.70 28.67 26.30
C ASN A 692 -4.41 28.85 24.96
N ASN A 693 -4.23 30.01 24.32
CA ASN A 693 -4.86 30.31 23.03
C ASN A 693 -3.76 30.80 22.09
N PRO A 694 -2.95 29.89 21.55
CA PRO A 694 -1.82 30.31 20.74
C PRO A 694 -2.28 30.83 19.39
N PRO A 695 -1.56 31.78 18.80
CA PRO A 695 -1.93 32.28 17.48
C PRO A 695 -1.48 31.34 16.38
N GLU A 696 -2.09 31.52 15.22
CA GLU A 696 -1.75 30.74 14.03
C GLU A 696 -0.89 31.57 13.09
N GLY A 697 0.09 30.92 12.47
CA GLY A 697 1.00 31.60 11.59
C GLY A 697 1.40 30.75 10.40
N PRO A 698 2.66 30.85 9.97
CA PRO A 698 3.12 30.08 8.81
C PRO A 698 3.09 28.57 9.03
N SER A 699 3.06 28.10 10.27
CA SER A 699 3.11 26.67 10.56
C SER A 699 1.98 26.24 11.49
N SER A 700 0.83 26.91 11.43
CA SER A 700 -0.30 26.55 12.28
C SER A 700 -1.57 27.08 11.67
N TYR A 701 -2.68 26.41 11.96
CA TYR A 701 -4.01 26.85 11.54
C TYR A 701 -5.06 26.12 12.38
N ARG A 702 -6.30 26.57 12.27
CA ARG A 702 -7.39 26.09 13.11
C ARG A 702 -8.39 25.23 12.35
N GLY A 703 -8.95 25.73 11.25
CA GLY A 703 -10.04 25.03 10.60
C GLY A 703 -9.63 24.01 9.57
N HIS A 704 -9.64 22.74 9.95
CA HIS A 704 -9.29 21.63 9.07
C HIS A 704 -10.59 20.89 8.73
N MET A 705 -11.05 21.04 7.49
CA MET A 705 -12.33 20.47 7.08
C MET A 705 -12.21 19.15 6.34
N GLY A 706 -11.03 18.81 5.84
CA GLY A 706 -10.83 17.57 5.11
C GLY A 706 -10.49 16.41 6.03
N GLY A 707 -10.19 15.27 5.40
CA GLY A 707 -9.79 14.09 6.13
C GLY A 707 -8.28 14.04 6.34
N ILE A 708 -7.85 12.95 6.96
CA ILE A 708 -6.44 12.75 7.26
C ILE A 708 -6.02 11.41 6.67
N GLU A 709 -4.86 11.40 6.01
CA GLU A 709 -4.27 10.18 5.46
C GLU A 709 -4.07 9.12 6.54
N GLY A 710 -4.35 7.88 6.18
CA GLY A 710 -4.26 6.77 7.11
C GLY A 710 -5.54 6.43 7.84
N LEU A 711 -6.14 7.42 8.49
CA LEU A 711 -7.37 7.19 9.23
C LEU A 711 -8.53 6.99 8.29
N GLN A 712 -9.43 6.08 8.66
CA GLN A 712 -10.69 5.85 7.93
C GLN A 712 -10.44 5.50 6.47
N GLN A 713 -9.41 4.68 6.21
CA GLN A 713 -9.07 4.34 4.83
C GLN A 713 -10.10 3.39 4.23
N LYS A 714 -10.60 2.44 5.03
CA LYS A 714 -11.50 1.42 4.52
C LYS A 714 -12.84 2.01 4.06
N LEU A 715 -13.37 2.97 4.83
CA LEU A 715 -14.63 3.61 4.44
C LEU A 715 -14.47 4.36 3.11
N TRP A 716 -13.35 5.07 2.94
CA TRP A 716 -13.13 5.82 1.72
C TRP A 716 -12.92 4.88 0.53
N THR A 717 -12.23 3.76 0.74
CA THR A 717 -12.09 2.76 -0.31
C THR A 717 -13.45 2.20 -0.71
N SER A 718 -14.32 1.94 0.28
CA SER A 718 -15.66 1.46 -0.03
C SER A 718 -16.46 2.50 -0.82
N ILE A 719 -16.30 3.78 -0.48
CA ILE A 719 -17.01 4.83 -1.22
C ILE A 719 -16.51 4.91 -2.66
N SER A 720 -15.19 4.77 -2.85
CA SER A 720 -14.65 4.76 -4.21
C SER A 720 -15.18 3.58 -5.02
N CYS A 721 -15.25 2.40 -4.39
CA CYS A 721 -15.80 1.24 -5.07
C CYS A 721 -17.28 1.47 -5.43
N ALA A 722 -18.03 2.10 -4.53
CA ALA A 722 -19.42 2.41 -4.83
C ALA A 722 -19.54 3.37 -6.02
N GLN A 723 -18.66 4.36 -6.09
CA GLN A 723 -18.67 5.28 -7.23
C GLN A 723 -18.37 4.54 -8.53
N ILE A 724 -17.39 3.63 -8.50
CA ILE A 724 -17.08 2.85 -9.69
C ILE A 724 -18.26 1.99 -10.10
N SER A 725 -18.94 1.39 -9.13
CA SER A 725 -20.12 0.59 -9.44
C SER A 725 -21.25 1.44 -10.03
N LEU A 726 -21.42 2.67 -9.52
CA LEU A 726 -22.41 3.56 -10.09
C LEU A 726 -22.09 3.91 -11.54
N VAL A 727 -20.81 4.15 -11.83
CA VAL A 727 -20.41 4.41 -13.21
C VAL A 727 -20.70 3.19 -14.08
N GLU A 728 -20.41 1.99 -13.57
CA GLU A 728 -20.67 0.77 -14.32
C GLU A 728 -22.16 0.60 -14.60
N ILE A 729 -23.01 0.93 -13.62
CA ILE A 729 -24.46 0.84 -13.83
C ILE A 729 -24.91 1.86 -14.87
N LYS A 730 -24.37 3.08 -14.82
CA LYS A 730 -24.82 4.14 -15.70
C LYS A 730 -24.54 3.83 -17.16
N THR A 731 -23.36 3.32 -17.47
CA THR A 731 -22.97 2.97 -18.83
C THR A 731 -22.79 1.47 -18.94
N GLY A 732 -23.43 0.86 -19.92
CA GLY A 732 -23.51 -0.59 -19.99
C GLY A 732 -22.22 -1.27 -20.37
N PHE A 733 -21.23 -1.23 -19.47
CA PHE A 733 -19.94 -1.88 -19.67
C PHE A 733 -19.62 -2.72 -18.44
N LYS A 734 -18.81 -3.75 -18.64
CA LYS A 734 -18.36 -4.61 -17.56
C LYS A 734 -17.03 -4.08 -17.02
N LEU A 735 -17.03 -3.72 -15.75
CA LEU A 735 -15.89 -3.05 -15.11
C LEU A 735 -15.37 -3.87 -13.95
N ARG A 736 -14.05 -3.95 -13.83
CA ARG A 736 -13.40 -4.53 -12.66
C ARG A 736 -12.38 -3.55 -12.12
N SER A 737 -12.20 -3.56 -10.80
CA SER A 737 -11.34 -2.58 -10.14
C SER A 737 -10.40 -3.28 -9.18
N ALA A 738 -9.24 -2.68 -8.98
CA ALA A 738 -8.27 -3.13 -8.00
C ALA A 738 -7.64 -1.92 -7.33
N VAL A 739 -7.41 -2.02 -6.02
CA VAL A 739 -6.85 -0.92 -5.23
C VAL A 739 -5.67 -1.45 -4.44
N MET A 740 -4.54 -0.75 -4.53
CA MET A 740 -3.37 -1.12 -3.74
C MET A 740 -2.50 0.11 -3.49
N GLY A 741 -1.94 0.18 -2.28
CA GLY A 741 -1.06 1.28 -1.92
C GLY A 741 -1.71 2.63 -2.04
N ASP A 742 -1.29 3.39 -3.06
CA ASP A 742 -1.85 4.71 -3.33
C ASP A 742 -2.45 4.80 -4.72
N ASN A 743 -2.80 3.67 -5.33
CA ASN A 743 -3.27 3.66 -6.71
C ASN A 743 -4.43 2.69 -6.85
N GLN A 744 -5.21 2.89 -7.90
CA GLN A 744 -6.26 1.95 -8.30
C GLN A 744 -6.24 1.82 -9.82
N CYS A 745 -6.60 0.62 -10.29
CA CYS A 745 -6.62 0.30 -11.70
C CYS A 745 -7.99 -0.26 -12.05
N ILE A 746 -8.59 0.27 -13.12
CA ILE A 746 -9.91 -0.13 -13.57
C ILE A 746 -9.79 -0.69 -14.98
N THR A 747 -10.28 -1.92 -15.16
CA THR A 747 -10.28 -2.58 -16.47
C THR A 747 -11.71 -2.73 -16.97
N VAL A 748 -11.86 -2.61 -18.28
CA VAL A 748 -13.15 -2.61 -18.95
C VAL A 748 -13.16 -3.72 -19.99
N LEU A 749 -14.21 -4.52 -19.98
CA LEU A 749 -14.40 -5.59 -20.96
C LEU A 749 -15.45 -5.16 -21.97
N SER A 750 -15.15 -5.34 -23.26
CA SER A 750 -15.96 -4.76 -24.32
C SER A 750 -16.81 -5.77 -25.08
N VAL A 751 -16.38 -7.03 -25.17
CA VAL A 751 -16.98 -8.14 -25.93
C VAL A 751 -17.32 -7.75 -27.37
N PHE A 752 -16.82 -8.54 -28.32
CA PHE A 752 -16.90 -8.20 -29.73
C PHE A 752 -17.47 -9.37 -30.52
N PRO A 753 -18.08 -9.08 -31.68
CA PRO A 753 -18.53 -10.17 -32.57
C PRO A 753 -17.36 -10.95 -33.16
N LEU A 754 -17.66 -11.97 -33.96
CA LEU A 754 -16.61 -12.83 -34.50
C LEU A 754 -15.89 -12.18 -35.68
N GLU A 755 -16.65 -11.86 -36.75
CA GLU A 755 -16.06 -11.31 -37.97
C GLU A 755 -15.93 -9.80 -37.81
N THR A 756 -14.89 -9.38 -37.10
CA THR A 756 -14.60 -7.96 -36.93
C THR A 756 -13.11 -7.65 -36.98
N ASP A 757 -12.27 -8.60 -37.43
CA ASP A 757 -10.82 -8.43 -37.51
C ASP A 757 -10.20 -8.20 -36.14
N ALA A 758 -8.87 -8.03 -36.10
CA ALA A 758 -8.15 -7.82 -34.86
C ALA A 758 -7.34 -6.53 -34.86
N ASP A 759 -7.50 -5.68 -35.88
CA ASP A 759 -6.78 -4.43 -35.93
C ASP A 759 -7.57 -3.28 -35.30
N GLU A 760 -8.85 -3.17 -35.63
CA GLU A 760 -9.70 -2.13 -35.05
C GLU A 760 -10.29 -2.51 -33.70
N GLN A 761 -10.13 -3.77 -33.28
CA GLN A 761 -10.61 -4.18 -31.96
C GLN A 761 -9.89 -3.42 -30.85
N GLU A 762 -8.57 -3.28 -30.98
CA GLU A 762 -7.82 -2.53 -29.98
C GLU A 762 -8.25 -1.07 -29.94
N GLN A 763 -8.48 -0.47 -31.12
CA GLN A 763 -8.92 0.92 -31.18
C GLN A 763 -10.29 1.09 -30.51
N SER A 764 -11.22 0.17 -30.79
CA SER A 764 -12.54 0.28 -30.18
C SER A 764 -12.47 0.06 -28.67
N ALA A 765 -11.63 -0.87 -28.22
CA ALA A 765 -11.48 -1.08 -26.77
C ALA A 765 -10.89 0.15 -26.09
N GLU A 766 -9.90 0.79 -26.73
CA GLU A 766 -9.34 2.01 -26.17
C GLU A 766 -10.36 3.13 -26.14
N ASP A 767 -11.20 3.23 -27.18
CA ASP A 767 -12.25 4.24 -27.18
C ASP A 767 -13.25 4.00 -26.05
N ASN A 768 -13.63 2.74 -25.83
CA ASN A 768 -14.54 2.43 -24.73
C ASN A 768 -13.91 2.77 -23.38
N ALA A 769 -12.62 2.47 -23.22
CA ALA A 769 -11.94 2.82 -21.98
C ALA A 769 -11.90 4.32 -21.76
N ALA A 770 -11.66 5.08 -22.84
CA ALA A 770 -11.65 6.53 -22.72
C ALA A 770 -13.03 7.08 -22.34
N ARG A 771 -14.08 6.52 -22.93
CA ARG A 771 -15.43 6.94 -22.58
C ARG A 771 -15.74 6.66 -21.11
N VAL A 772 -15.37 5.47 -20.64
CA VAL A 772 -15.58 5.13 -19.24
C VAL A 772 -14.79 6.06 -18.33
N ALA A 773 -13.55 6.40 -18.75
CA ALA A 773 -12.73 7.32 -17.95
C ALA A 773 -13.37 8.70 -17.87
N ALA A 774 -13.93 9.20 -18.98
CA ALA A 774 -14.60 10.49 -18.96
C ALA A 774 -15.82 10.47 -18.05
N SER A 775 -16.61 9.40 -18.12
CA SER A 775 -17.78 9.30 -17.25
C SER A 775 -17.38 9.25 -15.79
N LEU A 776 -16.33 8.49 -15.46
CA LEU A 776 -15.85 8.42 -14.08
C LEU A 776 -15.32 9.76 -13.62
N ALA A 777 -14.63 10.49 -14.50
CA ALA A 777 -14.14 11.81 -14.13
C ALA A 777 -15.29 12.75 -13.79
N LYS A 778 -16.35 12.74 -14.60
CA LYS A 778 -17.51 13.58 -14.31
C LYS A 778 -18.15 13.20 -12.97
N VAL A 779 -18.35 11.89 -12.76
CA VAL A 779 -19.02 11.43 -11.53
C VAL A 779 -18.19 11.80 -10.31
N THR A 780 -16.88 11.59 -10.38
CA THR A 780 -16.01 11.89 -9.25
C THR A 780 -15.93 13.39 -8.99
N SER A 781 -15.89 14.19 -10.05
CA SER A 781 -15.85 15.65 -9.88
C SER A 781 -17.12 16.15 -9.22
N ALA A 782 -18.27 15.56 -9.56
CA ALA A 782 -19.53 16.01 -8.96
C ALA A 782 -19.58 15.77 -7.46
N CYS A 783 -18.68 14.95 -6.91
CA CYS A 783 -18.63 14.68 -5.48
C CYS A 783 -17.59 15.52 -4.74
N GLY A 784 -16.91 16.44 -5.44
CA GLY A 784 -15.90 17.28 -4.83
C GLY A 784 -14.48 16.80 -5.00
N ILE A 785 -14.26 15.71 -5.73
CA ILE A 785 -12.95 15.11 -5.91
C ILE A 785 -12.56 15.21 -7.37
N PHE A 786 -11.38 15.77 -7.65
CA PHE A 786 -10.98 16.10 -9.01
C PHE A 786 -9.89 15.15 -9.50
N LEU A 787 -10.10 14.60 -10.69
CA LEU A 787 -9.11 13.78 -11.36
C LEU A 787 -8.14 14.64 -12.17
N LYS A 788 -7.08 14.00 -12.66
CA LYS A 788 -6.09 14.67 -13.49
C LYS A 788 -6.08 14.03 -14.88
N PRO A 789 -6.74 14.64 -15.88
CA PRO A 789 -6.71 14.06 -17.23
C PRO A 789 -5.31 14.00 -17.82
N ASP A 790 -4.41 14.91 -17.42
CA ASP A 790 -3.05 14.88 -17.93
C ASP A 790 -2.27 13.69 -17.39
N GLU A 791 -2.60 13.23 -16.18
CA GLU A 791 -1.89 12.12 -15.56
C GLU A 791 -2.52 10.77 -15.82
N THR A 792 -3.83 10.72 -16.06
CA THR A 792 -4.51 9.46 -16.33
C THR A 792 -4.25 9.05 -17.77
N PHE A 793 -3.72 7.83 -17.96
CA PHE A 793 -3.43 7.32 -19.28
C PHE A 793 -4.26 6.07 -19.54
N VAL A 794 -4.55 5.83 -20.82
CA VAL A 794 -5.36 4.70 -21.26
C VAL A 794 -4.51 3.81 -22.14
N HIS A 795 -4.43 2.52 -21.78
CA HIS A 795 -3.70 1.54 -22.57
C HIS A 795 -4.61 0.34 -22.81
N SER A 796 -4.06 -0.68 -23.47
CA SER A 796 -4.84 -1.86 -23.82
C SER A 796 -4.17 -3.15 -23.35
N GLY A 797 -2.84 -3.15 -23.27
CA GLY A 797 -2.13 -4.36 -22.91
C GLY A 797 -1.26 -4.26 -21.68
N PHE A 798 -0.77 -3.06 -21.38
CA PHE A 798 0.16 -2.85 -20.28
C PHE A 798 -0.61 -2.48 -19.02
N ILE A 799 -0.45 -3.29 -17.97
CA ILE A 799 -1.05 -3.01 -16.68
C ILE A 799 0.02 -3.10 -15.60
N TYR A 800 0.22 -2.00 -14.88
CA TYR A 800 1.13 -1.96 -13.74
C TYR A 800 0.31 -1.66 -12.50
N PHE A 801 0.54 -2.43 -11.43
CA PHE A 801 -0.30 -2.30 -10.25
C PHE A 801 0.44 -2.87 -9.06
N GLY A 802 0.70 -2.03 -8.05
CA GLY A 802 1.37 -2.47 -6.85
C GLY A 802 2.73 -3.07 -7.12
N LYS A 803 2.83 -4.40 -6.97
CA LYS A 803 4.08 -5.12 -7.15
C LYS A 803 4.10 -5.97 -8.41
N LYS A 804 3.12 -5.82 -9.31
CA LYS A 804 3.05 -6.65 -10.50
C LYS A 804 2.87 -5.80 -11.75
N GLN A 805 3.70 -6.06 -12.75
CA GLN A 805 3.61 -5.38 -14.04
C GLN A 805 3.52 -6.42 -15.14
N TYR A 806 2.55 -6.26 -16.04
CA TYR A 806 2.33 -7.16 -17.15
C TYR A 806 2.22 -6.36 -18.43
N LEU A 807 2.83 -6.89 -19.50
CA LEU A 807 2.77 -6.28 -20.83
C LEU A 807 2.18 -7.31 -21.79
N ASN A 808 0.89 -7.15 -22.10
CA ASN A 808 0.16 -8.08 -22.97
C ASN A 808 0.22 -9.50 -22.44
N GLY A 809 0.09 -9.65 -21.11
CA GLY A 809 0.10 -10.95 -20.49
C GLY A 809 1.47 -11.48 -20.12
N VAL A 810 2.53 -10.78 -20.48
CA VAL A 810 3.90 -11.20 -20.18
C VAL A 810 4.37 -10.46 -18.94
N GLN A 811 4.77 -11.21 -17.92
CA GLN A 811 5.24 -10.60 -16.69
C GLN A 811 6.63 -10.00 -16.88
N LEU A 812 6.83 -8.83 -16.27
CA LEU A 812 8.12 -8.15 -16.40
C LEU A 812 8.93 -8.29 -15.12
N PRO A 813 10.25 -8.42 -15.22
CA PRO A 813 11.08 -8.64 -14.04
C PRO A 813 11.31 -7.37 -13.24
N GLN A 814 11.40 -7.54 -11.92
CA GLN A 814 11.76 -6.46 -11.01
C GLN A 814 12.47 -7.08 -9.81
N SER A 815 13.80 -7.10 -9.87
CA SER A 815 14.61 -7.71 -8.83
C SER A 815 15.62 -6.76 -8.21
N LEU A 816 15.90 -5.61 -8.83
CA LEU A 816 16.87 -4.68 -8.27
C LEU A 816 16.35 -4.05 -6.98
N LYS A 817 15.04 -3.80 -6.90
CA LYS A 817 14.48 -3.10 -5.74
C LYS A 817 14.68 -3.89 -4.45
N THR A 818 14.75 -5.22 -4.53
CA THR A 818 14.99 -6.04 -3.36
C THR A 818 16.47 -6.39 -3.20
N ALA A 819 17.18 -6.58 -4.32
CA ALA A 819 18.56 -7.01 -4.25
C ALA A 819 19.50 -5.88 -3.83
N THR A 820 19.17 -4.64 -4.16
CA THR A 820 20.05 -3.51 -3.84
C THR A 820 19.99 -3.11 -2.38
N ARG A 821 19.07 -3.67 -1.60
CA ARG A 821 18.92 -3.32 -0.20
C ARG A 821 19.73 -4.22 0.74
N MET A 822 20.51 -5.16 0.19
CA MET A 822 21.36 -5.99 1.03
C MET A 822 22.47 -5.15 1.65
N ALA A 823 22.72 -5.36 2.93
CA ALA A 823 23.72 -4.59 3.66
C ALA A 823 24.21 -5.41 4.84
N PRO A 824 25.48 -5.28 5.20
CA PRO A 824 25.98 -6.01 6.38
C PRO A 824 25.30 -5.64 7.68
N LEU A 825 24.85 -4.39 7.82
CA LEU A 825 24.30 -3.88 9.07
C LEU A 825 22.81 -3.66 8.93
N SER A 826 22.03 -4.16 9.89
CA SER A 826 20.60 -3.93 9.93
C SER A 826 20.15 -3.97 11.39
N ASP A 827 18.97 -3.40 11.63
CA ASP A 827 18.42 -3.34 12.98
C ASP A 827 17.75 -4.67 13.28
N ALA A 828 18.41 -5.51 14.09
CA ALA A 828 17.92 -6.84 14.39
C ALA A 828 18.09 -7.17 15.87
N ILE A 829 17.76 -6.20 16.74
CA ILE A 829 17.80 -6.37 18.19
C ILE A 829 19.22 -6.63 18.66
N PHE A 830 19.89 -5.59 19.15
CA PHE A 830 21.25 -5.69 19.71
C PHE A 830 22.25 -6.24 18.69
N ASP A 831 22.03 -5.92 17.41
CA ASP A 831 22.95 -6.30 16.33
C ASP A 831 23.20 -7.81 16.31
N ASP A 832 22.11 -8.57 16.42
CA ASP A 832 22.22 -10.02 16.42
C ASP A 832 22.67 -10.53 15.05
N LEU A 833 23.65 -11.42 15.05
CA LEU A 833 24.16 -11.97 13.79
C LEU A 833 23.11 -12.83 13.10
N GLN A 834 22.36 -13.62 13.87
CA GLN A 834 21.36 -14.50 13.28
C GLN A 834 20.28 -13.72 12.57
N GLY A 835 19.81 -12.62 13.18
CA GLY A 835 18.80 -11.81 12.53
C GLY A 835 19.28 -11.18 11.24
N THR A 836 20.52 -10.68 11.24
CA THR A 836 21.08 -10.09 10.03
C THR A 836 21.20 -11.11 8.91
N LEU A 837 21.70 -12.31 9.23
CA LEU A 837 21.83 -13.34 8.22
C LEU A 837 20.47 -13.78 7.70
N ALA A 838 19.48 -13.87 8.59
CA ALA A 838 18.13 -14.24 8.17
C ALA A 838 17.54 -13.18 7.24
N SER A 839 17.76 -11.90 7.55
CA SER A 839 17.27 -10.84 6.68
C SER A 839 17.93 -10.90 5.31
N ILE A 840 19.24 -11.15 5.27
CA ILE A 840 19.94 -11.27 3.99
C ILE A 840 19.38 -12.43 3.18
N GLY A 841 19.15 -13.57 3.84
CA GLY A 841 18.59 -14.72 3.15
C GLY A 841 17.20 -14.45 2.61
N THR A 842 16.35 -13.79 3.39
CA THR A 842 15.01 -13.46 2.93
C THR A 842 15.06 -12.50 1.74
N ALA A 843 15.93 -11.50 1.80
CA ALA A 843 16.07 -10.58 0.67
C ALA A 843 16.53 -11.31 -0.59
N PHE A 844 17.49 -12.23 -0.44
CA PHE A 844 17.96 -13.00 -1.60
C PHE A 844 16.83 -13.85 -2.18
N GLU A 845 16.05 -14.50 -1.33
CA GLU A 845 14.96 -15.33 -1.81
C GLU A 845 13.90 -14.50 -2.54
N ARG A 846 13.54 -13.35 -1.97
CA ARG A 846 12.56 -12.49 -2.62
C ARG A 846 13.07 -11.96 -3.96
N SER A 847 14.36 -11.60 -4.01
CA SER A 847 14.92 -11.11 -5.27
C SER A 847 14.96 -12.20 -6.33
N ILE A 848 15.35 -13.42 -5.96
CA ILE A 848 15.42 -14.49 -6.95
C ILE A 848 14.04 -14.97 -7.35
N SER A 849 13.00 -14.66 -6.55
CA SER A 849 11.65 -14.97 -6.97
C SER A 849 11.29 -14.31 -8.30
N GLU A 850 11.84 -13.13 -8.58
CA GLU A 850 11.66 -12.46 -9.84
C GLU A 850 12.79 -12.86 -10.80
N THR A 851 12.91 -12.11 -11.90
CA THR A 851 13.99 -12.21 -12.90
C THR A 851 14.21 -13.62 -13.43
N ARG A 852 15.24 -13.81 -14.25
CA ARG A 852 15.57 -15.13 -14.77
C ARG A 852 17.03 -15.52 -14.56
N HIS A 853 17.87 -14.63 -14.02
CA HIS A 853 19.23 -14.96 -13.67
C HIS A 853 19.30 -15.38 -12.21
N ILE A 854 20.39 -16.08 -11.86
CA ILE A 854 20.56 -16.66 -10.53
C ILE A 854 21.85 -16.16 -9.88
N PHE A 855 22.95 -16.17 -10.61
CA PHE A 855 24.26 -15.93 -10.02
C PHE A 855 24.44 -14.53 -9.40
N PRO A 856 24.00 -13.43 -10.02
CA PRO A 856 24.28 -12.11 -9.40
C PRO A 856 23.76 -11.96 -7.98
N CYS A 857 22.52 -12.38 -7.72
CA CYS A 857 21.93 -12.24 -6.40
C CYS A 857 22.68 -13.09 -5.37
N ARG A 858 23.00 -14.33 -5.73
CA ARG A 858 23.72 -15.20 -4.81
C ARG A 858 25.11 -14.66 -4.52
N ILE A 859 25.78 -14.13 -5.54
CA ILE A 859 27.11 -13.55 -5.33
C ILE A 859 27.04 -12.36 -4.40
N THR A 860 26.03 -11.50 -4.58
CA THR A 860 25.88 -10.36 -3.68
C THR A 860 25.62 -10.80 -2.24
N ALA A 861 24.74 -11.80 -2.06
CA ALA A 861 24.45 -12.28 -0.72
C ALA A 861 25.67 -12.90 -0.07
N ALA A 862 26.43 -13.68 -0.83
CA ALA A 862 27.65 -14.29 -0.28
C ALA A 862 28.69 -13.23 0.07
N PHE A 863 28.78 -12.17 -0.73
CA PHE A 863 29.68 -11.08 -0.42
C PHE A 863 29.29 -10.40 0.89
N HIS A 864 28.00 -10.16 1.09
CA HIS A 864 27.57 -9.41 2.27
C HIS A 864 27.58 -10.24 3.54
N THR A 865 27.39 -11.56 3.44
CA THR A 865 27.34 -12.39 4.64
C THR A 865 28.68 -12.36 5.40
N PHE A 866 29.77 -12.63 4.70
CA PHE A 866 31.09 -12.65 5.34
C PHE A 866 31.45 -11.27 5.89
N PHE A 867 31.12 -10.22 5.14
CA PHE A 867 31.40 -8.86 5.59
C PHE A 867 30.65 -8.54 6.87
N SER A 868 29.37 -8.94 6.95
CA SER A 868 28.61 -8.73 8.17
C SER A 868 29.21 -9.50 9.35
N VAL A 869 29.62 -10.75 9.10
CA VAL A 869 30.19 -11.56 10.19
C VAL A 869 31.45 -10.89 10.73
N ARG A 870 32.35 -10.48 9.85
CA ARG A 870 33.60 -9.86 10.30
C ARG A 870 33.35 -8.53 11.01
N ILE A 871 32.48 -7.69 10.45
CA ILE A 871 32.25 -6.38 11.04
C ILE A 871 31.56 -6.50 12.39
N LEU A 872 30.73 -7.52 12.59
CA LEU A 872 30.16 -7.74 13.91
C LEU A 872 31.17 -8.34 14.87
N GLN A 873 32.09 -9.16 14.37
CA GLN A 873 33.12 -9.73 15.24
C GLN A 873 34.03 -8.66 15.79
N TYR A 874 34.41 -7.68 14.97
CA TYR A 874 35.42 -6.71 15.39
C TYR A 874 34.86 -5.41 15.94
N HIS A 875 33.67 -5.00 15.53
CA HIS A 875 33.16 -3.65 15.83
C HIS A 875 31.74 -3.71 16.37
N HIS A 876 31.50 -4.59 17.35
CA HIS A 876 30.18 -4.66 17.97
C HIS A 876 29.94 -3.44 18.84
N LEU A 877 28.76 -2.84 18.69
CA LEU A 877 28.43 -1.62 19.42
C LEU A 877 28.01 -1.89 20.87
N GLY A 878 27.60 -3.12 21.18
CA GLY A 878 27.14 -3.43 22.52
C GLY A 878 28.22 -3.58 23.56
N PHE A 879 29.48 -3.62 23.15
CA PHE A 879 30.61 -3.78 24.05
C PHE A 879 31.49 -2.53 23.98
N ASN A 880 32.58 -2.57 24.75
CA ASN A 880 33.52 -1.45 24.77
C ASN A 880 34.42 -1.49 23.55
N LYS A 881 35.18 -0.40 23.36
CA LYS A 881 36.10 -0.32 22.24
C LYS A 881 37.26 -1.30 22.42
N GLY A 882 37.73 -1.86 21.32
CA GLY A 882 38.78 -2.84 21.34
C GLY A 882 38.35 -4.24 21.70
N PHE A 883 37.06 -4.45 21.93
CA PHE A 883 36.56 -5.77 22.30
C PHE A 883 36.58 -6.70 21.10
N ASP A 884 36.98 -7.95 21.32
CA ASP A 884 37.07 -8.95 20.25
C ASP A 884 36.19 -10.13 20.62
N LEU A 885 35.10 -10.33 19.88
CA LEU A 885 34.19 -11.43 20.17
C LEU A 885 34.81 -12.78 19.81
N GLY A 886 35.58 -12.83 18.73
CA GLY A 886 36.14 -14.09 18.26
C GLY A 886 37.41 -14.53 18.95
N GLN A 887 37.95 -13.72 19.87
CA GLN A 887 39.19 -14.04 20.56
C GLN A 887 38.95 -14.65 21.94
N LEU A 888 38.08 -14.04 22.74
CA LEU A 888 37.85 -14.48 24.11
C LEU A 888 36.70 -15.46 24.26
N THR A 889 36.05 -15.85 23.16
CA THR A 889 35.06 -16.92 23.21
C THR A 889 35.65 -18.27 22.81
N LEU A 890 36.77 -18.28 22.10
CA LEU A 890 37.46 -19.51 21.72
C LEU A 890 38.85 -19.64 22.32
N GLY A 891 39.49 -18.54 22.70
CA GLY A 891 40.85 -18.57 23.19
C GLY A 891 41.91 -18.39 22.12
N LYS A 892 41.55 -18.55 20.85
CA LYS A 892 42.44 -18.37 19.72
C LYS A 892 41.75 -17.51 18.67
N PRO A 893 42.51 -16.82 17.84
CA PRO A 893 41.90 -16.00 16.78
C PRO A 893 41.04 -16.83 15.84
N LEU A 894 39.90 -16.27 15.44
CA LEU A 894 39.01 -16.95 14.52
C LEU A 894 39.59 -16.92 13.11
N ASP A 895 39.65 -18.08 12.47
CA ASP A 895 40.26 -18.21 11.15
C ASP A 895 39.20 -18.46 10.09
N PHE A 896 39.66 -18.47 8.83
CA PHE A 896 38.75 -18.58 7.69
C PHE A 896 38.04 -19.92 7.66
N GLY A 897 38.76 -21.00 7.99
CA GLY A 897 38.16 -22.34 7.90
C GLY A 897 37.01 -22.54 8.86
N THR A 898 37.15 -22.08 10.10
CA THR A 898 36.08 -22.23 11.08
C THR A 898 34.83 -21.47 10.65
N ILE A 899 35.01 -20.24 10.16
CA ILE A 899 33.87 -19.45 9.71
C ILE A 899 33.21 -20.11 8.51
N SER A 900 34.01 -20.58 7.56
CA SER A 900 33.46 -21.20 6.35
C SER A 900 32.68 -22.46 6.69
N LEU A 901 33.20 -23.27 7.62
CA LEU A 901 32.48 -24.49 8.01
C LEU A 901 31.24 -24.15 8.81
N ALA A 902 31.29 -23.10 9.63
CA ALA A 902 30.16 -22.71 10.46
C ALA A 902 29.06 -22.00 9.68
N LEU A 903 29.31 -21.65 8.41
CA LEU A 903 28.30 -21.03 7.56
C LEU A 903 27.65 -22.02 6.60
N ALA A 904 27.99 -23.30 6.71
CA ALA A 904 27.49 -24.32 5.80
C ALA A 904 26.45 -25.23 6.42
N VAL A 905 26.51 -25.46 7.73
CA VAL A 905 25.49 -26.28 8.40
C VAL A 905 24.21 -25.47 8.54
N PRO A 906 23.05 -26.02 8.17
CA PRO A 906 21.82 -25.23 8.15
C PRO A 906 21.39 -24.79 9.55
N GLN A 907 20.49 -23.81 9.56
CA GLN A 907 20.05 -23.21 10.82
C GLN A 907 19.15 -24.15 11.61
N VAL A 908 18.44 -25.06 10.94
CA VAL A 908 17.56 -25.99 11.65
C VAL A 908 18.37 -26.88 12.58
N LEU A 909 19.65 -27.08 12.29
CA LEU A 909 20.56 -27.76 13.18
C LEU A 909 21.37 -26.80 14.04
N GLY A 910 21.09 -25.50 13.94
CA GLY A 910 21.83 -24.50 14.69
C GLY A 910 23.17 -24.17 14.06
N GLY A 911 23.17 -23.62 12.85
CA GLY A 911 24.41 -23.43 12.13
C GLY A 911 24.55 -22.21 11.23
N LEU A 912 23.72 -21.19 11.43
CA LEU A 912 23.93 -19.88 10.78
C LEU A 912 24.00 -19.98 9.26
N SER A 913 23.16 -20.83 8.67
CA SER A 913 23.06 -20.92 7.22
C SER A 913 21.63 -20.63 6.80
N PHE A 914 21.46 -19.68 5.87
CA PHE A 914 20.14 -19.25 5.44
C PHE A 914 20.01 -19.18 3.92
N LEU A 915 21.03 -19.61 3.17
CA LEU A 915 21.00 -19.60 1.70
C LEU A 915 20.94 -21.04 1.23
N ASN A 916 19.73 -21.58 1.13
CA ASN A 916 19.52 -22.94 0.65
C ASN A 916 19.33 -22.91 -0.86
N PRO A 917 20.15 -23.64 -1.63
CA PRO A 917 19.93 -23.68 -3.09
C PRO A 917 18.57 -24.23 -3.49
N GLU A 918 17.97 -25.09 -2.64
CA GLU A 918 16.67 -25.65 -2.95
C GLU A 918 15.59 -24.57 -3.06
N LYS A 919 15.82 -23.41 -2.46
CA LYS A 919 14.88 -22.30 -2.59
C LYS A 919 14.81 -21.76 -4.01
N CYS A 920 15.75 -22.14 -4.88
CA CYS A 920 15.69 -21.71 -6.27
C CYS A 920 14.58 -22.41 -7.06
N PHE A 921 13.97 -23.45 -6.50
CA PHE A 921 12.93 -24.21 -7.19
C PHE A 921 11.54 -23.91 -6.67
N TYR A 922 11.37 -23.90 -5.35
CA TYR A 922 10.06 -23.68 -4.74
C TYR A 922 10.24 -23.02 -3.39
N ARG A 923 9.18 -22.35 -2.93
CA ARG A 923 9.29 -21.44 -1.80
C ARG A 923 9.22 -22.16 -0.46
N ASN A 924 8.16 -22.94 -0.23
CA ASN A 924 7.91 -23.55 1.06
C ASN A 924 8.38 -25.00 1.04
N LEU A 925 9.20 -25.37 2.02
CA LEU A 925 9.71 -26.73 2.13
C LEU A 925 8.77 -27.57 3.00
N GLY A 926 8.53 -28.80 2.57
CA GLY A 926 7.69 -29.69 3.36
C GLY A 926 8.34 -30.06 4.68
N ASP A 927 9.65 -30.31 4.68
CA ASP A 927 10.37 -30.66 5.89
C ASP A 927 11.74 -30.00 5.87
N PRO A 928 12.02 -29.08 6.81
CA PRO A 928 13.32 -28.41 6.81
C PRO A 928 14.48 -29.30 7.22
N VAL A 929 14.23 -30.29 8.07
CA VAL A 929 15.33 -31.13 8.58
C VAL A 929 15.92 -31.97 7.46
N THR A 930 15.06 -32.60 6.65
CA THR A 930 15.56 -33.43 5.56
C THR A 930 16.29 -32.61 4.52
N SER A 931 15.76 -31.43 4.18
CA SER A 931 16.42 -30.56 3.23
C SER A 931 17.78 -30.10 3.75
N GLY A 932 17.85 -29.73 5.03
CA GLY A 932 19.13 -29.35 5.61
C GLY A 932 20.14 -30.49 5.60
N LEU A 933 19.67 -31.70 5.92
CA LEU A 933 20.56 -32.86 5.91
C LEU A 933 21.09 -33.11 4.50
N PHE A 934 20.22 -33.03 3.49
CA PHE A 934 20.66 -33.23 2.11
C PHE A 934 21.68 -32.16 1.69
N GLN A 935 21.41 -30.90 2.05
CA GLN A 935 22.33 -29.83 1.69
C GLN A 935 23.69 -30.00 2.34
N LEU A 936 23.70 -30.35 3.64
CA LEU A 936 24.96 -30.55 4.35
C LEU A 936 25.72 -31.74 3.76
N LYS A 937 25.02 -32.82 3.44
CA LYS A 937 25.68 -33.98 2.86
C LYS A 937 26.30 -33.64 1.51
N THR A 938 25.57 -32.90 0.66
CA THR A 938 26.12 -32.51 -0.63
C THR A 938 27.34 -31.61 -0.47
N TYR A 939 27.26 -30.64 0.46
CA TYR A 939 28.40 -29.75 0.68
C TYR A 939 29.62 -30.52 1.17
N LEU A 940 29.42 -31.45 2.10
CA LEU A 940 30.55 -32.23 2.60
C LEU A 940 31.09 -33.18 1.54
N ARG A 941 30.24 -33.60 0.59
CA ARG A 941 30.72 -34.45 -0.49
C ARG A 941 31.53 -33.66 -1.50
N MET A 942 31.16 -32.39 -1.74
CA MET A 942 31.90 -31.59 -2.71
C MET A 942 33.37 -31.44 -2.30
N ILE A 943 33.61 -31.00 -1.07
CA ILE A 943 34.98 -30.93 -0.54
C ILE A 943 35.36 -32.31 -0.04
N GLU A 944 36.64 -32.51 0.27
CA GLU A 944 37.11 -33.82 0.73
C GLU A 944 37.06 -33.93 2.25
N MET A 945 35.89 -33.67 2.83
CA MET A 945 35.65 -33.81 4.26
C MET A 945 34.42 -34.67 4.51
N ASP A 946 34.29 -35.76 3.74
CA ASP A 946 33.08 -36.57 3.82
C ASP A 946 32.93 -37.26 5.18
N ASP A 947 34.04 -37.55 5.85
CA ASP A 947 34.00 -38.22 7.15
C ASP A 947 33.85 -37.21 8.28
N LEU A 948 32.84 -36.34 8.17
CA LEU A 948 32.62 -35.30 9.16
C LEU A 948 31.14 -35.07 9.44
N PHE A 949 30.26 -35.85 8.84
CA PHE A 949 28.82 -35.63 8.96
C PHE A 949 28.32 -35.91 10.38
N LEU A 950 28.71 -37.06 10.94
CA LEU A 950 28.14 -37.48 12.22
C LEU A 950 28.48 -36.54 13.36
N PRO A 951 29.75 -36.13 13.56
CA PRO A 951 30.01 -35.14 14.62
C PRO A 951 29.31 -33.81 14.40
N LEU A 952 29.08 -33.42 13.14
CA LEU A 952 28.37 -32.17 12.89
C LEU A 952 26.89 -32.27 13.25
N ILE A 953 26.26 -33.41 13.00
CA ILE A 953 24.82 -33.53 13.21
C ILE A 953 24.47 -34.20 14.53
N ALA A 954 25.45 -34.61 15.33
CA ALA A 954 25.13 -35.27 16.59
C ALA A 954 24.72 -34.27 17.66
N LYS A 955 25.64 -33.38 18.05
CA LYS A 955 25.39 -32.31 19.01
C LYS A 955 24.84 -32.82 20.34
N ASN A 956 24.42 -31.90 21.20
CA ASN A 956 23.87 -32.22 22.51
C ASN A 956 22.50 -31.57 22.68
N PRO A 957 21.46 -32.34 23.01
CA PRO A 957 20.15 -31.74 23.23
C PRO A 957 20.16 -30.82 24.43
N GLY A 958 19.39 -29.73 24.34
CA GLY A 958 19.29 -28.76 25.40
C GLY A 958 18.13 -29.06 26.33
N ASN A 959 17.79 -28.07 27.15
CA ASN A 959 16.67 -28.16 28.07
C ASN A 959 15.50 -27.34 27.53
N CYS A 960 14.31 -27.94 27.51
CA CYS A 960 13.12 -27.29 26.99
C CYS A 960 11.89 -27.91 27.65
N THR A 961 10.76 -27.25 27.48
CA THR A 961 9.48 -27.73 27.96
C THR A 961 8.57 -28.06 26.79
N ALA A 962 7.35 -28.51 27.11
CA ALA A 962 6.37 -28.80 26.07
C ALA A 962 5.92 -27.54 25.34
N ILE A 963 6.01 -26.38 25.99
CA ILE A 963 5.65 -25.13 25.32
C ILE A 963 6.56 -24.89 24.12
N ASP A 964 7.87 -25.10 24.30
CA ASP A 964 8.81 -24.91 23.20
C ASP A 964 8.50 -25.86 22.06
N PHE A 965 8.18 -27.12 22.37
CA PHE A 965 7.83 -28.07 21.32
C PHE A 965 6.57 -27.64 20.58
N VAL A 966 5.58 -27.13 21.30
CA VAL A 966 4.35 -26.67 20.66
C VAL A 966 4.64 -25.47 19.76
N LEU A 967 5.56 -24.59 20.18
CA LEU A 967 5.85 -23.39 19.40
C LEU A 967 6.47 -23.72 18.05
N ASN A 968 7.38 -24.69 18.01
CA ASN A 968 8.05 -25.09 16.78
C ASN A 968 7.89 -26.59 16.54
N PRO A 969 6.74 -27.02 16.01
CA PRO A 969 6.50 -28.45 15.84
C PRO A 969 7.51 -29.16 14.96
N SER A 970 8.10 -28.48 13.98
CA SER A 970 9.04 -29.10 13.05
C SER A 970 10.50 -28.83 13.42
N GLY A 971 10.75 -28.24 14.59
CA GLY A 971 12.10 -27.92 15.01
C GLY A 971 12.76 -29.06 15.77
N LEU A 972 13.96 -28.77 16.28
CA LEU A 972 14.74 -29.70 17.07
C LEU A 972 15.11 -29.06 18.40
N ASN A 973 15.54 -29.89 19.34
CA ASN A 973 15.93 -29.44 20.67
C ASN A 973 17.41 -29.06 20.71
N VAL A 974 17.83 -28.19 19.81
CA VAL A 974 19.21 -27.73 19.72
C VAL A 974 19.29 -26.35 20.34
N PRO A 975 20.16 -26.12 21.33
CA PRO A 975 20.22 -24.79 21.96
C PRO A 975 20.63 -23.69 21.00
N GLY A 976 21.45 -23.99 19.99
CA GLY A 976 21.93 -22.96 19.09
C GLY A 976 20.98 -22.53 18.00
N SER A 977 19.85 -23.22 17.85
CA SER A 977 18.88 -22.91 16.82
C SER A 977 17.75 -22.01 17.33
N GLN A 978 17.84 -21.56 18.58
CA GLN A 978 16.80 -20.74 19.19
C GLN A 978 17.03 -19.27 18.91
N ASP A 979 15.93 -18.51 18.92
CA ASP A 979 15.97 -17.08 18.69
C ASP A 979 15.96 -16.35 20.04
N LEU A 980 15.81 -15.02 19.99
CA LEU A 980 15.77 -14.19 21.18
C LEU A 980 14.35 -13.92 21.66
N THR A 981 13.35 -14.55 21.04
CA THR A 981 11.96 -14.28 21.40
C THR A 981 11.64 -14.69 22.83
N SER A 982 12.18 -15.83 23.28
CA SER A 982 11.91 -16.30 24.63
C SER A 982 12.43 -15.33 25.68
N PHE A 983 13.62 -14.77 25.44
CA PHE A 983 14.20 -13.80 26.38
C PHE A 983 13.30 -12.57 26.52
N LEU A 984 12.85 -12.03 25.39
CA LEU A 984 11.99 -10.85 25.43
C LEU A 984 10.65 -11.17 26.08
N ARG A 985 10.09 -12.35 25.80
CA ARG A 985 8.82 -12.73 26.41
C ARG A 985 8.96 -12.86 27.93
N GLN A 986 10.07 -13.45 28.39
CA GLN A 986 10.30 -13.53 29.82
C GLN A 986 10.43 -12.15 30.45
N ILE A 987 11.13 -11.24 29.77
CA ILE A 987 11.27 -9.87 30.29
C ILE A 987 9.91 -9.19 30.39
N VAL A 988 9.08 -9.35 29.36
CA VAL A 988 7.76 -8.71 29.35
C VAL A 988 6.88 -9.30 30.45
N ARG A 989 6.93 -10.63 30.65
CA ARG A 989 6.15 -11.25 31.71
C ARG A 989 6.60 -10.76 33.08
N ARG A 990 7.91 -10.65 33.30
CA ARG A 990 8.42 -10.10 34.55
C ARG A 990 7.94 -8.68 34.77
N THR A 991 7.94 -7.86 33.71
CA THR A 991 7.45 -6.49 33.84
C THR A 991 5.97 -6.45 34.18
N ILE A 992 5.17 -7.32 33.55
CA ILE A 992 3.74 -7.33 33.79
C ILE A 992 3.44 -7.76 35.22
N THR A 993 4.23 -8.69 35.76
CA THR A 993 3.97 -9.17 37.11
C THR A 993 4.08 -8.05 38.14
N LEU A 994 5.08 -7.18 38.01
CA LEU A 994 5.32 -6.11 38.97
C LEU A 994 4.63 -4.81 38.60
N SER A 995 3.79 -4.82 37.57
CA SER A 995 3.16 -3.62 37.03
C SER A 995 1.80 -4.03 36.47
N ALA A 996 1.28 -3.24 35.54
CA ALA A 996 0.04 -3.56 34.82
C ALA A 996 -1.15 -3.65 35.77
N LYS A 997 -1.51 -2.48 36.27
CA LYS A 997 -2.70 -2.31 37.12
C LYS A 997 -3.95 -2.19 36.25
N ASN A 998 -3.88 -2.75 35.04
CA ASN A 998 -4.98 -2.67 34.08
C ASN A 998 -6.25 -3.32 34.59
N LYS A 999 -6.16 -4.18 35.61
CA LYS A 999 -7.31 -4.73 36.33
C LYS A 999 -8.08 -5.74 35.49
N LEU A 1000 -7.70 -5.91 34.23
CA LEU A 1000 -8.30 -6.93 33.38
C LEU A 1000 -7.19 -7.81 32.82
N ILE A 1001 -6.01 -7.23 32.62
CA ILE A 1001 -4.83 -8.02 32.33
C ILE A 1001 -4.41 -8.83 33.55
N ASN A 1002 -4.57 -8.24 34.75
CA ASN A 1002 -4.20 -8.94 35.98
C ASN A 1002 -5.04 -10.19 36.17
N THR A 1003 -6.32 -10.14 35.83
CA THR A 1003 -7.17 -11.33 35.91
C THR A 1003 -6.67 -12.41 34.95
N LEU A 1004 -6.31 -12.02 33.73
CA LEU A 1004 -5.80 -12.99 32.77
C LEU A 1004 -4.43 -13.53 33.19
N PHE A 1005 -3.56 -12.65 33.69
CA PHE A 1005 -2.23 -13.05 34.14
C PHE A 1005 -2.24 -13.26 35.65
N HIS A 1006 -2.95 -14.31 36.07
CA HIS A 1006 -3.08 -14.61 37.49
C HIS A 1006 -1.82 -15.30 37.99
N ALA A 1007 -1.85 -15.76 39.24
CA ALA A 1007 -0.65 -16.30 39.87
C ALA A 1007 -0.20 -17.61 39.23
N SER A 1008 -1.15 -18.47 38.85
CA SER A 1008 -0.85 -19.81 38.36
C SER A 1008 -1.09 -19.93 36.87
N ALA A 1009 -0.75 -18.89 36.10
CA ALA A 1009 -0.92 -18.95 34.65
C ALA A 1009 0.12 -19.86 34.01
N ASP A 1010 1.38 -19.76 34.45
CA ASP A 1010 2.43 -20.59 33.87
C ASP A 1010 2.17 -22.07 34.12
N PHE A 1011 1.73 -22.41 35.33
CA PHE A 1011 1.41 -23.80 35.63
C PHE A 1011 0.27 -24.31 34.76
N GLU A 1012 -0.75 -23.48 34.55
CA GLU A 1012 -1.86 -23.88 33.69
C GLU A 1012 -1.40 -24.11 32.26
N ASP A 1013 -0.55 -23.21 31.75
CA ASP A 1013 -0.02 -23.38 30.39
C ASP A 1013 0.79 -24.67 30.28
N GLU A 1014 1.63 -24.95 31.28
CA GLU A 1014 2.42 -26.17 31.25
C GLU A 1014 1.54 -27.40 31.29
N MET A 1015 0.50 -27.40 32.13
CA MET A 1015 -0.40 -28.54 32.19
C MET A 1015 -1.13 -28.75 30.87
N VAL A 1016 -1.60 -27.67 30.25
CA VAL A 1016 -2.31 -27.79 28.98
C VAL A 1016 -1.38 -28.36 27.90
N CYS A 1017 -0.16 -27.83 27.83
CA CYS A 1017 0.80 -28.33 26.83
C CYS A 1017 1.14 -29.79 27.08
N LYS A 1018 1.32 -30.18 28.34
CA LYS A 1018 1.64 -31.56 28.66
C LYS A 1018 0.49 -32.49 28.29
N TRP A 1019 -0.74 -32.08 28.57
CA TRP A 1019 -1.89 -32.93 28.24
C TRP A 1019 -2.06 -33.06 26.73
N LEU A 1020 -1.83 -31.98 25.98
CA LEU A 1020 -2.02 -32.04 24.54
C LEU A 1020 -1.06 -33.00 23.85
N LEU A 1021 0.08 -33.31 24.48
CA LEU A 1021 1.08 -34.20 23.90
C LEU A 1021 1.04 -35.59 24.54
N SER A 1022 0.01 -35.91 25.30
CA SER A 1022 -0.09 -37.20 25.98
C SER A 1022 -0.81 -38.26 25.15
N SER A 1023 -1.15 -37.95 23.91
CA SER A 1023 -1.85 -38.89 23.04
C SER A 1023 -0.92 -40.02 22.61
N THR A 1024 -1.46 -40.93 21.82
CA THR A 1024 -0.69 -42.05 21.28
C THR A 1024 -1.23 -42.45 19.92
N PRO A 1025 -0.50 -42.18 18.83
CA PRO A 1025 0.81 -41.52 18.80
C PRO A 1025 0.73 -40.01 18.98
N VAL A 1026 1.88 -39.36 19.15
CA VAL A 1026 1.94 -37.92 19.39
C VAL A 1026 1.99 -37.20 18.05
N MET A 1027 1.14 -36.18 17.90
CA MET A 1027 1.13 -35.32 16.72
C MET A 1027 1.32 -33.88 17.17
N SER A 1028 2.23 -33.17 16.50
CA SER A 1028 2.64 -31.84 16.95
C SER A 1028 1.86 -30.72 16.28
N ARG A 1029 1.56 -30.86 14.98
CA ARG A 1029 0.83 -29.81 14.27
C ARG A 1029 -0.57 -29.63 14.83
N PHE A 1030 -1.25 -30.73 15.13
CA PHE A 1030 -2.59 -30.65 15.70
C PHE A 1030 -2.56 -29.97 17.06
N ALA A 1031 -1.58 -30.31 17.90
CA ALA A 1031 -1.45 -29.68 19.21
C ALA A 1031 -1.18 -28.19 19.07
N ALA A 1032 -0.30 -27.82 18.13
CA ALA A 1032 -0.01 -26.41 17.91
C ALA A 1032 -1.25 -25.65 17.45
N ASP A 1033 -2.05 -26.25 16.56
CA ASP A 1033 -3.26 -25.59 16.09
C ASP A 1033 -4.29 -25.45 17.21
N ILE A 1034 -4.40 -26.46 18.07
CA ILE A 1034 -5.36 -26.39 19.17
C ILE A 1034 -4.92 -25.36 20.21
N PHE A 1035 -3.61 -25.28 20.48
CA PHE A 1035 -3.11 -24.45 21.56
C PHE A 1035 -3.41 -22.96 21.33
N SER A 1036 -3.53 -22.54 20.07
CA SER A 1036 -3.73 -21.13 19.78
C SER A 1036 -5.14 -20.64 20.10
N ARG A 1037 -6.08 -21.53 20.38
CA ARG A 1037 -7.46 -21.16 20.66
C ARG A 1037 -7.78 -21.21 22.15
N THR A 1038 -6.76 -21.16 23.00
CA THR A 1038 -6.94 -21.21 24.45
C THR A 1038 -6.47 -19.90 25.07
N PRO A 1039 -6.78 -19.63 26.34
CA PRO A 1039 -6.24 -18.41 26.97
C PRO A 1039 -4.72 -18.35 26.98
N SER A 1040 -4.05 -19.51 26.96
CA SER A 1040 -2.60 -19.51 26.87
C SER A 1040 -2.12 -18.86 25.58
N GLY A 1041 -2.82 -19.12 24.47
CA GLY A 1041 -2.47 -18.46 23.23
C GLY A 1041 -2.66 -16.96 23.29
N LYS A 1042 -3.72 -16.50 23.96
CA LYS A 1042 -3.94 -15.07 24.12
C LYS A 1042 -2.82 -14.43 24.93
N ARG A 1043 -2.42 -15.07 26.03
CA ARG A 1043 -1.30 -14.56 26.81
C ARG A 1043 -0.02 -14.52 25.98
N LEU A 1044 0.20 -15.58 25.19
CA LEU A 1044 1.40 -15.64 24.36
C LEU A 1044 1.43 -14.51 23.34
N GLN A 1045 0.29 -14.23 22.71
CA GLN A 1045 0.25 -13.17 21.71
C GLN A 1045 0.33 -11.79 22.34
N ILE A 1046 -0.14 -11.64 23.58
CA ILE A 1046 0.02 -10.36 24.27
C ILE A 1046 1.47 -10.12 24.65
N LEU A 1047 2.17 -11.17 25.08
CA LEU A 1047 3.53 -11.01 25.61
C LEU A 1047 4.49 -10.48 24.55
N GLY A 1048 4.39 -10.98 23.32
CA GLY A 1048 5.36 -10.63 22.29
C GLY A 1048 5.09 -9.33 21.55
N TYR A 1049 5.40 -8.19 22.16
CA TYR A 1049 5.19 -6.89 21.53
C TYR A 1049 6.46 -6.08 21.34
N LEU A 1050 7.59 -6.49 21.90
CA LEU A 1050 8.83 -5.73 21.75
C LEU A 1050 9.35 -5.83 20.32
N GLU A 1051 9.87 -4.73 19.80
CA GLU A 1051 10.28 -4.67 18.39
C GLU A 1051 11.71 -4.19 18.21
N GLY A 1052 12.17 -3.25 19.04
CA GLY A 1052 13.45 -2.62 18.84
C GLY A 1052 14.30 -2.63 20.09
N THR A 1053 15.59 -2.32 19.90
CA THR A 1053 16.53 -2.26 21.01
C THR A 1053 16.37 -0.99 21.83
N ARG A 1054 16.00 0.11 21.18
CA ARG A 1054 15.84 1.37 21.90
C ARG A 1054 14.70 1.30 22.91
N THR A 1055 13.60 0.64 22.54
CA THR A 1055 12.51 0.44 23.50
C THR A 1055 12.97 -0.39 24.68
N LEU A 1056 13.75 -1.44 24.41
CA LEU A 1056 14.27 -2.28 25.49
C LEU A 1056 15.17 -1.50 26.44
N LEU A 1057 16.05 -0.67 25.88
CA LEU A 1057 17.04 0.04 26.69
C LEU A 1057 16.53 1.34 27.29
N ALA A 1058 15.38 1.86 26.85
CA ALA A 1058 14.90 3.15 27.29
C ALA A 1058 13.53 3.13 27.96
N SER A 1059 12.84 2.00 27.98
CA SER A 1059 11.52 1.94 28.59
C SER A 1059 11.61 2.18 30.10
N LYS A 1060 10.68 2.99 30.61
CA LYS A 1060 10.69 3.29 32.04
C LYS A 1060 10.23 2.10 32.87
N ILE A 1061 9.16 1.45 32.46
CA ILE A 1061 8.61 0.34 33.25
C ILE A 1061 9.54 -0.87 33.22
N ILE A 1062 10.18 -1.13 32.07
CA ILE A 1062 11.05 -2.30 31.97
C ILE A 1062 12.29 -2.13 32.82
N ASN A 1063 12.90 -0.95 32.80
CA ASN A 1063 14.18 -0.72 33.46
C ASN A 1063 14.06 -0.25 34.90
N ASN A 1064 12.85 -0.11 35.43
CA ASN A 1064 12.65 0.27 36.81
C ASN A 1064 12.28 -0.92 37.69
N ASN A 1065 12.39 -2.14 37.18
CA ASN A 1065 12.04 -3.34 37.93
C ASN A 1065 13.19 -3.86 38.77
N THR A 1066 14.16 -3.01 39.11
CA THR A 1066 15.33 -3.35 39.93
C THR A 1066 16.06 -4.51 39.23
N GLU A 1067 16.59 -5.47 39.99
CA GLU A 1067 17.33 -6.62 39.45
C GLU A 1067 18.54 -6.17 38.65
N THR A 1068 19.20 -7.11 37.97
CA THR A 1068 20.37 -6.78 37.18
C THR A 1068 19.96 -5.98 35.95
N PRO A 1069 20.80 -5.05 35.50
CA PRO A 1069 20.47 -4.25 34.31
C PRO A 1069 20.39 -5.12 33.07
N VAL A 1070 19.55 -4.68 32.12
CA VAL A 1070 19.30 -5.45 30.91
C VAL A 1070 20.56 -5.56 30.05
N LEU A 1071 21.43 -4.56 30.09
CA LEU A 1071 22.62 -4.57 29.24
C LEU A 1071 23.54 -5.73 29.59
N ASP A 1072 23.73 -6.01 30.89
CA ASP A 1072 24.60 -7.11 31.29
C ASP A 1072 24.03 -8.45 30.85
N ARG A 1073 22.71 -8.63 30.99
CA ARG A 1073 22.09 -9.87 30.53
C ARG A 1073 22.22 -10.03 29.03
N LEU A 1074 22.04 -8.93 28.28
CA LEU A 1074 22.20 -9.00 26.84
C LEU A 1074 23.62 -9.38 26.45
N ARG A 1075 24.62 -8.79 27.12
CA ARG A 1075 26.01 -9.15 26.84
C ARG A 1075 26.27 -10.61 27.15
N LYS A 1076 25.76 -11.10 28.28
CA LYS A 1076 25.98 -12.49 28.66
C LYS A 1076 25.37 -13.45 27.65
N ILE A 1077 24.12 -13.18 27.24
CA ILE A 1077 23.48 -14.08 26.29
C ILE A 1077 24.13 -14.02 24.92
N THR A 1078 24.61 -12.83 24.51
CA THR A 1078 25.33 -12.73 23.25
C THR A 1078 26.62 -13.53 23.29
N LEU A 1079 27.36 -13.45 24.41
CA LEU A 1079 28.58 -14.24 24.54
C LEU A 1079 28.28 -15.73 24.50
N GLN A 1080 27.22 -16.16 25.19
CA GLN A 1080 26.85 -17.57 25.17
C GLN A 1080 26.51 -18.04 23.76
N ARG A 1081 25.75 -17.23 23.02
CA ARG A 1081 25.36 -17.60 21.67
C ARG A 1081 26.57 -17.67 20.75
N TRP A 1082 27.47 -16.70 20.84
CA TRP A 1082 28.68 -16.74 20.02
C TRP A 1082 29.54 -17.95 20.36
N SER A 1083 29.59 -18.32 21.64
CA SER A 1083 30.32 -19.53 22.01
C SER A 1083 29.65 -20.78 21.46
N LEU A 1084 28.32 -20.77 21.32
CA LEU A 1084 27.63 -21.92 20.78
C LEU A 1084 28.05 -22.20 19.34
N TRP A 1085 28.18 -21.16 18.52
CA TRP A 1085 28.68 -21.38 17.18
C TRP A 1085 30.21 -21.26 17.17
N PHE A 1086 30.81 -21.57 16.02
CA PHE A 1086 32.22 -21.37 15.78
C PHE A 1086 33.11 -22.20 16.70
N SER A 1087 32.51 -22.99 17.60
CA SER A 1087 33.29 -23.79 18.54
C SER A 1087 33.49 -25.20 18.02
N TYR A 1088 32.39 -25.96 17.83
CA TYR A 1088 32.45 -27.37 17.34
C TYR A 1088 33.28 -28.29 18.28
N LEU A 1089 33.36 -29.59 17.98
CA LEU A 1089 34.17 -30.56 18.77
C LEU A 1089 34.09 -30.27 20.28
N ASP A 1090 32.88 -30.06 20.81
CA ASP A 1090 32.70 -29.73 22.24
C ASP A 1090 31.25 -30.02 22.62
N HIS A 1091 30.29 -29.41 21.91
CA HIS A 1091 28.90 -29.60 22.27
C HIS A 1091 28.29 -30.84 21.63
N CYS A 1092 29.10 -31.86 21.35
CA CYS A 1092 28.63 -33.10 20.77
C CYS A 1092 28.81 -34.25 21.75
N ASP A 1093 28.11 -35.35 21.48
CA ASP A 1093 28.14 -36.53 22.32
C ASP A 1093 28.50 -37.75 21.50
N ASN A 1094 29.00 -38.78 22.19
CA ASN A 1094 29.40 -40.03 21.58
C ASN A 1094 28.42 -41.15 21.88
N ILE A 1095 27.17 -40.80 22.19
CA ILE A 1095 26.13 -41.78 22.45
C ILE A 1095 25.09 -41.84 21.33
N LEU A 1096 24.88 -40.74 20.61
CA LEU A 1096 23.96 -40.72 19.48
C LEU A 1096 24.65 -40.95 18.15
N ALA A 1097 25.94 -40.62 18.04
CA ALA A 1097 26.63 -40.70 16.76
C ALA A 1097 26.68 -42.13 16.24
N GLU A 1098 26.96 -43.11 17.11
CA GLU A 1098 27.06 -44.49 16.65
C GLU A 1098 25.69 -45.07 16.33
N ALA A 1099 24.64 -44.58 16.99
CA ALA A 1099 23.29 -45.04 16.67
C ALA A 1099 22.83 -44.53 15.31
N LEU A 1100 23.39 -43.42 14.85
CA LEU A 1100 23.02 -42.83 13.58
C LEU A 1100 23.83 -43.37 12.40
N THR A 1101 24.79 -44.26 12.66
CA THR A 1101 25.64 -44.78 11.60
C THR A 1101 24.89 -45.78 10.73
N GLN A 1102 25.47 -46.06 9.56
CA GLN A 1102 24.98 -47.01 8.57
C GLN A 1102 23.46 -46.96 8.42
N ILE A 1103 22.97 -45.76 8.11
CA ILE A 1103 21.56 -45.52 7.84
C ILE A 1103 21.31 -45.28 6.35
N THR A 1104 22.08 -44.37 5.75
CA THR A 1104 22.04 -44.12 4.30
C THR A 1104 20.64 -43.76 3.82
N CYS A 1105 19.93 -42.97 4.61
CA CYS A 1105 18.61 -42.49 4.21
C CYS A 1105 18.31 -41.22 4.98
N THR A 1106 17.80 -40.21 4.28
CA THR A 1106 17.54 -38.92 4.92
C THR A 1106 16.30 -38.98 5.79
N VAL A 1107 15.27 -39.70 5.36
CA VAL A 1107 14.03 -39.77 6.14
C VAL A 1107 14.28 -40.48 7.47
N ASP A 1108 14.99 -41.62 7.42
CA ASP A 1108 15.31 -42.34 8.65
C ASP A 1108 16.22 -41.52 9.56
N LEU A 1109 17.19 -40.83 8.97
CA LEU A 1109 18.07 -39.97 9.77
C LEU A 1109 17.27 -38.89 10.48
N ALA A 1110 16.36 -38.23 9.75
CA ALA A 1110 15.56 -37.17 10.35
C ALA A 1110 14.65 -37.72 11.44
N GLN A 1111 14.04 -38.89 11.21
CA GLN A 1111 13.16 -39.47 12.22
C GLN A 1111 13.93 -39.82 13.49
N ILE A 1112 15.11 -40.42 13.34
CA ILE A 1112 15.91 -40.77 14.51
C ILE A 1112 16.36 -39.51 15.25
N LEU A 1113 16.76 -38.48 14.52
CA LEU A 1113 17.17 -37.23 15.16
C LEU A 1113 16.01 -36.60 15.91
N ARG A 1114 14.81 -36.61 15.31
CA ARG A 1114 13.65 -36.02 15.97
C ARG A 1114 13.28 -36.80 17.23
N GLU A 1115 13.32 -38.14 17.17
CA GLU A 1115 12.92 -38.93 18.32
C GLU A 1115 13.96 -38.90 19.43
N TYR A 1116 15.25 -38.79 19.10
CA TYR A 1116 16.25 -38.70 20.15
C TYR A 1116 16.09 -37.42 20.95
N SER A 1117 15.86 -36.29 20.27
CA SER A 1117 15.46 -35.08 20.96
C SER A 1117 14.01 -35.22 21.42
N TRP A 1118 13.61 -34.34 22.33
CA TRP A 1118 12.28 -34.40 22.94
C TRP A 1118 12.01 -35.73 23.62
N ALA A 1119 13.05 -36.45 24.01
CA ALA A 1119 12.87 -37.75 24.66
C ALA A 1119 12.28 -37.59 26.05
N HIS A 1120 12.59 -36.49 26.75
CA HIS A 1120 11.99 -36.24 28.04
C HIS A 1120 10.52 -35.85 27.92
N ILE A 1121 10.06 -35.46 26.72
CA ILE A 1121 8.65 -35.18 26.49
C ILE A 1121 7.96 -36.45 26.05
N LEU A 1122 8.43 -37.05 24.95
CA LEU A 1122 7.90 -38.31 24.45
C LEU A 1122 8.69 -39.43 25.11
N GLU A 1123 8.09 -40.10 26.10
CA GLU A 1123 8.79 -41.16 26.81
C GLU A 1123 9.15 -42.29 25.86
N GLY A 1124 8.15 -42.95 25.29
CA GLY A 1124 8.41 -44.00 24.32
C GLY A 1124 7.38 -44.04 23.21
N ARG A 1125 6.51 -43.05 23.19
CA ARG A 1125 5.42 -43.01 22.22
C ARG A 1125 5.93 -42.59 20.84
N PRO A 1126 5.38 -43.15 19.77
CA PRO A 1126 5.80 -42.76 18.42
C PRO A 1126 5.36 -41.35 18.07
N LEU A 1127 6.09 -40.76 17.14
CA LEU A 1127 5.80 -39.42 16.62
C LEU A 1127 5.47 -39.53 15.14
N ILE A 1128 4.33 -38.95 14.74
CA ILE A 1128 3.84 -39.05 13.38
C ILE A 1128 3.51 -37.66 12.85
N GLY A 1129 3.43 -37.55 11.53
CA GLY A 1129 3.02 -36.32 10.89
C GLY A 1129 4.04 -35.20 10.93
N ALA A 1130 5.31 -35.52 11.10
CA ALA A 1130 6.35 -34.49 11.19
C ALA A 1130 7.49 -34.65 10.20
N THR A 1131 7.67 -35.82 9.58
CA THR A 1131 8.79 -36.07 8.70
C THR A 1131 8.27 -36.27 7.28
N LEU A 1132 8.86 -35.54 6.33
CA LEU A 1132 8.54 -35.65 4.92
C LEU A 1132 9.83 -35.74 4.12
N PRO A 1133 9.83 -36.47 3.00
CA PRO A 1133 11.04 -36.62 2.20
C PRO A 1133 11.39 -35.33 1.47
N CYS A 1134 12.68 -35.21 1.16
CA CYS A 1134 13.17 -34.10 0.34
C CYS A 1134 12.97 -34.46 -1.13
N MET A 1135 12.27 -33.59 -1.86
CA MET A 1135 11.88 -33.92 -3.23
C MET A 1135 13.06 -33.89 -4.20
N ILE A 1136 14.15 -33.19 -3.86
CA ILE A 1136 15.33 -33.25 -4.69
C ILE A 1136 15.92 -34.65 -4.70
N GLU A 1137 15.83 -35.36 -3.57
CA GLU A 1137 16.33 -36.72 -3.44
C GLU A 1137 15.30 -37.78 -3.80
N GLN A 1138 14.08 -37.38 -4.17
CA GLN A 1138 13.00 -38.32 -4.42
C GLN A 1138 12.81 -38.64 -5.89
N PHE A 1139 13.22 -37.76 -6.81
CA PHE A 1139 13.01 -37.93 -8.23
C PHE A 1139 14.33 -37.83 -8.98
N LYS A 1140 14.33 -38.34 -10.20
CA LYS A 1140 15.51 -38.32 -11.07
C LYS A 1140 15.05 -37.97 -12.48
N VAL A 1141 15.84 -37.13 -13.16
CA VAL A 1141 15.45 -36.60 -14.47
C VAL A 1141 16.20 -37.36 -15.56
N VAL A 1142 15.56 -37.49 -16.73
CA VAL A 1142 16.14 -38.26 -17.82
C VAL A 1142 16.45 -37.37 -19.01
N TRP A 1143 15.66 -36.30 -19.19
CA TRP A 1143 15.83 -35.36 -20.30
C TRP A 1143 15.81 -36.04 -21.65
N LEU A 1144 14.66 -36.58 -22.04
CA LEU A 1144 14.51 -37.26 -23.32
C LEU A 1144 14.58 -36.27 -24.48
N LYS A 1145 14.93 -36.80 -25.66
CA LYS A 1145 15.03 -36.20 -26.98
C LYS A 1145 13.76 -36.48 -27.79
N PRO A 1146 13.51 -35.72 -28.88
CA PRO A 1146 12.26 -35.88 -29.63
C PRO A 1146 11.93 -37.31 -30.02
N TYR A 1147 12.90 -38.06 -30.56
CA TYR A 1147 12.68 -39.44 -30.99
C TYR A 1147 13.73 -40.33 -30.33
N GLU A 1148 13.47 -40.74 -29.09
CA GLU A 1148 14.37 -41.60 -28.34
C GLU A 1148 13.54 -42.44 -27.37
N GLN A 1149 14.18 -43.47 -26.82
CA GLN A 1149 13.56 -44.36 -25.86
C GLN A 1149 14.17 -44.14 -24.49
N CYS A 1150 13.31 -44.03 -23.48
CA CYS A 1150 13.76 -43.79 -22.11
C CYS A 1150 14.34 -45.08 -21.54
N PRO A 1151 15.60 -45.09 -21.10
CA PRO A 1151 16.16 -46.32 -20.52
C PRO A 1151 15.42 -46.79 -19.28
N GLN A 1152 14.93 -45.86 -18.46
CA GLN A 1152 14.24 -46.24 -17.23
C GLN A 1152 12.93 -46.97 -17.53
N CYS A 1153 12.19 -46.50 -18.53
CA CYS A 1153 10.87 -47.06 -18.83
C CYS A 1153 10.91 -48.22 -19.82
N SER A 1154 12.08 -48.51 -20.41
CA SER A 1154 12.18 -49.57 -21.41
C SER A 1154 13.17 -50.67 -21.01
N ASN A 1155 14.36 -50.30 -20.56
CA ASN A 1155 15.41 -51.30 -20.35
C ASN A 1155 15.09 -52.22 -19.16
N ALA A 1156 14.69 -51.64 -18.03
CA ALA A 1156 14.50 -52.41 -16.81
C ALA A 1156 13.06 -52.35 -16.30
N LYS A 1157 12.10 -51.99 -17.16
CA LYS A 1157 10.70 -51.88 -16.78
C LYS A 1157 9.89 -53.12 -17.14
N GLN A 1158 10.53 -54.29 -17.13
CA GLN A 1158 9.85 -55.52 -17.49
C GLN A 1158 8.90 -56.01 -16.39
N PRO A 1159 9.38 -56.26 -15.14
CA PRO A 1159 8.48 -56.87 -14.14
C PRO A 1159 7.30 -55.99 -13.75
N GLY A 1160 7.60 -54.79 -13.24
CA GLY A 1160 6.54 -53.89 -12.81
C GLY A 1160 6.61 -52.51 -13.43
N GLY A 1161 7.81 -52.10 -13.84
CA GLY A 1161 8.01 -50.75 -14.35
C GLY A 1161 8.17 -49.74 -13.23
N LYS A 1162 8.46 -48.51 -13.63
CA LYS A 1162 8.66 -47.41 -12.69
C LYS A 1162 7.66 -46.30 -12.97
N PRO A 1163 6.87 -45.88 -11.98
CA PRO A 1163 6.00 -44.72 -12.18
C PRO A 1163 6.83 -43.45 -12.39
N PHE A 1164 6.28 -42.53 -13.18
CA PHE A 1164 7.00 -41.31 -13.48
C PHE A 1164 6.02 -40.20 -13.84
N VAL A 1165 6.52 -38.98 -13.79
CA VAL A 1165 5.77 -37.78 -14.19
C VAL A 1165 6.32 -37.30 -15.52
N SER A 1166 5.43 -36.96 -16.45
CA SER A 1166 5.82 -36.56 -17.79
C SER A 1166 5.67 -35.05 -17.96
N VAL A 1167 6.67 -34.42 -18.56
CA VAL A 1167 6.65 -32.99 -18.84
C VAL A 1167 6.89 -32.80 -20.33
N ALA A 1168 6.03 -32.01 -20.99
CA ALA A 1168 6.15 -31.77 -22.41
C ALA A 1168 5.98 -30.28 -22.71
N VAL A 1169 6.52 -29.86 -23.84
CA VAL A 1169 6.56 -28.45 -24.24
C VAL A 1169 5.56 -28.23 -25.36
N LYS A 1170 4.82 -27.13 -25.27
CA LYS A 1170 3.86 -26.77 -26.32
C LYS A 1170 4.55 -25.99 -27.43
N LYS A 1171 3.78 -25.58 -28.43
CA LYS A 1171 4.33 -24.87 -29.58
C LYS A 1171 3.62 -23.56 -29.84
N HIS A 1172 2.34 -23.47 -29.46
CA HIS A 1172 1.57 -22.26 -29.68
C HIS A 1172 2.12 -21.13 -28.82
N ILE A 1173 2.26 -19.94 -29.41
CA ILE A 1173 3.08 -18.89 -28.82
C ILE A 1173 2.26 -17.72 -28.28
N VAL A 1174 0.99 -17.58 -28.64
CA VAL A 1174 0.12 -16.52 -28.15
C VAL A 1174 0.77 -15.15 -28.36
N SER A 1175 1.66 -14.76 -27.45
CA SER A 1175 2.29 -13.45 -27.48
C SER A 1175 3.75 -13.57 -27.06
N ALA A 1176 4.53 -12.56 -27.46
CA ALA A 1176 5.96 -12.53 -27.15
C ALA A 1176 6.45 -11.09 -27.23
N TRP A 1177 7.22 -10.66 -26.23
CA TRP A 1177 7.78 -9.32 -26.20
C TRP A 1177 9.18 -9.39 -25.59
N PRO A 1178 10.21 -8.88 -26.29
CA PRO A 1178 10.10 -8.26 -27.61
C PRO A 1178 10.11 -9.28 -28.76
N ASN A 1179 10.75 -10.43 -28.53
CA ASN A 1179 10.81 -11.49 -29.52
C ASN A 1179 10.41 -12.82 -28.89
N ALA A 1180 10.57 -13.91 -29.65
CA ALA A 1180 10.31 -15.25 -29.14
C ALA A 1180 11.61 -16.03 -28.91
N SER A 1181 12.74 -15.33 -28.84
CA SER A 1181 14.02 -16.02 -28.65
C SER A 1181 14.10 -16.70 -27.30
N ARG A 1182 13.69 -16.01 -26.24
CA ARG A 1182 13.82 -16.52 -24.88
C ARG A 1182 12.49 -17.08 -24.40
N ILE A 1183 12.56 -18.17 -23.64
CA ILE A 1183 11.36 -18.82 -23.13
C ILE A 1183 10.64 -17.88 -22.16
N SER A 1184 11.39 -17.20 -21.30
CA SER A 1184 10.79 -16.31 -20.31
C SER A 1184 10.14 -15.09 -20.93
N TRP A 1185 10.45 -14.78 -22.20
CA TRP A 1185 9.85 -13.63 -22.87
C TRP A 1185 8.49 -13.94 -23.47
N THR A 1186 8.07 -15.20 -23.50
CA THR A 1186 6.85 -15.61 -24.17
C THR A 1186 5.92 -16.32 -23.19
N ILE A 1187 4.63 -16.25 -23.49
CA ILE A 1187 3.61 -17.00 -22.75
C ILE A 1187 2.79 -17.80 -23.75
N GLY A 1188 2.23 -18.91 -23.28
CA GLY A 1188 1.44 -19.76 -24.15
C GLY A 1188 0.03 -19.94 -23.64
N ASP A 1189 -0.69 -20.92 -24.21
CA ASP A 1189 -2.04 -21.24 -23.76
C ASP A 1189 -1.99 -22.33 -22.70
N GLY A 1190 -2.75 -22.14 -21.62
CA GLY A 1190 -2.76 -23.07 -20.51
C GLY A 1190 -2.83 -22.38 -19.17
N ILE A 1191 -3.73 -22.84 -18.31
CA ILE A 1191 -3.96 -22.23 -17.01
C ILE A 1191 -3.12 -22.96 -15.96
N PRO A 1192 -2.31 -22.25 -15.17
CA PRO A 1192 -1.50 -22.85 -14.11
C PRO A 1192 -2.35 -23.50 -13.02
N GLY A 1203 -20.86 -31.94 3.52
CA GLY A 1203 -21.45 -31.83 4.85
C GLY A 1203 -21.64 -30.40 5.31
N GLN A 1204 -22.81 -30.10 5.84
CA GLN A 1204 -23.15 -28.78 6.34
C GLN A 1204 -23.73 -28.89 7.74
N PRO A 1205 -23.50 -27.88 8.59
CA PRO A 1205 -24.10 -27.92 9.93
C PRO A 1205 -25.62 -27.78 9.86
N ALA A 1206 -26.28 -28.38 10.85
CA ALA A 1206 -27.74 -28.35 10.88
C ALA A 1206 -28.26 -26.92 11.03
N ILE A 1207 -27.65 -26.12 11.89
CA ILE A 1207 -28.06 -24.75 12.15
C ILE A 1207 -26.88 -23.82 11.91
N LYS A 1208 -27.16 -22.72 11.22
CA LYS A 1208 -26.14 -21.73 10.91
C LYS A 1208 -26.35 -20.48 11.77
N PRO A 1209 -25.43 -20.15 12.68
CA PRO A 1209 -25.61 -18.95 13.48
C PRO A 1209 -25.50 -17.68 12.65
N LYS A 1210 -26.22 -16.66 13.07
CA LYS A 1210 -26.21 -15.36 12.40
C LYS A 1210 -25.33 -14.39 13.18
N CYS A 1211 -24.44 -13.70 12.45
CA CYS A 1211 -23.42 -12.80 12.98
C CYS A 1211 -22.80 -13.34 14.27
N PRO A 1212 -22.10 -14.47 14.21
CA PRO A 1212 -21.52 -15.03 15.42
C PRO A 1212 -20.32 -14.23 15.90
N SER A 1213 -20.07 -14.34 17.20
CA SER A 1213 -18.92 -13.68 17.81
C SER A 1213 -17.64 -14.43 17.48
N ALA A 1214 -16.50 -13.78 17.78
CA ALA A 1214 -15.20 -14.42 17.58
C ALA A 1214 -15.04 -15.64 18.48
N ALA A 1215 -15.48 -15.51 19.75
CA ALA A 1215 -15.36 -16.62 20.68
C ALA A 1215 -16.19 -17.83 20.22
N LEU A 1216 -17.40 -17.57 19.71
CA LEU A 1216 -18.22 -18.67 19.21
C LEU A 1216 -17.57 -19.37 18.03
N ARG A 1217 -16.98 -18.59 17.12
CA ARG A 1217 -16.32 -19.19 15.97
C ARG A 1217 -15.12 -20.03 16.40
N GLU A 1218 -14.31 -19.51 17.33
CA GLU A 1218 -13.17 -20.28 17.81
C GLU A 1218 -13.62 -21.56 18.52
N ALA A 1219 -14.67 -21.47 19.32
CA ALA A 1219 -15.19 -22.65 20.01
C ALA A 1219 -15.68 -23.69 19.01
N ILE A 1220 -16.39 -23.25 17.97
CA ILE A 1220 -16.90 -24.19 16.96
C ILE A 1220 -15.74 -24.88 16.25
N GLU A 1221 -14.73 -24.10 15.85
CA GLU A 1221 -13.59 -24.69 15.16
C GLU A 1221 -12.83 -25.67 16.05
N LEU A 1222 -12.62 -25.31 17.31
CA LEU A 1222 -11.93 -26.19 18.24
C LEU A 1222 -12.71 -27.49 18.47
N ALA A 1223 -14.03 -27.38 18.65
CA ALA A 1223 -14.84 -28.58 18.84
C ALA A 1223 -14.80 -29.47 17.61
N SER A 1224 -14.88 -28.87 16.42
CA SER A 1224 -14.82 -29.66 15.19
C SER A 1224 -13.49 -30.38 15.06
N ARG A 1225 -12.39 -29.68 15.37
CA ARG A 1225 -11.07 -30.30 15.26
C ARG A 1225 -10.92 -31.47 16.24
N LEU A 1226 -11.33 -31.26 17.49
CA LEU A 1226 -11.21 -32.34 18.47
C LEU A 1226 -12.11 -33.52 18.11
N THR A 1227 -13.32 -33.25 17.63
CA THR A 1227 -14.21 -34.34 17.24
C THR A 1227 -13.62 -35.13 16.08
N TRP A 1228 -13.05 -34.45 15.08
CA TRP A 1228 -12.58 -35.15 13.90
C TRP A 1228 -11.28 -35.91 14.15
N VAL A 1229 -10.40 -35.36 15.00
CA VAL A 1229 -9.09 -35.99 15.18
C VAL A 1229 -9.24 -37.32 15.92
N THR A 1230 -10.16 -37.39 16.87
CA THR A 1230 -10.40 -38.59 17.67
C THR A 1230 -11.76 -39.15 17.24
N GLN A 1231 -11.75 -39.98 16.20
CA GLN A 1231 -12.98 -40.50 15.61
C GLN A 1231 -13.30 -41.92 16.05
N GLY A 1232 -12.29 -42.76 16.24
CA GLY A 1232 -12.51 -44.14 16.62
C GLY A 1232 -12.79 -44.39 18.08
N SER A 1233 -12.72 -43.36 18.93
CA SER A 1233 -12.94 -43.51 20.35
C SER A 1233 -14.35 -43.02 20.73
N SER A 1234 -14.70 -43.20 22.00
CA SER A 1234 -15.99 -42.78 22.52
C SER A 1234 -15.86 -41.71 23.60
N ASN A 1235 -14.73 -41.01 23.65
CA ASN A 1235 -14.48 -39.96 24.63
C ASN A 1235 -14.68 -38.57 24.06
N SER A 1236 -15.29 -38.45 22.88
CA SER A 1236 -15.43 -37.15 22.24
C SER A 1236 -16.30 -36.18 23.04
N ASP A 1237 -17.08 -36.69 23.99
CA ASP A 1237 -17.93 -35.83 24.82
C ASP A 1237 -17.16 -35.22 25.99
N LEU A 1238 -16.36 -36.02 26.68
CA LEU A 1238 -15.69 -35.55 27.89
C LEU A 1238 -14.50 -34.65 27.60
N LEU A 1239 -13.84 -34.84 26.45
CA LEU A 1239 -12.63 -34.07 26.18
C LEU A 1239 -12.95 -32.63 25.79
N ILE A 1240 -14.02 -32.42 25.02
CA ILE A 1240 -14.32 -31.08 24.50
C ILE A 1240 -14.80 -30.16 25.61
N LYS A 1241 -15.54 -30.68 26.59
CA LYS A 1241 -16.23 -29.82 27.56
C LYS A 1241 -15.30 -28.87 28.31
N PRO A 1242 -14.16 -29.31 28.88
CA PRO A 1242 -13.32 -28.34 29.61
C PRO A 1242 -12.81 -27.20 28.74
N PHE A 1243 -12.57 -27.45 27.46
CA PHE A 1243 -12.13 -26.37 26.57
C PHE A 1243 -13.23 -25.37 26.30
N LEU A 1244 -14.47 -25.85 26.11
CA LEU A 1244 -15.59 -24.97 25.83
C LEU A 1244 -16.08 -24.22 27.06
N GLU A 1245 -15.82 -24.74 28.26
CA GLU A 1245 -16.26 -24.05 29.47
C GLU A 1245 -15.60 -22.69 29.65
N ALA A 1246 -14.45 -22.46 29.02
CA ALA A 1246 -13.74 -21.20 29.15
C ALA A 1246 -13.94 -20.26 27.97
N ARG A 1247 -14.76 -20.64 26.99
CA ARG A 1247 -14.95 -19.84 25.79
C ARG A 1247 -16.37 -19.35 25.61
N VAL A 1248 -17.36 -20.25 25.65
CA VAL A 1248 -18.72 -19.92 25.26
C VAL A 1248 -19.68 -20.38 26.35
N ASN A 1249 -20.84 -19.73 26.43
CA ASN A 1249 -21.83 -20.07 27.45
C ASN A 1249 -22.56 -21.37 27.12
N LEU A 1250 -22.70 -21.70 25.84
CA LEU A 1250 -23.43 -22.90 25.46
C LEU A 1250 -22.71 -24.16 25.92
N SER A 1251 -23.49 -25.19 26.20
CA SER A 1251 -22.97 -26.47 26.66
C SER A 1251 -22.82 -27.43 25.48
N VAL A 1252 -22.28 -28.61 25.77
CA VAL A 1252 -22.13 -29.64 24.74
C VAL A 1252 -23.51 -30.13 24.29
N GLN A 1253 -23.57 -30.66 23.09
CA GLN A 1253 -24.74 -31.10 22.33
C GLN A 1253 -25.48 -29.91 21.73
N GLU A 1254 -25.06 -28.68 22.03
CA GLU A 1254 -25.51 -27.49 21.33
C GLU A 1254 -24.48 -26.97 20.34
N ILE A 1255 -23.20 -26.97 20.73
CA ILE A 1255 -22.14 -26.64 19.78
C ILE A 1255 -22.04 -27.73 18.70
N LEU A 1256 -22.27 -28.99 19.08
CA LEU A 1256 -22.14 -30.09 18.14
C LEU A 1256 -23.14 -29.97 17.00
N GLN A 1257 -24.28 -29.33 17.23
CA GLN A 1257 -25.24 -29.11 16.14
C GLN A 1257 -24.72 -28.13 15.10
N MET A 1258 -23.87 -27.18 15.50
CA MET A 1258 -23.31 -26.20 14.57
C MET A 1258 -21.99 -26.64 13.97
N THR A 1259 -21.41 -27.74 14.43
CA THR A 1259 -20.12 -28.18 13.91
C THR A 1259 -20.32 -28.88 12.58
N PRO A 1260 -19.64 -28.45 11.52
CA PRO A 1260 -19.75 -29.15 10.24
C PRO A 1260 -19.27 -30.59 10.35
N SER A 1261 -19.95 -31.49 9.63
CA SER A 1261 -19.62 -32.90 9.64
C SER A 1261 -18.43 -33.14 8.72
N HIS A 1262 -17.26 -33.41 9.31
CA HIS A 1262 -16.05 -33.68 8.56
C HIS A 1262 -15.82 -35.19 8.50
N TYR A 1263 -15.69 -35.71 7.28
CA TYR A 1263 -15.48 -37.13 7.05
C TYR A 1263 -14.34 -37.27 6.04
N SER A 1264 -13.11 -37.35 6.56
CA SER A 1264 -11.91 -37.50 5.75
C SER A 1264 -11.07 -38.66 6.29
N GLY A 1265 -10.00 -38.95 5.58
CA GLY A 1265 -9.07 -39.99 5.99
C GLY A 1265 -7.65 -39.50 5.90
N ASN A 1266 -6.76 -40.20 6.62
CA ASN A 1266 -5.35 -39.84 6.67
C ASN A 1266 -5.18 -38.39 7.11
N ILE A 1267 -5.54 -38.11 8.37
CA ILE A 1267 -5.52 -36.76 8.94
C ILE A 1267 -4.21 -36.04 8.64
N VAL A 1268 -3.13 -36.80 8.45
CA VAL A 1268 -1.86 -36.20 8.08
C VAL A 1268 -1.96 -35.51 6.72
N HIS A 1269 -2.67 -36.11 5.75
CA HIS A 1269 -2.87 -35.45 4.46
C HIS A 1269 -3.70 -34.18 4.61
N ARG A 1270 -4.73 -34.23 5.45
CA ARG A 1270 -5.56 -33.04 5.66
C ARG A 1270 -4.76 -31.91 6.28
N TYR A 1271 -3.89 -32.23 7.24
CA TYR A 1271 -3.07 -31.18 7.84
C TYR A 1271 -1.98 -30.71 6.87
N ASN A 1272 -1.52 -31.58 5.97
CA ASN A 1272 -0.46 -31.18 5.05
C ASN A 1272 -0.99 -30.28 3.95
N ASP A 1273 -2.14 -30.62 3.35
CA ASP A 1273 -2.58 -29.93 2.14
C ASP A 1273 -4.06 -29.62 2.08
N GLN A 1274 -4.79 -29.69 3.21
CA GLN A 1274 -6.19 -29.29 3.23
C GLN A 1274 -6.44 -28.10 4.15
N TYR A 1275 -5.99 -28.17 5.40
CA TYR A 1275 -6.06 -27.01 6.27
C TYR A 1275 -5.11 -25.91 5.84
N SER A 1276 -4.11 -26.24 5.02
CA SER A 1276 -3.20 -25.29 4.38
C SER A 1276 -2.46 -24.42 5.39
N PRO A 1277 -1.53 -24.97 6.18
CA PRO A 1277 -0.66 -24.10 6.98
C PRO A 1277 0.16 -23.14 6.14
N HIS A 1278 0.56 -23.56 4.95
CA HIS A 1278 1.28 -22.72 4.01
C HIS A 1278 0.62 -22.84 2.64
N SER A 1279 0.83 -21.82 1.82
CA SER A 1279 0.25 -21.78 0.48
C SER A 1279 1.14 -22.40 -0.59
N PHE A 1280 2.33 -22.88 -0.21
CA PHE A 1280 3.26 -23.54 -1.13
C PHE A 1280 3.66 -22.62 -2.27
N MET A 1281 2.95 -22.72 -3.40
CA MET A 1281 3.18 -21.97 -4.65
C MET A 1281 4.62 -22.08 -5.12
N ALA A 1282 4.99 -21.27 -6.11
CA ALA A 1282 6.27 -21.39 -6.79
C ALA A 1282 7.20 -20.25 -6.41
N ASN A 1283 8.44 -20.34 -6.91
CA ASN A 1283 9.47 -19.35 -6.65
C ASN A 1283 10.14 -18.90 -7.94
N ARG A 1284 9.38 -18.88 -9.04
CA ARG A 1284 9.89 -18.46 -10.34
C ARG A 1284 8.83 -17.64 -11.04
N MET A 1285 9.23 -16.92 -12.09
CA MET A 1285 8.28 -16.17 -12.88
C MET A 1285 7.34 -17.12 -13.62
N SER A 1286 6.07 -16.72 -13.72
CA SER A 1286 5.01 -17.58 -14.22
C SER A 1286 4.89 -17.58 -15.74
N ASN A 1287 5.92 -17.11 -16.46
CA ASN A 1287 5.85 -17.10 -17.92
C ASN A 1287 6.02 -18.51 -18.49
N SER A 1288 6.95 -19.29 -17.92
CA SER A 1288 7.23 -20.61 -18.47
C SER A 1288 6.13 -21.61 -18.14
N ALA A 1289 5.42 -21.42 -17.02
CA ALA A 1289 4.40 -22.37 -16.62
C ALA A 1289 3.26 -22.48 -17.63
N THR A 1290 3.09 -21.46 -18.48
CA THR A 1290 2.06 -21.50 -19.51
C THR A 1290 2.49 -22.27 -20.76
N ARG A 1291 3.77 -22.60 -20.89
CA ARG A 1291 4.28 -23.27 -22.07
C ARG A 1291 4.56 -24.75 -21.84
N LEU A 1292 4.07 -25.33 -20.75
CA LEU A 1292 4.35 -26.71 -20.40
C LEU A 1292 3.06 -27.43 -20.07
N ILE A 1293 3.04 -28.73 -20.37
CA ILE A 1293 1.97 -29.63 -19.97
C ILE A 1293 2.58 -30.75 -19.12
N VAL A 1294 2.00 -30.99 -17.95
CA VAL A 1294 2.53 -31.94 -16.99
C VAL A 1294 1.48 -33.01 -16.75
N SER A 1295 1.88 -34.27 -16.91
CA SER A 1295 1.01 -35.42 -16.70
C SER A 1295 1.51 -36.20 -15.48
N THR A 1296 0.62 -36.37 -14.50
CA THR A 1296 0.94 -37.10 -13.27
C THR A 1296 0.15 -38.39 -13.14
N ASN A 1297 -0.87 -38.62 -13.97
CA ASN A 1297 -1.63 -39.86 -13.91
C ASN A 1297 -0.82 -41.07 -14.31
N THR A 1298 0.35 -40.88 -14.92
CA THR A 1298 1.21 -41.99 -15.29
C THR A 1298 1.75 -42.73 -14.07
N LEU A 1299 1.69 -42.11 -12.89
CA LEU A 1299 2.18 -42.75 -11.68
C LEU A 1299 1.40 -44.02 -11.33
N GLY A 1300 0.22 -44.20 -11.90
CA GLY A 1300 -0.57 -45.40 -11.65
C GLY A 1300 -1.14 -45.45 -10.25
N GLU A 1301 -0.60 -46.33 -9.40
CA GLU A 1301 -1.01 -46.43 -8.02
C GLU A 1301 -0.41 -45.35 -7.14
N PHE A 1302 0.22 -44.33 -7.74
CA PHE A 1302 0.88 -43.25 -7.01
C PHE A 1302 1.94 -43.79 -6.06
N SER A 1303 2.63 -44.85 -6.50
CA SER A 1303 3.71 -45.48 -5.74
C SER A 1303 3.24 -45.90 -4.34
N ASP A 1311 -2.30 -42.15 1.79
CA ASP A 1311 -1.78 -42.59 0.50
C ASP A 1311 -0.26 -42.70 0.51
N SER A 1312 0.41 -41.63 0.12
CA SER A 1312 1.87 -41.61 0.01
C SER A 1312 2.38 -40.29 0.55
N ASN A 1313 3.70 -40.08 0.43
CA ASN A 1313 4.35 -38.87 0.90
C ASN A 1313 4.48 -37.81 -0.17
N ILE A 1314 3.97 -38.07 -1.38
CA ILE A 1314 4.16 -37.15 -2.50
C ILE A 1314 3.19 -35.98 -2.38
N ILE A 1315 3.72 -34.77 -2.46
CA ILE A 1315 2.92 -33.55 -2.50
C ILE A 1315 2.90 -33.09 -3.95
N PHE A 1316 1.71 -33.10 -4.56
CA PHE A 1316 1.61 -32.87 -6.00
C PHE A 1316 1.93 -31.43 -6.38
N GLN A 1317 1.53 -30.47 -5.54
CA GLN A 1317 1.80 -29.07 -5.85
C GLN A 1317 3.29 -28.80 -5.95
N ASN A 1318 4.07 -29.32 -5.00
CA ASN A 1318 5.52 -29.16 -5.07
C ASN A 1318 6.10 -29.97 -6.23
N VAL A 1319 5.46 -31.06 -6.63
CA VAL A 1319 5.93 -31.80 -7.81
C VAL A 1319 5.81 -30.93 -9.05
N ILE A 1320 4.66 -30.29 -9.23
CA ILE A 1320 4.46 -29.41 -10.39
C ILE A 1320 5.43 -28.24 -10.32
N ASN A 1321 5.59 -27.64 -9.13
CA ASN A 1321 6.52 -26.53 -8.99
C ASN A 1321 7.95 -26.94 -9.33
N TYR A 1322 8.37 -28.12 -8.85
CA TYR A 1322 9.71 -28.61 -9.12
C TYR A 1322 9.93 -28.83 -10.61
N ALA A 1323 8.96 -29.46 -11.28
CA ALA A 1323 9.10 -29.71 -12.71
C ALA A 1323 9.20 -28.40 -13.50
N VAL A 1324 8.30 -27.46 -13.21
CA VAL A 1324 8.30 -26.20 -13.94
C VAL A 1324 9.59 -25.42 -13.70
N ALA A 1325 10.01 -25.34 -12.43
CA ALA A 1325 11.21 -24.59 -12.11
C ALA A 1325 12.45 -25.24 -12.71
N LEU A 1326 12.50 -26.57 -12.71
CA LEU A 1326 13.64 -27.27 -13.30
C LEU A 1326 13.73 -27.02 -14.80
N PHE A 1327 12.59 -27.07 -15.49
CA PHE A 1327 12.60 -26.76 -16.91
C PHE A 1327 13.00 -25.32 -17.18
N ASP A 1328 12.53 -24.39 -16.35
CA ASP A 1328 12.88 -22.98 -16.53
C ASP A 1328 14.37 -22.75 -16.33
N ILE A 1329 14.94 -23.34 -15.27
CA ILE A 1329 16.36 -23.14 -14.97
C ILE A 1329 17.23 -23.81 -16.02
N LYS A 1330 16.81 -24.97 -16.52
CA LYS A 1330 17.63 -25.71 -17.48
C LYS A 1330 17.88 -24.90 -18.75
N PHE A 1331 16.84 -24.26 -19.28
CA PHE A 1331 16.93 -23.48 -20.51
C PHE A 1331 16.55 -22.04 -20.18
N ARG A 1332 17.54 -21.24 -19.79
CA ARG A 1332 17.32 -19.83 -19.49
C ARG A 1332 18.23 -18.87 -20.24
N ASN A 1333 19.35 -19.35 -20.79
CA ASN A 1333 20.25 -18.50 -21.57
C ASN A 1333 20.42 -19.00 -23.00
N THR A 1334 19.51 -19.85 -23.46
CA THR A 1334 19.55 -20.40 -24.81
C THR A 1334 18.28 -20.02 -25.55
N GLU A 1335 18.43 -19.60 -26.80
CA GLU A 1335 17.27 -19.26 -27.61
C GLU A 1335 16.46 -20.50 -27.96
N ALA A 1336 15.14 -20.31 -28.10
CA ALA A 1336 14.22 -21.43 -28.15
C ALA A 1336 14.42 -22.31 -29.37
N THR A 1337 14.93 -21.77 -30.47
CA THR A 1337 15.07 -22.54 -31.69
C THR A 1337 16.14 -23.62 -31.59
N ASP A 1338 17.01 -23.59 -30.57
CA ASP A 1338 18.07 -24.56 -30.45
C ASP A 1338 17.84 -25.60 -29.35
N ILE A 1339 16.79 -25.47 -28.55
CA ILE A 1339 16.52 -26.43 -27.50
C ILE A 1339 16.27 -27.80 -28.13
N GLN A 1340 17.14 -28.76 -27.83
CA GLN A 1340 17.11 -30.07 -28.46
C GLN A 1340 16.29 -31.08 -27.68
N TYR A 1341 15.74 -30.71 -26.53
CA TYR A 1341 15.00 -31.64 -25.68
C TYR A 1341 13.51 -31.34 -25.78
N ASN A 1342 12.72 -32.37 -26.08
CA ASN A 1342 11.29 -32.21 -26.28
C ASN A 1342 10.50 -32.48 -25.00
N ARG A 1343 10.83 -33.56 -24.30
CA ARG A 1343 10.07 -33.96 -23.12
C ARG A 1343 11.03 -34.42 -22.03
N ALA A 1344 10.49 -34.50 -20.81
CA ALA A 1344 11.27 -34.89 -19.64
C ALA A 1344 10.49 -35.89 -18.81
N HIS A 1345 11.22 -36.86 -18.24
CA HIS A 1345 10.66 -37.89 -17.38
C HIS A 1345 11.20 -37.72 -15.97
N LEU A 1346 10.30 -37.67 -14.99
CA LEU A 1346 10.66 -37.60 -13.58
C LEU A 1346 10.36 -38.96 -12.97
N HIS A 1347 11.40 -39.78 -12.78
CA HIS A 1347 11.24 -41.12 -12.25
C HIS A 1347 11.52 -41.11 -10.76
N LEU A 1348 10.60 -41.66 -9.97
CA LEU A 1348 10.73 -41.66 -8.53
C LEU A 1348 11.63 -42.81 -8.06
N THR A 1349 12.46 -42.53 -7.07
CA THR A 1349 13.33 -43.55 -6.51
C THR A 1349 12.54 -44.51 -5.62
N LYS A 1350 13.16 -45.64 -5.31
CA LYS A 1350 12.51 -46.71 -4.55
C LYS A 1350 13.01 -46.77 -3.10
N CYS A 1351 13.47 -45.66 -2.56
CA CYS A 1351 14.00 -45.66 -1.20
C CYS A 1351 13.33 -44.63 -0.29
N CYS A 1352 13.01 -43.46 -0.82
CA CYS A 1352 12.49 -42.37 0.00
C CYS A 1352 10.97 -42.29 0.02
N THR A 1353 10.27 -43.21 -0.65
CA THR A 1353 8.82 -43.21 -0.71
C THR A 1353 8.26 -44.33 0.15
N ARG A 1354 7.30 -44.00 1.00
CA ARG A 1354 6.68 -44.95 1.90
C ARG A 1354 5.16 -44.83 1.81
N GLU A 1355 4.47 -45.71 2.54
CA GLU A 1355 3.02 -45.73 2.60
C GLU A 1355 2.57 -45.29 3.99
N VAL A 1356 1.72 -44.28 4.04
CA VAL A 1356 1.23 -43.75 5.31
C VAL A 1356 -0.12 -44.39 5.63
N PRO A 1357 -0.27 -45.04 6.78
CA PRO A 1357 -1.55 -45.64 7.14
C PRO A 1357 -2.49 -44.64 7.79
N ALA A 1358 -3.75 -45.05 7.93
CA ALA A 1358 -4.77 -44.24 8.58
C ALA A 1358 -4.70 -44.47 10.08
N GLN A 1359 -4.32 -43.42 10.82
CA GLN A 1359 -4.16 -43.50 12.26
C GLN A 1359 -4.98 -42.40 12.92
N TYR A 1360 -5.49 -42.71 14.12
CA TYR A 1360 -6.27 -41.76 14.91
C TYR A 1360 -5.67 -41.64 16.30
N LEU A 1361 -5.78 -40.43 16.87
CA LEU A 1361 -5.28 -40.20 18.21
C LEU A 1361 -6.16 -40.88 19.24
N THR A 1362 -5.55 -41.23 20.37
CA THR A 1362 -6.25 -41.90 21.46
C THR A 1362 -5.82 -41.29 22.78
N TYR A 1363 -6.75 -40.62 23.46
CA TYR A 1363 -6.50 -40.02 24.76
C TYR A 1363 -7.17 -40.88 25.83
N THR A 1364 -6.37 -41.31 26.81
CA THR A 1364 -6.89 -42.16 27.88
C THR A 1364 -7.38 -41.36 29.07
N SER A 1365 -6.90 -40.14 29.26
CA SER A 1365 -7.24 -39.32 30.41
C SER A 1365 -8.02 -38.09 29.95
N THR A 1366 -8.29 -37.19 30.88
CA THR A 1366 -9.02 -35.96 30.63
C THR A 1366 -8.20 -34.79 31.17
N LEU A 1367 -8.40 -33.61 30.58
CA LEU A 1367 -7.63 -32.43 30.98
C LEU A 1367 -7.80 -32.13 32.47
N ASP A 1368 -8.98 -32.43 33.03
CA ASP A 1368 -9.32 -32.29 34.45
C ASP A 1368 -8.74 -31.04 35.10
N LEU A 1369 -8.80 -29.91 34.41
CA LEU A 1369 -8.34 -28.63 34.93
C LEU A 1369 -9.52 -27.68 35.09
N ASP A 1370 -9.46 -26.85 36.11
CA ASP A 1370 -10.53 -25.90 36.43
C ASP A 1370 -10.31 -24.62 35.61
N LEU A 1371 -11.18 -24.38 34.64
CA LEU A 1371 -11.09 -23.21 33.77
C LEU A 1371 -12.32 -22.32 33.88
N THR A 1372 -13.03 -22.37 35.01
CA THR A 1372 -14.22 -21.56 35.21
C THR A 1372 -13.91 -20.17 35.78
N ARG A 1373 -12.67 -19.91 36.15
CA ARG A 1373 -12.30 -18.60 36.67
C ARG A 1373 -12.36 -17.52 35.61
N TYR A 1374 -12.36 -17.90 34.32
CA TYR A 1374 -12.32 -16.94 33.22
C TYR A 1374 -13.73 -16.48 32.92
N ARG A 1375 -14.11 -15.34 33.49
CA ARG A 1375 -15.41 -14.71 33.29
C ARG A 1375 -15.25 -13.23 33.01
N GLU A 1376 -14.33 -12.90 32.09
CA GLU A 1376 -14.02 -11.53 31.74
C GLU A 1376 -14.32 -11.29 30.26
N ASN A 1377 -14.10 -10.05 29.82
CA ASN A 1377 -14.37 -9.63 28.46
C ASN A 1377 -13.25 -10.05 27.50
N GLU A 1378 -13.23 -9.44 26.32
CA GLU A 1378 -12.23 -9.68 25.28
C GLU A 1378 -12.41 -11.06 24.66
N LEU A 1379 -11.31 -11.75 24.41
CA LEU A 1379 -11.32 -13.07 23.79
C LEU A 1379 -11.63 -14.18 24.79
N ILE A 1380 -12.24 -13.83 25.91
CA ILE A 1380 -12.51 -14.78 26.98
C ILE A 1380 -14.03 -14.97 27.04
N TYR A 1381 -14.49 -15.84 27.95
CA TYR A 1381 -15.89 -16.23 28.08
C TYR A 1381 -16.84 -15.05 27.90
N ASP A 1382 -17.85 -15.25 27.05
CA ASP A 1382 -18.88 -14.26 26.80
C ASP A 1382 -20.25 -14.85 27.14
N ASN A 1383 -21.16 -13.97 27.54
CA ASN A 1383 -22.52 -14.37 27.89
C ASN A 1383 -23.48 -14.10 26.73
N ASN A 1384 -24.48 -14.96 26.60
CA ASN A 1384 -25.51 -14.86 25.57
C ASN A 1384 -24.89 -14.85 24.18
N PRO A 1385 -24.33 -15.97 23.72
CA PRO A 1385 -23.72 -15.99 22.38
C PRO A 1385 -24.73 -16.06 21.25
N LEU A 1386 -25.95 -16.54 21.50
CA LEU A 1386 -26.98 -16.63 20.47
C LEU A 1386 -27.90 -15.42 20.52
N LYS A 1387 -27.32 -14.25 20.27
CA LYS A 1387 -28.04 -12.99 20.32
C LYS A 1387 -28.53 -12.53 18.95
N GLY A 1388 -27.75 -12.76 17.90
CA GLY A 1388 -28.11 -12.32 16.57
C GLY A 1388 -29.07 -13.20 15.82
N GLY A 1389 -29.52 -14.30 16.43
CA GLY A 1389 -30.45 -15.20 15.78
C GLY A 1389 -29.76 -16.35 15.08
N LEU A 1390 -30.59 -17.21 14.48
CA LEU A 1390 -30.12 -18.40 13.80
C LEU A 1390 -30.81 -18.51 12.44
N ASN A 1391 -30.12 -19.16 11.51
CA ASN A 1391 -30.66 -19.36 10.16
C ASN A 1391 -31.58 -20.56 10.12
N SER B 106 -88.07 -0.71 -4.52
CA SER B 106 -87.57 0.52 -3.91
C SER B 106 -86.11 0.36 -3.50
N LEU B 107 -85.85 -0.61 -2.62
CA LEU B 107 -84.48 -0.84 -2.17
C LEU B 107 -83.60 -1.38 -3.30
N GLU B 108 -84.17 -2.16 -4.22
CA GLU B 108 -83.40 -2.69 -5.33
C GLU B 108 -82.88 -1.56 -6.22
N GLN B 109 -83.72 -0.55 -6.48
CA GLN B 109 -83.26 0.60 -7.26
C GLN B 109 -82.14 1.34 -6.55
N ARG B 110 -82.25 1.49 -5.22
CA ARG B 110 -81.20 2.13 -4.46
C ARG B 110 -79.89 1.36 -4.55
N ILE B 111 -79.97 0.02 -4.46
CA ILE B 111 -78.76 -0.79 -4.57
C ILE B 111 -78.15 -0.67 -5.97
N THR B 112 -78.99 -0.67 -6.99
CA THR B 112 -78.49 -0.50 -8.36
C THR B 112 -77.81 0.85 -8.54
N SER B 113 -78.41 1.91 -8.01
CA SER B 113 -77.80 3.23 -8.09
C SER B 113 -76.48 3.28 -7.33
N LEU B 114 -76.42 2.63 -6.16
CA LEU B 114 -75.18 2.58 -5.41
C LEU B 114 -74.09 1.86 -6.18
N GLU B 115 -74.43 0.74 -6.83
CA GLU B 115 -73.46 0.03 -7.67
C GLU B 115 -73.00 0.89 -8.83
N ASN B 116 -73.92 1.60 -9.48
CA ASN B 116 -73.56 2.45 -10.60
C ASN B 116 -72.62 3.58 -10.15
N GLY B 117 -72.87 4.16 -8.98
CA GLY B 117 -72.01 5.20 -8.47
C GLY B 117 -70.68 4.71 -7.93
N LEU B 118 -70.61 3.46 -7.48
CA LEU B 118 -69.39 2.90 -6.95
C LEU B 118 -68.52 2.26 -8.02
N LYS B 119 -69.08 2.00 -9.21
CA LYS B 119 -68.27 1.48 -10.31
C LYS B 119 -67.12 2.39 -10.71
N PRO B 120 -67.30 3.70 -10.91
CA PRO B 120 -66.23 4.52 -11.46
C PRO B 120 -65.14 4.91 -10.47
N VAL B 121 -65.08 4.32 -9.27
CA VAL B 121 -64.00 4.59 -8.32
C VAL B 121 -62.97 3.48 -8.32
N TYR B 122 -63.18 2.40 -9.07
CA TYR B 122 -62.20 1.33 -9.14
C TYR B 122 -61.00 1.73 -9.99
N ASP B 123 -61.20 2.62 -10.96
CA ASP B 123 -60.14 2.92 -11.94
C ASP B 123 -59.10 3.88 -11.37
N MET B 124 -59.38 4.53 -10.24
CA MET B 124 -58.43 5.49 -9.71
C MET B 124 -57.20 4.81 -9.09
N ALA B 125 -57.29 3.50 -8.86
CA ALA B 125 -56.14 2.77 -8.31
C ALA B 125 -54.96 2.80 -9.29
N LYS B 126 -55.24 2.62 -10.57
CA LYS B 126 -54.17 2.58 -11.57
C LYS B 126 -53.45 3.92 -11.66
N THR B 127 -54.17 5.03 -11.46
CA THR B 127 -53.57 6.36 -11.51
C THR B 127 -53.05 6.83 -10.16
N ILE B 128 -53.37 6.13 -9.08
CA ILE B 128 -52.85 6.50 -7.77
C ILE B 128 -51.57 5.72 -7.51
N SER B 129 -51.38 4.61 -8.23
CA SER B 129 -50.12 3.88 -8.12
C SER B 129 -48.94 4.75 -8.57
N SER B 130 -49.10 5.44 -9.69
CA SER B 130 -48.04 6.34 -10.17
C SER B 130 -47.83 7.49 -9.20
N LEU B 131 -48.92 7.98 -8.60
CA LEU B 131 -48.80 9.01 -7.57
C LEU B 131 -47.95 8.52 -6.41
N ASN B 132 -48.19 7.29 -5.96
CA ASN B 132 -47.40 6.70 -4.90
C ASN B 132 -45.92 6.65 -5.30
N ARG B 133 -45.65 6.21 -6.53
CA ARG B 133 -44.28 6.11 -7.00
C ARG B 133 -43.57 7.46 -6.97
N VAL B 134 -44.20 8.49 -7.55
CA VAL B 134 -43.55 9.79 -7.65
C VAL B 134 -43.39 10.44 -6.28
N CYS B 135 -44.40 10.28 -5.40
CA CYS B 135 -44.29 10.83 -4.06
C CYS B 135 -43.16 10.17 -3.29
N ALA B 136 -43.03 8.84 -3.40
CA ALA B 136 -41.96 8.15 -2.72
C ALA B 136 -40.60 8.62 -3.22
N GLU B 137 -40.47 8.79 -4.53
CA GLU B 137 -39.21 9.27 -5.08
C GLU B 137 -38.86 10.65 -4.57
N MET B 138 -39.84 11.57 -4.58
CA MET B 138 -39.58 12.93 -4.12
C MET B 138 -39.21 12.95 -2.64
N VAL B 139 -39.92 12.17 -1.82
CA VAL B 139 -39.62 12.13 -0.40
C VAL B 139 -38.22 11.61 -0.15
N ALA B 140 -37.82 10.55 -0.86
CA ALA B 140 -36.46 10.03 -0.70
C ALA B 140 -35.42 11.08 -1.06
N LYS B 141 -35.58 11.72 -2.22
CA LYS B 141 -34.60 12.70 -2.68
C LYS B 141 -34.46 13.85 -1.70
N TYR B 142 -35.58 14.47 -1.32
CA TYR B 142 -35.49 15.65 -0.47
C TYR B 142 -35.17 15.29 0.98
N ASP B 143 -35.53 14.08 1.41
CA ASP B 143 -35.09 13.62 2.74
C ASP B 143 -33.58 13.51 2.79
N LEU B 144 -32.96 12.93 1.76
CA LEU B 144 -31.50 12.88 1.73
C LEU B 144 -30.92 14.29 1.64
N LEU B 145 -31.55 15.18 0.88
CA LEU B 145 -31.05 16.55 0.77
C LEU B 145 -31.03 17.24 2.13
N VAL B 146 -32.12 17.13 2.89
CA VAL B 146 -32.15 17.77 4.20
C VAL B 146 -31.24 17.06 5.19
N MET B 147 -31.01 15.75 5.00
CA MET B 147 -30.08 15.01 5.84
C MET B 147 -28.64 15.44 5.65
N THR B 148 -28.22 15.70 4.41
CA THR B 148 -26.82 16.01 4.13
C THR B 148 -26.44 17.44 4.48
N THR B 149 -27.41 18.31 4.73
CA THR B 149 -27.15 19.69 5.16
C THR B 149 -27.55 19.84 6.61
N GLY B 150 -26.75 20.58 7.37
CA GLY B 150 -26.99 20.69 8.80
C GLY B 150 -28.11 21.64 9.16
N ARG B 151 -27.91 22.40 10.23
CA ARG B 151 -28.88 23.38 10.70
C ARG B 151 -28.50 24.80 10.30
N ALA B 152 -27.57 24.96 9.36
CA ALA B 152 -27.09 26.26 8.91
C ALA B 152 -27.23 26.38 7.40
N THR B 153 -28.43 26.05 6.90
CA THR B 153 -28.66 25.97 5.47
C THR B 153 -28.52 27.33 4.77
N ALA B 154 -28.57 28.44 5.51
CA ALA B 154 -28.25 29.76 4.97
C ALA B 154 -29.16 30.12 3.78
N THR B 155 -30.42 30.37 4.13
CA THR B 155 -31.46 30.74 3.16
C THR B 155 -31.00 31.83 2.19
N ALA B 156 -31.63 31.88 1.01
CA ALA B 156 -31.13 32.70 -0.09
C ALA B 156 -31.03 34.18 0.29
N ALA B 157 -32.02 34.70 1.02
CA ALA B 157 -31.95 36.09 1.46
C ALA B 157 -30.75 36.30 2.38
N ALA B 158 -30.51 35.35 3.28
CA ALA B 158 -29.40 35.48 4.21
C ALA B 158 -28.06 35.53 3.51
N THR B 159 -27.85 34.65 2.52
CA THR B 159 -26.57 34.66 1.81
C THR B 159 -26.44 35.85 0.88
N GLU B 160 -27.55 36.30 0.29
CA GLU B 160 -27.50 37.52 -0.52
C GLU B 160 -27.11 38.73 0.33
N ALA B 161 -27.65 38.83 1.54
CA ALA B 161 -27.26 39.92 2.44
C ALA B 161 -25.82 39.75 2.92
N TYR B 162 -25.40 38.51 3.16
CA TYR B 162 -24.05 38.25 3.65
C TYR B 162 -23.00 38.56 2.59
N TRP B 163 -23.34 38.41 1.30
CA TRP B 163 -22.37 38.70 0.26
C TRP B 163 -22.06 40.20 0.17
N ALA B 164 -23.01 41.05 0.56
CA ALA B 164 -22.83 42.49 0.37
C ALA B 164 -21.71 43.04 1.24
N GLU B 165 -21.73 42.74 2.53
CA GLU B 165 -20.71 43.20 3.47
C GLU B 165 -19.94 42.00 4.00
N HIS B 166 -18.63 42.19 4.22
CA HIS B 166 -17.68 41.12 4.52
C HIS B 166 -17.94 39.95 3.58
N GLY B 167 -17.64 40.16 2.29
CA GLY B 167 -18.12 39.31 1.21
C GLY B 167 -17.77 37.84 1.27
N GLN B 168 -17.08 37.40 2.30
CA GLN B 168 -16.80 35.98 2.45
C GLN B 168 -18.11 35.19 2.53
N PRO B 169 -18.12 33.94 2.06
CA PRO B 169 -19.36 33.17 2.06
C PRO B 169 -19.84 32.92 3.47
N PRO B 170 -21.15 32.79 3.67
CA PRO B 170 -21.67 32.62 5.02
C PRO B 170 -21.29 31.26 5.58
N PRO B 171 -21.20 31.12 6.90
CA PRO B 171 -21.01 29.80 7.50
C PRO B 171 -22.18 28.88 7.20
N GLY B 172 -21.89 27.61 6.98
CA GLY B 172 -22.91 26.66 6.63
C GLY B 172 -23.13 26.60 5.14
N PRO B 173 -23.69 25.48 4.66
CA PRO B 173 -23.88 25.31 3.22
C PRO B 173 -24.98 26.24 2.68
N SER B 174 -25.08 26.27 1.36
CA SER B 174 -26.13 27.02 0.70
C SER B 174 -26.41 26.37 -0.65
N LEU B 175 -27.60 26.64 -1.19
CA LEU B 175 -28.08 25.98 -2.40
C LEU B 175 -28.32 27.01 -3.49
N TYR B 176 -27.90 26.66 -4.71
CA TYR B 176 -28.13 27.50 -5.89
C TYR B 176 -28.74 26.69 -7.01
N GLU B 177 -28.78 27.27 -8.21
CA GLU B 177 -29.25 26.60 -9.42
C GLU B 177 -28.21 26.78 -10.50
N GLU B 178 -28.22 25.89 -11.49
CA GLU B 178 -27.25 25.96 -12.58
C GLU B 178 -27.30 27.31 -13.26
N SER B 179 -28.43 27.62 -13.92
CA SER B 179 -28.53 28.84 -14.71
C SER B 179 -28.39 30.08 -13.85
N ALA B 180 -28.96 30.06 -12.64
CA ALA B 180 -28.92 31.24 -11.77
C ALA B 180 -27.49 31.60 -11.40
N ILE B 181 -26.73 30.62 -10.88
CA ILE B 181 -25.36 30.92 -10.49
C ILE B 181 -24.49 31.20 -11.71
N ARG B 182 -24.77 30.56 -12.84
CA ARG B 182 -24.01 30.84 -14.05
C ARG B 182 -24.20 32.29 -14.49
N GLY B 183 -25.45 32.75 -14.54
CA GLY B 183 -25.71 34.13 -14.90
C GLY B 183 -25.17 35.12 -13.89
N LYS B 184 -25.21 34.75 -12.61
CA LYS B 184 -24.60 35.62 -11.59
C LYS B 184 -23.10 35.75 -11.80
N ILE B 185 -22.44 34.64 -12.15
CA ILE B 185 -21.00 34.67 -12.40
C ILE B 185 -20.68 35.51 -13.63
N GLU B 186 -21.47 35.35 -14.70
CA GLU B 186 -21.17 36.05 -15.95
C GLU B 186 -21.25 37.56 -15.81
N SER B 187 -21.95 38.07 -14.80
CA SER B 187 -22.04 39.51 -14.55
C SER B 187 -21.12 39.85 -13.39
N ARG B 188 -19.99 40.50 -13.70
CA ARG B 188 -18.99 40.86 -12.70
C ARG B 188 -19.23 42.28 -12.19
N ASP B 189 -20.40 42.48 -11.59
CA ASP B 189 -20.77 43.80 -11.06
C ASP B 189 -21.25 43.70 -9.62
N GLU B 190 -21.81 42.55 -9.25
CA GLU B 190 -22.37 42.34 -7.92
C GLU B 190 -21.34 41.79 -6.93
N THR B 191 -20.08 41.68 -7.34
CA THR B 191 -18.98 41.24 -6.47
C THR B 191 -19.27 39.89 -5.85
N VAL B 192 -19.41 38.89 -6.72
CA VAL B 192 -19.50 37.50 -6.26
C VAL B 192 -18.19 37.10 -5.61
N PRO B 193 -18.20 36.42 -4.46
CA PRO B 193 -16.94 36.07 -3.80
C PRO B 193 -16.03 35.24 -4.68
N GLN B 194 -14.72 35.49 -4.56
CA GLN B 194 -13.75 34.81 -5.43
C GLN B 194 -13.73 33.31 -5.17
N SER B 195 -13.89 32.88 -3.92
CA SER B 195 -13.90 31.46 -3.61
C SER B 195 -15.05 30.75 -4.29
N VAL B 196 -16.24 31.34 -4.27
CA VAL B 196 -17.39 30.77 -4.97
C VAL B 196 -17.12 30.70 -6.47
N ARG B 197 -16.52 31.76 -7.02
CA ARG B 197 -16.20 31.79 -8.44
C ARG B 197 -15.28 30.63 -8.81
N GLU B 198 -14.19 30.45 -8.07
CA GLU B 198 -13.24 29.41 -8.42
C GLU B 198 -13.81 28.02 -8.19
N ALA B 199 -14.64 27.85 -7.15
CA ALA B 199 -15.27 26.56 -6.91
C ALA B 199 -16.21 26.18 -8.06
N PHE B 200 -17.06 27.14 -8.48
CA PHE B 200 -17.97 26.85 -9.58
C PHE B 200 -17.22 26.63 -10.89
N ASN B 201 -16.14 27.38 -11.12
CA ASN B 201 -15.35 27.18 -12.31
C ASN B 201 -14.73 25.79 -12.33
N ASN B 202 -14.20 25.34 -11.20
CA ASN B 202 -13.62 24.00 -11.12
C ASN B 202 -14.69 22.94 -11.37
N LEU B 203 -15.88 23.12 -10.80
CA LEU B 203 -16.95 22.15 -11.02
C LEU B 203 -17.39 22.13 -12.48
N ASP B 204 -17.47 23.28 -13.12
CA ASP B 204 -17.99 23.38 -14.47
C ASP B 204 -16.98 22.94 -15.52
N SER B 205 -15.69 23.16 -15.29
CA SER B 205 -14.69 22.93 -16.32
C SER B 205 -14.60 21.47 -16.77
N THR B 206 -15.14 20.54 -15.98
CA THR B 206 -15.00 19.12 -16.29
C THR B 206 -16.17 18.58 -17.11
N THR B 207 -17.18 19.39 -17.42
CA THR B 207 -18.30 18.89 -18.20
C THR B 207 -18.01 18.83 -19.70
N SER B 208 -16.94 19.49 -20.15
CA SER B 208 -16.56 19.45 -21.56
C SER B 208 -15.53 18.36 -21.83
N LEU B 209 -15.85 17.14 -21.39
CA LEU B 209 -14.97 15.99 -21.56
C LEU B 209 -15.70 14.91 -22.32
N THR B 210 -15.07 14.38 -23.36
CA THR B 210 -15.70 13.36 -24.20
C THR B 210 -14.75 12.19 -24.45
N GLU B 211 -15.15 11.28 -25.33
CA GLU B 211 -14.27 10.17 -25.71
C GLU B 211 -12.99 10.68 -26.35
N GLU B 212 -13.12 11.67 -27.24
CA GLU B 212 -11.95 12.35 -27.79
C GLU B 212 -11.42 13.35 -26.75
N ASN B 213 -10.34 14.04 -27.15
CA ASN B 213 -9.68 15.14 -26.43
C ASN B 213 -9.71 14.97 -24.91
N PHE B 214 -9.47 13.75 -24.44
CA PHE B 214 -9.42 13.52 -23.00
C PHE B 214 -8.04 13.86 -22.44
N GLY B 215 -7.01 13.19 -22.93
CA GLY B 215 -5.66 13.48 -22.53
C GLY B 215 -4.85 14.18 -23.61
N LYS B 216 -5.54 14.81 -24.54
CA LYS B 216 -4.88 15.45 -25.67
C LYS B 216 -4.09 16.67 -25.19
N PRO B 217 -2.78 16.75 -25.47
CA PRO B 217 -1.99 17.88 -25.00
C PRO B 217 -2.20 19.12 -25.85
N ASP B 218 -1.77 20.25 -25.29
CA ASP B 218 -1.76 21.53 -26.00
C ASP B 218 -0.35 21.84 -26.43
N ILE B 219 -0.12 21.88 -27.74
CA ILE B 219 1.21 22.04 -28.31
C ILE B 219 1.31 23.41 -28.96
N SER B 220 2.31 24.18 -28.55
CA SER B 220 2.62 25.48 -29.12
C SER B 220 3.92 25.41 -29.90
N ALA B 221 4.36 26.55 -30.42
CA ALA B 221 5.58 26.59 -31.22
C ALA B 221 6.81 26.37 -30.34
N LYS B 222 6.88 27.07 -29.21
CA LYS B 222 8.05 26.97 -28.34
C LYS B 222 8.18 25.56 -27.75
N ASP B 223 7.05 24.98 -27.34
CA ASP B 223 7.09 23.62 -26.78
C ASP B 223 7.56 22.61 -27.81
N LEU B 224 7.07 22.70 -29.04
CA LEU B 224 7.50 21.78 -30.09
C LEU B 224 8.97 21.98 -30.42
N ARG B 225 9.43 23.24 -30.44
CA ARG B 225 10.84 23.50 -30.70
C ARG B 225 11.72 22.90 -29.60
N ASN B 226 11.31 23.04 -28.34
CA ASN B 226 12.07 22.44 -27.24
C ASN B 226 12.08 20.92 -27.33
N ILE B 227 10.94 20.33 -27.69
CA ILE B 227 10.87 18.87 -27.83
C ILE B 227 11.81 18.39 -28.93
N MET B 228 11.83 19.10 -30.07
CA MET B 228 12.73 18.71 -31.15
C MET B 228 14.19 18.92 -30.77
N TYR B 229 14.49 19.99 -30.03
CA TYR B 229 15.86 20.19 -29.56
C TYR B 229 16.30 19.07 -28.63
N ASP B 230 15.40 18.59 -27.78
CA ASP B 230 15.75 17.54 -26.83
C ASP B 230 16.16 16.24 -27.52
N HIS B 231 15.80 16.04 -28.79
CA HIS B 231 16.13 14.82 -29.50
C HIS B 231 17.40 14.92 -30.32
N LEU B 232 17.71 16.08 -30.88
CA LEU B 232 18.90 16.23 -31.71
C LEU B 232 20.17 16.23 -30.87
N PRO B 233 21.26 15.69 -31.39
CA PRO B 233 22.53 15.73 -30.67
C PRO B 233 23.37 16.94 -31.01
N GLY B 234 24.11 17.41 -30.01
CA GLY B 234 24.98 18.56 -30.18
C GLY B 234 24.20 19.86 -30.19
N PHE B 235 24.93 20.94 -30.48
CA PHE B 235 24.34 22.26 -30.57
C PHE B 235 24.97 23.02 -31.73
N GLY B 236 24.22 23.97 -32.29
CA GLY B 236 24.69 24.77 -33.39
C GLY B 236 24.61 24.13 -34.76
N THR B 237 24.02 22.94 -34.87
CA THR B 237 23.90 22.27 -36.15
C THR B 237 22.83 22.95 -37.00
N ALA B 238 22.94 22.79 -38.32
CA ALA B 238 21.94 23.33 -39.23
C ALA B 238 20.57 22.68 -39.02
N PHE B 239 20.53 21.48 -38.42
CA PHE B 239 19.25 20.87 -38.09
C PHE B 239 18.46 21.74 -37.11
N HIS B 240 19.16 22.49 -36.26
CA HIS B 240 18.47 23.42 -35.38
C HIS B 240 17.77 24.52 -36.18
N GLN B 241 18.44 25.04 -37.22
CA GLN B 241 17.80 26.02 -38.10
C GLN B 241 16.63 25.40 -38.84
N LEU B 242 16.76 24.15 -39.27
CA LEU B 242 15.63 23.47 -39.90
C LEU B 242 14.45 23.36 -38.96
N VAL B 243 14.72 23.01 -37.70
CA VAL B 243 13.65 22.92 -36.70
C VAL B 243 13.00 24.30 -36.50
N GLN B 244 13.81 25.35 -36.44
CA GLN B 244 13.27 26.69 -36.25
C GLN B 244 12.34 27.08 -37.40
N VAL B 245 12.78 26.86 -38.63
CA VAL B 245 11.95 27.23 -39.77
C VAL B 245 10.71 26.36 -39.85
N ILE B 246 10.81 25.07 -39.49
CA ILE B 246 9.65 24.20 -39.49
C ILE B 246 8.60 24.70 -38.48
N CYS B 247 9.06 25.05 -37.28
CA CYS B 247 8.13 25.56 -36.27
C CYS B 247 7.51 26.88 -36.70
N LYS B 248 8.30 27.76 -37.31
CA LYS B 248 7.76 29.04 -37.76
C LYS B 248 6.69 28.83 -38.84
N LEU B 249 6.98 27.97 -39.82
CA LEU B 249 6.01 27.71 -40.87
C LEU B 249 4.75 27.06 -40.33
N GLY B 250 4.89 26.14 -39.37
CA GLY B 250 3.73 25.54 -38.75
C GLY B 250 2.90 26.54 -37.98
N LYS B 251 3.56 27.47 -37.28
CA LYS B 251 2.84 28.49 -36.53
C LYS B 251 2.07 29.42 -37.46
N ASP B 252 2.69 29.83 -38.57
CA ASP B 252 1.97 30.70 -39.51
C ASP B 252 1.00 29.93 -40.40
N SER B 253 1.03 28.60 -40.40
CA SER B 253 0.10 27.82 -41.20
C SER B 253 -0.89 27.01 -40.37
N ASN B 254 -0.76 26.99 -39.05
CA ASN B 254 -1.67 26.28 -38.15
C ASN B 254 -1.74 24.79 -38.48
N SER B 255 -0.56 24.16 -38.47
CA SER B 255 -0.45 22.73 -38.73
C SER B 255 0.54 22.07 -37.79
N LEU B 256 0.66 22.59 -36.55
CA LEU B 256 1.65 22.07 -35.62
C LEU B 256 1.33 20.63 -35.21
N ASP B 257 0.06 20.32 -34.96
CA ASP B 257 -0.27 18.99 -34.46
C ASP B 257 -0.07 17.90 -35.51
N ILE B 258 -0.37 18.16 -36.78
CA ILE B 258 -0.04 17.18 -37.82
C ILE B 258 1.46 16.93 -37.85
N ILE B 259 2.25 18.00 -37.77
CA ILE B 259 3.70 17.87 -37.80
C ILE B 259 4.18 17.02 -36.64
N HIS B 260 3.67 17.32 -35.43
CA HIS B 260 4.11 16.58 -34.25
C HIS B 260 3.70 15.12 -34.32
N ALA B 261 2.48 14.84 -34.77
CA ALA B 261 2.02 13.46 -34.87
C ALA B 261 2.86 12.68 -35.87
N GLU B 262 3.15 13.27 -37.03
CA GLU B 262 3.95 12.57 -38.02
C GLU B 262 5.38 12.36 -37.52
N PHE B 263 5.93 13.37 -36.83
CA PHE B 263 7.26 13.24 -36.25
C PHE B 263 7.32 12.12 -35.23
N GLN B 264 6.31 12.05 -34.36
CA GLN B 264 6.28 10.98 -33.36
C GLN B 264 6.14 9.61 -34.01
N ALA B 265 5.28 9.50 -35.02
CA ALA B 265 5.14 8.21 -35.71
C ALA B 265 6.44 7.79 -36.37
N SER B 266 7.12 8.71 -37.04
N SER B 266 7.11 8.71 -37.05
CA SER B 266 8.38 8.39 -37.70
CA SER B 266 8.38 8.37 -37.70
C SER B 266 9.45 8.00 -36.69
C SER B 266 9.45 8.00 -36.69
N LEU B 267 9.51 8.72 -35.57
CA LEU B 267 10.49 8.39 -34.54
C LEU B 267 10.22 7.02 -33.94
N ALA B 268 8.95 6.70 -33.71
CA ALA B 268 8.60 5.43 -33.07
C ALA B 268 8.76 4.25 -34.01
N GLU B 269 8.60 4.42 -35.32
CA GLU B 269 8.74 3.27 -36.20
C GLU B 269 10.19 2.82 -36.34
N GLY B 270 11.16 3.72 -36.17
CA GLY B 270 12.54 3.28 -36.10
C GLY B 270 13.64 4.17 -36.65
N ASP B 271 13.32 5.13 -37.51
CA ASP B 271 14.36 5.96 -38.11
C ASP B 271 14.84 7.03 -37.12
N SER B 272 16.01 7.59 -37.43
CA SER B 272 16.64 8.58 -36.57
C SER B 272 15.88 9.91 -36.65
N PRO B 273 16.05 10.78 -35.66
CA PRO B 273 15.35 12.08 -35.71
C PRO B 273 15.66 12.90 -36.94
N GLN B 274 16.88 12.80 -37.48
CA GLN B 274 17.19 13.52 -38.72
C GLN B 274 16.33 13.02 -39.86
N CYS B 275 16.16 11.70 -39.98
CA CYS B 275 15.25 11.17 -40.99
C CYS B 275 13.81 11.59 -40.71
N ALA B 276 13.43 11.70 -39.45
CA ALA B 276 12.09 12.18 -39.12
C ALA B 276 11.88 13.61 -39.62
N LEU B 277 12.87 14.47 -39.43
CA LEU B 277 12.77 15.83 -39.94
C LEU B 277 12.76 15.85 -41.46
N ILE B 278 13.51 14.94 -42.09
CA ILE B 278 13.51 14.85 -43.55
C ILE B 278 12.12 14.50 -44.06
N GLN B 279 11.48 13.50 -43.45
CA GLN B 279 10.11 13.18 -43.84
C GLN B 279 9.14 14.30 -43.51
N ILE B 280 9.39 15.04 -42.42
CA ILE B 280 8.56 16.20 -42.12
C ILE B 280 8.59 17.20 -43.26
N THR B 281 9.80 17.53 -43.72
CA THR B 281 9.94 18.54 -44.76
C THR B 281 9.61 18.03 -46.16
N LYS B 282 9.56 16.71 -46.34
CA LYS B 282 9.26 16.14 -47.65
C LYS B 282 7.88 15.52 -47.76
N ARG B 283 7.07 15.56 -46.70
CA ARG B 283 5.75 14.93 -46.74
C ARG B 283 4.61 15.88 -46.43
N VAL B 284 4.80 16.82 -45.52
CA VAL B 284 3.71 17.73 -45.14
C VAL B 284 3.34 18.60 -46.33
N PRO B 285 2.05 18.71 -46.67
CA PRO B 285 1.67 19.46 -47.89
C PRO B 285 2.08 20.92 -47.88
N ILE B 286 2.07 21.58 -46.71
CA ILE B 286 2.41 22.99 -46.67
C ILE B 286 3.89 23.23 -46.97
N PHE B 287 4.71 22.18 -46.93
CA PHE B 287 6.13 22.28 -47.25
C PHE B 287 6.43 21.95 -48.71
N GLN B 288 5.47 22.16 -49.61
CA GLN B 288 5.63 21.88 -51.03
C GLN B 288 5.78 23.19 -51.79
N ASP B 289 6.93 23.38 -52.42
CA ASP B 289 7.22 24.58 -53.22
C ASP B 289 7.04 25.85 -52.39
N ALA B 290 7.85 25.98 -51.35
CA ALA B 290 7.85 27.14 -50.48
C ALA B 290 9.24 27.74 -50.44
N ALA B 291 9.31 29.05 -50.60
CA ALA B 291 10.60 29.74 -50.56
C ALA B 291 11.12 29.76 -49.13
N PRO B 292 12.35 29.31 -48.89
CA PRO B 292 12.91 29.33 -47.52
C PRO B 292 13.00 30.75 -47.01
N PRO B 293 12.75 30.95 -45.71
CA PRO B 293 12.85 32.31 -45.14
C PRO B 293 14.28 32.82 -45.20
N VAL B 294 14.40 34.15 -45.30
CA VAL B 294 15.68 34.83 -45.37
C VAL B 294 15.83 35.69 -44.12
N ILE B 295 16.97 35.56 -43.43
CA ILE B 295 17.25 36.32 -42.23
C ILE B 295 18.45 37.22 -42.51
N HIS B 296 18.65 38.20 -41.63
CA HIS B 296 19.71 39.18 -41.77
C HIS B 296 20.81 38.87 -40.75
N ILE B 297 22.06 38.81 -41.23
CA ILE B 297 23.21 38.56 -40.38
C ILE B 297 24.27 39.61 -40.67
N ARG B 298 25.13 39.86 -39.68
CA ARG B 298 26.20 40.83 -39.84
C ARG B 298 27.40 40.24 -40.55
N SER B 299 28.00 39.21 -39.98
CA SER B 299 29.18 38.56 -40.55
C SER B 299 29.16 37.10 -40.13
N ARG B 300 30.31 36.42 -40.28
CA ARG B 300 30.42 35.02 -39.91
C ARG B 300 30.31 34.78 -38.42
N GLY B 301 30.40 35.83 -37.60
CA GLY B 301 30.32 35.64 -36.15
C GLY B 301 28.99 35.07 -35.70
N ASP B 302 27.90 35.53 -36.32
CA ASP B 302 26.58 34.99 -35.97
C ASP B 302 26.43 33.54 -36.40
N ILE B 303 27.08 33.14 -37.49
CA ILE B 303 26.99 31.77 -37.98
C ILE B 303 27.67 30.84 -36.98
N PRO B 304 27.02 29.74 -36.56
CA PRO B 304 27.66 28.82 -35.62
C PRO B 304 28.85 28.10 -36.26
N ARG B 305 29.73 27.61 -35.39
CA ARG B 305 30.91 26.89 -35.86
C ARG B 305 30.53 25.63 -36.61
N ALA B 306 29.51 24.91 -36.12
CA ALA B 306 29.09 23.67 -36.76
C ALA B 306 28.46 23.91 -38.12
N CYS B 307 27.95 25.10 -38.39
CA CYS B 307 27.32 25.41 -39.67
C CYS B 307 28.31 25.81 -40.74
N GLN B 308 29.60 25.90 -40.42
CA GLN B 308 30.57 26.44 -41.38
C GLN B 308 30.66 25.57 -42.63
N LYS B 309 30.63 24.25 -42.47
CA LYS B 309 30.74 23.34 -43.60
C LYS B 309 29.51 23.34 -44.49
N SER B 310 28.39 23.89 -44.03
CA SER B 310 27.12 23.79 -44.75
C SER B 310 26.84 25.00 -45.64
N LEU B 311 27.72 26.00 -45.66
CA LEU B 311 27.49 27.16 -46.52
C LEU B 311 27.62 26.76 -47.99
N ARG B 312 26.75 27.35 -48.83
CA ARG B 312 26.76 27.05 -50.24
C ARG B 312 26.27 28.26 -51.02
N PRO B 313 26.84 28.55 -52.19
CA PRO B 313 26.28 29.61 -53.02
C PRO B 313 24.84 29.32 -53.41
N VAL B 314 24.02 30.35 -53.42
CA VAL B 314 22.58 30.17 -53.64
C VAL B 314 22.32 30.13 -55.15
N PRO B 315 21.60 29.11 -55.64
CA PRO B 315 21.16 29.11 -57.03
C PRO B 315 19.78 29.70 -57.15
N PRO B 316 19.37 30.10 -58.35
CA PRO B 316 18.01 30.63 -58.53
C PRO B 316 16.95 29.57 -58.26
N SER B 317 15.76 30.06 -57.87
CA SER B 317 14.59 29.24 -57.56
C SER B 317 14.89 28.26 -56.44
N PRO B 318 15.04 28.73 -55.20
CA PRO B 318 15.24 27.80 -54.08
C PRO B 318 13.96 27.03 -53.76
N LYS B 319 14.14 25.86 -53.15
CA LYS B 319 13.03 25.01 -52.77
C LYS B 319 13.23 24.50 -51.35
N ILE B 320 12.18 24.59 -50.53
CA ILE B 320 12.24 24.06 -49.18
C ILE B 320 12.37 22.54 -49.19
N ASP B 321 11.74 21.87 -50.15
CA ASP B 321 11.80 20.41 -50.24
C ASP B 321 13.20 19.96 -50.66
N ARG B 322 13.80 20.67 -51.62
CA ARG B 322 15.08 20.25 -52.18
C ARG B 322 16.19 20.19 -51.14
N GLY B 323 16.09 20.94 -50.05
CA GLY B 323 17.09 20.90 -49.02
C GLY B 323 17.63 22.26 -48.63
N TRP B 324 16.90 23.32 -48.98
CA TRP B 324 17.26 24.68 -48.61
C TRP B 324 16.46 25.06 -47.36
N VAL B 325 17.15 25.14 -46.22
CA VAL B 325 16.48 25.40 -44.96
C VAL B 325 16.33 26.90 -44.70
N CYS B 326 17.35 27.69 -45.00
CA CYS B 326 17.30 29.13 -44.78
C CYS B 326 18.33 29.80 -45.67
N VAL B 327 18.14 31.10 -45.88
CA VAL B 327 19.02 31.91 -46.70
C VAL B 327 19.59 33.03 -45.85
N PHE B 328 20.91 33.14 -45.83
CA PHE B 328 21.61 34.18 -45.10
C PHE B 328 22.03 35.28 -46.06
N GLN B 329 21.62 36.51 -45.76
CA GLN B 329 21.90 37.66 -46.62
C GLN B 329 22.75 38.67 -45.86
N LEU B 330 23.70 39.27 -46.58
CA LEU B 330 24.57 40.30 -46.04
C LEU B 330 24.23 41.65 -46.67
N GLN B 331 24.84 42.71 -46.13
CA GLN B 331 24.54 44.05 -46.61
C GLN B 331 25.00 44.24 -48.05
N ASP B 332 26.17 43.73 -48.40
CA ASP B 332 26.74 43.92 -49.74
C ASP B 332 26.35 42.80 -50.70
N GLY B 333 25.05 42.51 -50.77
CA GLY B 333 24.53 41.57 -51.75
C GLY B 333 25.13 40.18 -51.70
N LYS B 334 25.33 39.64 -50.50
CA LYS B 334 25.90 38.32 -50.32
C LYS B 334 24.81 37.39 -49.79
N THR B 335 24.38 36.44 -50.62
CA THR B 335 23.33 35.50 -50.27
C THR B 335 23.90 34.08 -50.31
N LEU B 336 23.66 33.33 -49.24
CA LEU B 336 24.15 31.95 -49.13
C LEU B 336 23.04 31.07 -48.58
N GLY B 337 23.14 29.77 -48.89
CA GLY B 337 22.19 28.79 -48.42
C GLY B 337 22.88 27.65 -47.70
N LEU B 338 22.05 26.75 -47.17
CA LEU B 338 22.52 25.61 -46.39
C LEU B 338 21.99 24.33 -47.00
N LYS B 339 22.84 23.30 -47.04
CA LYS B 339 22.50 21.99 -47.55
C LYS B 339 22.62 20.95 -46.45
N ILE B 340 21.67 20.02 -46.42
CA ILE B 340 21.68 18.94 -45.44
C ILE B 340 22.24 17.67 -46.07
N GLU C 108 -83.77 5.85 1.72
CA GLU C 108 -83.35 7.05 2.45
C GLU C 108 -81.87 6.95 2.85
N GLN C 109 -81.55 5.94 3.66
CA GLN C 109 -80.16 5.78 4.11
C GLN C 109 -79.25 5.42 2.95
N ARG C 110 -79.74 4.63 1.98
CA ARG C 110 -78.94 4.29 0.82
C ARG C 110 -78.65 5.52 -0.02
N ILE C 111 -79.64 6.42 -0.17
CA ILE C 111 -79.42 7.65 -0.91
C ILE C 111 -78.36 8.51 -0.22
N THR C 112 -78.44 8.61 1.11
CA THR C 112 -77.44 9.37 1.86
C THR C 112 -76.05 8.76 1.70
N SER C 113 -75.96 7.44 1.75
CA SER C 113 -74.67 6.78 1.56
C SER C 113 -74.11 7.05 0.17
N LEU C 114 -74.98 6.98 -0.85
CA LEU C 114 -74.54 7.28 -2.21
C LEU C 114 -74.05 8.71 -2.34
N GLU C 115 -74.78 9.67 -1.74
CA GLU C 115 -74.37 11.06 -1.81
C GLU C 115 -73.03 11.27 -1.12
N ASN C 116 -72.85 10.67 0.06
CA ASN C 116 -71.59 10.81 0.78
C ASN C 116 -70.43 10.19 0.01
N GLY C 117 -70.65 9.02 -0.59
CA GLY C 117 -69.60 8.36 -1.33
C GLY C 117 -69.33 8.89 -2.72
N LEU C 118 -70.22 9.73 -3.26
CA LEU C 118 -70.03 10.29 -4.58
C LEU C 118 -69.76 11.78 -4.59
N LYS C 119 -69.97 12.48 -3.48
CA LYS C 119 -69.73 13.92 -3.45
C LYS C 119 -68.28 14.31 -3.70
N PRO C 120 -67.28 13.75 -3.01
CA PRO C 120 -65.89 14.23 -3.20
C PRO C 120 -65.04 13.44 -4.18
N VAL C 121 -65.54 12.34 -4.76
CA VAL C 121 -64.69 11.48 -5.57
C VAL C 121 -64.19 12.21 -6.81
N TYR C 122 -65.04 13.04 -7.42
CA TYR C 122 -64.59 13.84 -8.56
C TYR C 122 -63.51 14.82 -8.14
N ASP C 123 -63.68 15.45 -6.97
CA ASP C 123 -62.64 16.33 -6.45
C ASP C 123 -61.36 15.56 -6.16
N MET C 124 -61.48 14.33 -5.66
CA MET C 124 -60.30 13.52 -5.40
C MET C 124 -59.56 13.19 -6.68
N ALA C 125 -60.30 12.83 -7.73
CA ALA C 125 -59.68 12.53 -9.02
C ALA C 125 -59.00 13.77 -9.60
N LYS C 126 -59.64 14.94 -9.44
CA LYS C 126 -59.01 16.18 -9.91
C LYS C 126 -57.74 16.47 -9.13
N THR C 127 -57.75 16.23 -7.82
CA THR C 127 -56.59 16.52 -6.98
C THR C 127 -55.43 15.58 -7.26
N ILE C 128 -55.73 14.32 -7.59
CA ILE C 128 -54.68 13.34 -7.78
C ILE C 128 -53.77 13.72 -8.95
N SER C 129 -54.37 14.17 -10.06
CA SER C 129 -53.57 14.57 -11.21
C SER C 129 -52.68 15.76 -10.90
N SER C 130 -53.22 16.76 -10.19
CA SER C 130 -52.41 17.91 -9.82
C SER C 130 -51.27 17.52 -8.90
N LEU C 131 -51.53 16.63 -7.93
CA LEU C 131 -50.47 16.16 -7.05
C LEU C 131 -49.39 15.42 -7.82
N ASN C 132 -49.79 14.57 -8.76
CA ASN C 132 -48.81 13.85 -9.58
C ASN C 132 -47.96 14.83 -10.38
N ARG C 133 -48.60 15.83 -10.98
CA ARG C 133 -47.87 16.81 -11.79
C ARG C 133 -46.87 17.59 -10.94
N VAL C 134 -47.30 18.05 -9.75
CA VAL C 134 -46.41 18.87 -8.93
C VAL C 134 -45.25 18.04 -8.39
N CYS C 135 -45.53 16.78 -8.01
CA CYS C 135 -44.44 15.91 -7.54
C CYS C 135 -43.43 15.64 -8.64
N ALA C 136 -43.91 15.34 -9.86
CA ALA C 136 -43.00 15.11 -10.97
C ALA C 136 -42.18 16.35 -11.28
N GLU C 137 -42.80 17.53 -11.19
CA GLU C 137 -42.10 18.75 -11.55
C GLU C 137 -41.05 19.10 -10.50
N MET C 138 -41.34 18.82 -9.22
CA MET C 138 -40.33 18.99 -8.18
C MET C 138 -39.17 18.01 -8.36
N VAL C 139 -39.49 16.76 -8.73
CA VAL C 139 -38.43 15.81 -9.02
C VAL C 139 -37.55 16.31 -10.17
N ALA C 140 -38.18 16.92 -11.17
CA ALA C 140 -37.42 17.51 -12.27
C ALA C 140 -36.53 18.65 -11.78
N LYS C 141 -37.05 19.49 -10.88
CA LYS C 141 -36.22 20.56 -10.31
C LYS C 141 -35.01 20.01 -9.58
N TYR C 142 -35.17 18.88 -8.87
CA TYR C 142 -34.10 18.38 -8.01
C TYR C 142 -32.81 18.09 -8.76
N ASP C 143 -32.87 17.86 -10.07
CA ASP C 143 -31.68 17.44 -10.81
C ASP C 143 -30.80 18.61 -11.25
N LEU C 144 -31.17 19.86 -10.94
CA LEU C 144 -30.42 21.03 -11.39
C LEU C 144 -29.86 21.84 -10.24
N LEU C 145 -29.75 21.27 -9.05
CA LEU C 145 -29.28 21.99 -7.88
C LEU C 145 -27.76 21.93 -7.76
N VAL C 146 -27.20 22.96 -7.13
CA VAL C 146 -25.78 23.02 -6.80
C VAL C 146 -25.65 23.40 -5.33
N MET C 147 -24.89 22.61 -4.59
CA MET C 147 -24.70 22.82 -3.16
C MET C 147 -23.24 23.17 -2.89
N THR C 148 -23.03 24.16 -2.03
CA THR C 148 -21.70 24.54 -1.58
C THR C 148 -21.47 24.01 -0.16
N THR C 149 -20.20 24.02 0.25
CA THR C 149 -19.82 23.50 1.55
C THR C 149 -19.46 24.65 2.49
N GLY C 150 -20.04 24.63 3.68
CA GLY C 150 -19.75 25.64 4.69
C GLY C 150 -18.70 25.16 5.68
N ARG C 151 -18.29 26.09 6.54
CA ARG C 151 -17.26 25.83 7.54
C ARG C 151 -17.83 25.60 8.93
N ALA C 152 -19.15 25.48 9.05
CA ALA C 152 -19.79 25.29 10.36
C ALA C 152 -20.78 24.13 10.33
N THR C 153 -20.56 23.16 9.45
CA THR C 153 -21.45 22.01 9.37
C THR C 153 -21.10 20.96 10.43
N ALA C 154 -19.82 20.63 10.55
CA ALA C 154 -19.40 19.63 11.54
C ALA C 154 -19.67 20.11 12.96
N THR C 155 -19.42 21.39 13.23
CA THR C 155 -19.68 21.92 14.57
C THR C 155 -21.17 21.86 14.91
N ALA C 156 -22.03 22.22 13.95
CA ALA C 156 -23.46 22.15 14.18
C ALA C 156 -23.92 20.71 14.41
N ALA C 157 -23.39 19.78 13.62
CA ALA C 157 -23.75 18.37 13.79
C ALA C 157 -23.30 17.86 15.15
N ALA C 158 -22.08 18.23 15.58
CA ALA C 158 -21.59 17.78 16.88
C ALA C 158 -22.42 18.35 18.02
N THR C 159 -22.79 19.64 17.93
CA THR C 159 -23.63 20.24 18.96
C THR C 159 -25.00 19.58 19.02
N GLU C 160 -25.60 19.31 17.85
CA GLU C 160 -26.90 18.65 17.82
C GLU C 160 -26.82 17.24 18.41
N ALA C 161 -25.75 16.51 18.09
CA ALA C 161 -25.59 15.16 18.64
C ALA C 161 -25.38 15.21 20.15
N TYR C 162 -24.62 16.19 20.63
CA TYR C 162 -24.38 16.30 22.07
C TYR C 162 -25.65 16.70 22.82
N TRP C 163 -26.52 17.51 22.20
CA TRP C 163 -27.75 17.89 22.87
C TRP C 163 -28.71 16.71 23.02
N ALA C 164 -28.63 15.73 22.12
CA ALA C 164 -29.52 14.57 22.14
C ALA C 164 -29.05 13.48 23.09
N GLU C 165 -28.08 13.77 23.96
CA GLU C 165 -27.60 12.79 24.93
C GLU C 165 -26.99 13.56 26.08
N HIS C 166 -27.48 13.31 27.29
CA HIS C 166 -27.23 14.15 28.46
C HIS C 166 -27.31 15.64 28.09
N GLY C 167 -28.52 16.03 27.67
CA GLY C 167 -28.74 17.31 27.02
C GLY C 167 -28.22 18.53 27.74
N GLN C 168 -27.18 19.13 27.15
CA GLN C 168 -26.54 20.34 27.65
C GLN C 168 -25.48 20.75 26.62
N PRO C 169 -25.11 22.03 26.60
CA PRO C 169 -24.07 22.46 25.67
C PRO C 169 -22.75 21.78 25.99
N PRO C 170 -21.93 21.52 24.97
CA PRO C 170 -20.64 20.89 25.22
C PRO C 170 -19.75 21.79 26.07
N PRO C 171 -18.85 21.21 26.86
CA PRO C 171 -18.05 22.02 27.78
C PRO C 171 -17.13 22.99 27.03
N GLY C 172 -16.85 24.11 27.69
CA GLY C 172 -16.01 25.14 27.11
C GLY C 172 -14.56 24.70 27.01
N PRO C 173 -13.77 25.40 26.19
CA PRO C 173 -14.12 26.59 25.41
C PRO C 173 -15.01 26.30 24.21
N SER C 174 -15.50 27.34 23.54
CA SER C 174 -16.42 27.19 22.44
C SER C 174 -15.75 26.47 21.27
N LEU C 175 -16.59 25.89 20.41
CA LEU C 175 -16.12 25.12 19.26
C LEU C 175 -15.62 26.08 18.17
N TYR C 176 -15.31 25.52 17.00
CA TYR C 176 -14.68 26.32 15.95
C TYR C 176 -15.59 27.43 15.47
N GLU C 177 -16.84 27.11 15.12
CA GLU C 177 -17.78 28.09 14.59
C GLU C 177 -19.11 27.91 15.32
N GLU C 178 -19.25 28.62 16.45
CA GLU C 178 -20.50 28.55 17.25
C GLU C 178 -21.49 29.61 16.74
N SER C 179 -22.53 29.18 16.04
CA SER C 179 -23.53 30.08 15.48
C SER C 179 -24.88 29.41 15.36
N ARG D 110 -76.39 -6.71 8.05
CA ARG D 110 -75.79 -6.73 6.72
C ARG D 110 -75.89 -5.36 6.06
N ILE D 111 -77.09 -4.77 6.11
CA ILE D 111 -77.26 -3.41 5.60
C ILE D 111 -76.49 -2.42 6.46
N THR D 112 -76.52 -2.61 7.78
CA THR D 112 -75.78 -1.73 8.68
C THR D 112 -74.27 -1.86 8.53
N SER D 113 -73.81 -2.92 7.87
CA SER D 113 -72.38 -3.10 7.63
C SER D 113 -71.84 -2.15 6.57
N LEU D 114 -72.70 -1.41 5.88
CA LEU D 114 -72.24 -0.48 4.86
C LEU D 114 -71.35 0.61 5.45
N GLU D 115 -71.51 0.90 6.75
CA GLU D 115 -70.65 1.90 7.38
C GLU D 115 -69.19 1.47 7.37
N ASN D 116 -68.93 0.17 7.55
CA ASN D 116 -67.56 -0.33 7.47
C ASN D 116 -66.98 -0.14 6.07
N GLY D 117 -67.83 -0.18 5.04
CA GLY D 117 -67.42 0.07 3.68
C GLY D 117 -67.51 1.50 3.22
N LEU D 118 -67.83 2.43 4.12
CA LEU D 118 -67.97 3.84 3.76
C LEU D 118 -67.06 4.71 4.61
N LYS D 119 -66.81 4.30 5.85
CA LYS D 119 -65.98 5.09 6.75
C LYS D 119 -64.52 5.20 6.30
N PRO D 120 -63.94 4.23 5.58
CA PRO D 120 -62.56 4.47 5.09
C PRO D 120 -62.50 5.49 3.97
N VAL D 121 -63.58 5.65 3.21
CA VAL D 121 -63.54 6.52 2.02
C VAL D 121 -63.45 7.98 2.44
N TYR D 122 -64.20 8.38 3.47
CA TYR D 122 -64.16 9.77 3.91
C TYR D 122 -62.79 10.11 4.49
N ASP D 123 -62.22 9.19 5.27
CA ASP D 123 -60.86 9.39 5.76
C ASP D 123 -59.86 9.41 4.62
N MET D 124 -60.11 8.64 3.57
CA MET D 124 -59.26 8.66 2.38
C MET D 124 -59.28 10.04 1.74
N ALA D 125 -60.47 10.63 1.60
CA ALA D 125 -60.58 11.97 1.04
C ALA D 125 -59.88 13.00 1.92
N LYS D 126 -60.05 12.88 3.24
CA LYS D 126 -59.42 13.81 4.17
C LYS D 126 -57.89 13.71 4.07
N THR D 127 -57.38 12.49 3.99
CA THR D 127 -55.94 12.29 3.88
C THR D 127 -55.40 12.81 2.57
N ILE D 128 -56.18 12.67 1.48
CA ILE D 128 -55.77 13.23 0.20
C ILE D 128 -55.67 14.76 0.30
N SER D 129 -56.66 15.37 0.95
CA SER D 129 -56.61 16.82 1.15
C SER D 129 -55.39 17.23 1.97
N SER D 130 -55.10 16.48 3.02
CA SER D 130 -53.94 16.78 3.85
C SER D 130 -52.64 16.63 3.05
N LEU D 131 -52.56 15.61 2.20
CA LEU D 131 -51.38 15.40 1.37
C LEU D 131 -51.19 16.56 0.39
N ASN D 132 -52.29 17.01 -0.21
CA ASN D 132 -52.20 18.17 -1.11
C ASN D 132 -51.69 19.39 -0.36
N ARG D 133 -52.23 19.62 0.84
CA ARG D 133 -51.80 20.76 1.63
C ARG D 133 -50.31 20.68 1.99
N VAL D 134 -49.86 19.49 2.37
CA VAL D 134 -48.46 19.35 2.81
C VAL D 134 -47.51 19.50 1.63
N CYS D 135 -47.90 19.02 0.45
CA CYS D 135 -47.05 19.21 -0.72
C CYS D 135 -46.99 20.67 -1.13
N ALA D 136 -48.13 21.36 -1.11
CA ALA D 136 -48.12 22.79 -1.40
C ALA D 136 -47.25 23.54 -0.39
N GLU D 137 -47.27 23.10 0.86
CA GLU D 137 -46.43 23.71 1.88
C GLU D 137 -44.95 23.45 1.60
N MET D 138 -44.61 22.25 1.14
CA MET D 138 -43.23 21.92 0.79
C MET D 138 -42.71 22.79 -0.35
N VAL D 139 -43.59 23.11 -1.30
CA VAL D 139 -43.20 23.99 -2.40
C VAL D 139 -42.75 25.35 -1.86
N ALA D 140 -43.38 25.82 -0.78
CA ALA D 140 -42.99 27.09 -0.19
C ALA D 140 -41.57 27.06 0.34
N LYS D 141 -41.19 25.97 1.03
CA LYS D 141 -39.83 25.85 1.52
C LYS D 141 -38.84 25.74 0.36
N TYR D 142 -39.20 25.02 -0.71
CA TYR D 142 -38.30 24.96 -1.85
C TYR D 142 -38.08 26.35 -2.44
N ASP D 143 -39.15 27.14 -2.56
CA ASP D 143 -39.02 28.50 -3.06
C ASP D 143 -38.17 29.37 -2.13
N LEU D 144 -38.30 29.20 -0.83
CA LEU D 144 -37.61 30.04 0.15
C LEU D 144 -36.14 29.65 0.34
N LEU D 145 -35.76 28.42 0.01
CA LEU D 145 -34.39 27.96 0.25
C LEU D 145 -33.48 28.15 -0.94
N VAL D 146 -33.88 27.70 -2.12
CA VAL D 146 -33.02 27.74 -3.31
C VAL D 146 -33.00 29.15 -3.86
N MET D 147 -31.83 29.57 -4.37
CA MET D 147 -31.67 30.93 -4.87
C MET D 147 -32.57 31.19 -6.07
N THR D 148 -32.57 30.28 -7.05
CA THR D 148 -33.34 30.41 -8.28
C THR D 148 -33.06 31.71 -9.01
N THR D 149 -33.90 32.06 -9.97
CA THR D 149 -33.72 33.30 -10.74
C THR D 149 -34.80 34.32 -10.39
N GLU E 105 -82.28 -12.56 -3.50
CA GLU E 105 -81.53 -12.20 -4.70
C GLU E 105 -80.91 -10.81 -4.57
N SER E 106 -81.74 -9.84 -4.20
CA SER E 106 -81.24 -8.47 -4.02
C SER E 106 -80.24 -8.39 -2.87
N LEU E 107 -80.52 -9.07 -1.76
CA LEU E 107 -79.61 -9.08 -0.63
C LEU E 107 -78.28 -9.72 -0.99
N GLU E 108 -78.33 -10.84 -1.73
CA GLU E 108 -77.10 -11.50 -2.14
C GLU E 108 -76.28 -10.63 -3.08
N GLN E 109 -76.95 -9.94 -4.01
CA GLN E 109 -76.25 -9.03 -4.91
C GLN E 109 -75.61 -7.88 -4.13
N ARG E 110 -76.32 -7.35 -3.14
CA ARG E 110 -75.76 -6.30 -2.29
C ARG E 110 -74.54 -6.79 -1.53
N ILE E 111 -74.61 -8.01 -0.99
CA ILE E 111 -73.48 -8.58 -0.26
C ILE E 111 -72.28 -8.76 -1.18
N THR E 112 -72.53 -9.27 -2.40
CA THR E 112 -71.44 -9.44 -3.36
C THR E 112 -70.83 -8.10 -3.74
N SER E 113 -71.66 -7.08 -3.94
CA SER E 113 -71.15 -5.75 -4.26
C SER E 113 -70.30 -5.20 -3.12
N LEU E 114 -70.74 -5.38 -1.88
CA LEU E 114 -69.95 -4.94 -0.73
C LEU E 114 -68.62 -5.67 -0.66
N GLU E 115 -68.64 -6.98 -0.94
CA GLU E 115 -67.41 -7.76 -0.90
C GLU E 115 -66.44 -7.36 -2.00
N ASN E 116 -66.96 -6.98 -3.17
CA ASN E 116 -66.10 -6.66 -4.30
C ASN E 116 -65.20 -5.47 -3.99
N GLY E 117 -65.77 -4.40 -3.42
CA GLY E 117 -65.01 -3.22 -3.11
C GLY E 117 -64.46 -3.19 -1.70
N LEU E 118 -63.65 -4.19 -1.36
CA LEU E 118 -63.09 -4.30 -0.01
C LEU E 118 -61.58 -4.17 0.00
N LYS E 119 -60.86 -4.98 -0.77
CA LYS E 119 -59.40 -5.03 -0.68
C LYS E 119 -58.72 -3.83 -1.33
N PRO E 120 -58.98 -3.52 -2.61
CA PRO E 120 -58.21 -2.43 -3.24
C PRO E 120 -58.37 -1.08 -2.55
N VAL E 121 -59.58 -0.76 -2.09
CA VAL E 121 -59.79 0.53 -1.43
C VAL E 121 -59.02 0.60 -0.12
N TYR E 122 -59.01 -0.50 0.63
CA TYR E 122 -58.24 -0.53 1.87
C TYR E 122 -56.74 -0.42 1.59
N ASP E 123 -56.26 -1.08 0.54
CA ASP E 123 -54.85 -1.00 0.19
C ASP E 123 -54.45 0.42 -0.17
N MET E 124 -55.25 1.10 -0.99
CA MET E 124 -54.90 2.46 -1.37
C MET E 124 -55.07 3.42 -0.21
N ALA E 125 -56.02 3.16 0.70
CA ALA E 125 -56.10 3.97 1.91
C ALA E 125 -54.83 3.83 2.75
N LYS E 126 -54.33 2.59 2.87
CA LYS E 126 -53.08 2.38 3.61
C LYS E 126 -51.91 3.09 2.95
N THR E 127 -51.84 3.02 1.62
CA THR E 127 -50.75 3.71 0.92
C THR E 127 -50.83 5.22 1.12
N ILE E 128 -52.04 5.78 1.07
CA ILE E 128 -52.20 7.21 1.27
C ILE E 128 -51.81 7.60 2.68
N SER E 129 -52.18 6.79 3.67
CA SER E 129 -51.80 7.08 5.05
C SER E 129 -50.28 7.05 5.21
N SER E 130 -49.61 6.06 4.61
CA SER E 130 -48.16 6.00 4.70
C SER E 130 -47.50 7.20 4.03
N LEU E 131 -48.00 7.59 2.86
CA LEU E 131 -47.45 8.76 2.17
C LEU E 131 -47.64 10.02 3.00
N ASN E 132 -48.82 10.18 3.61
CA ASN E 132 -49.05 11.34 4.45
C ASN E 132 -48.11 11.34 5.64
N ARG E 133 -47.87 10.17 6.24
CA ARG E 133 -46.98 10.10 7.38
C ARG E 133 -45.56 10.52 7.01
N VAL E 134 -45.04 9.97 5.90
CA VAL E 134 -43.66 10.28 5.54
C VAL E 134 -43.51 11.74 5.11
N CYS E 135 -44.51 12.27 4.39
CA CYS E 135 -44.46 13.67 3.99
C CYS E 135 -44.51 14.60 5.20
N ALA E 136 -45.35 14.26 6.19
CA ALA E 136 -45.40 15.05 7.41
C ALA E 136 -44.07 15.01 8.15
N GLU E 137 -43.44 13.83 8.20
CA GLU E 137 -42.14 13.74 8.85
C GLU E 137 -41.09 14.60 8.15
N MET E 138 -41.07 14.56 6.81
CA MET E 138 -40.10 15.37 6.08
C MET E 138 -40.35 16.86 6.28
N VAL E 139 -41.62 17.27 6.28
CA VAL E 139 -41.93 18.68 6.51
C VAL E 139 -41.57 19.10 7.93
N ALA E 140 -41.76 18.21 8.90
CA ALA E 140 -41.33 18.50 10.26
C ALA E 140 -39.82 18.67 10.33
N LYS E 141 -39.07 17.84 9.59
CA LYS E 141 -37.63 18.01 9.54
C LYS E 141 -37.24 19.35 8.93
N TYR E 142 -37.92 19.76 7.85
CA TYR E 142 -37.63 21.05 7.23
C TYR E 142 -38.11 22.23 8.06
N ASP E 143 -39.05 22.01 8.98
CA ASP E 143 -39.61 23.12 9.75
C ASP E 143 -38.55 23.79 10.62
N LEU E 144 -37.70 22.99 11.27
CA LEU E 144 -36.66 23.56 12.12
C LEU E 144 -35.45 23.97 11.30
N LEU E 145 -35.70 24.75 10.24
CA LEU E 145 -34.64 25.25 9.36
C LEU E 145 -34.83 26.69 8.93
N VAL E 146 -36.04 27.23 8.96
CA VAL E 146 -36.28 28.60 8.51
C VAL E 146 -36.72 29.47 9.68
ZN ZN G . 11.04 -42.67 -18.49
#